data_6QCL
#
_entry.id   6QCL
#
_cell.length_a   102.730
_cell.length_b   100.817
_cell.length_c   105.012
_cell.angle_alpha   90.00
_cell.angle_beta   102.99
_cell.angle_gamma   90.00
#
_symmetry.space_group_name_H-M   'P 1 21 1'
#
loop_
_entity.id
_entity.type
_entity.pdbx_description
1 polymer 'ATP-citrate lyase alpha-subunit'
2 non-polymer 'CALCIUM ION'
3 non-polymer '(2S)-2-hydroxybutanedioic acid'
4 non-polymer 'ACETYL COENZYME *A'
5 non-polymer 'TETRAETHYLENE GLYCOL'
6 non-polymer 'TRIETHYLENE GLYCOL'
7 water water
#
_entity_poly.entity_id   1
_entity_poly.type   'polypeptide(L)'
_entity_poly.pdbx_seq_one_letter_code
;GSHMVEPLIRTTISDDRGEEPRYAGYAASELCSKGYGIEDVIGLLWNKKLPTREESEIIKRIVMISADHGPAVSGAFGSI
LAACAGIDMPQAVSAGMTMIGPRFGGAVTNAGKYFKMAVEDYPNDIPGFLSWMKKNVGPVPGIGHRVKSVKNPDQRVKYL
VSYIKNETSLHTPCLDYALEVEKVTTAKKGNLILNVDGTIGCILMDLDFPVHSLNGFFVLARTIGMIGHWIDQNNQNSRL
IRLYDYLINYAVKPEQEVPEKK
;
_entity_poly.pdbx_strand_id   A,B,C,D,E,F,G,H
#
# COMPACT_ATOMS: atom_id res chain seq x y z
N VAL A 5 -6.33 21.92 -8.90
CA VAL A 5 -5.09 21.38 -8.35
C VAL A 5 -4.14 22.54 -8.01
N GLU A 6 -3.70 22.64 -6.74
CA GLU A 6 -2.72 23.65 -6.34
C GLU A 6 -1.36 23.25 -6.93
N PRO A 7 -0.63 24.15 -7.64
CA PRO A 7 0.66 23.74 -8.22
C PRO A 7 1.76 23.52 -7.19
N LEU A 8 2.74 22.68 -7.54
CA LEU A 8 3.89 22.37 -6.70
C LEU A 8 4.97 23.44 -6.89
N ILE A 9 5.14 23.94 -8.12
CA ILE A 9 6.13 24.93 -8.52
C ILE A 9 5.52 26.02 -9.36
N ARG A 10 6.13 27.19 -9.31
CA ARG A 10 5.77 28.33 -10.15
C ARG A 10 7.01 28.71 -10.93
N THR A 11 6.91 28.82 -12.25
CA THR A 11 8.05 29.19 -13.09
C THR A 11 7.68 30.42 -13.89
N THR A 12 8.65 31.27 -14.17
CA THR A 12 8.39 32.48 -14.97
C THR A 12 9.26 32.58 -16.20
N ILE A 13 10.28 31.71 -16.35
CA ILE A 13 11.27 31.90 -17.43
C ILE A 13 11.06 31.15 -18.70
N SER A 14 10.43 29.99 -18.66
CA SER A 14 10.34 29.19 -19.89
C SER A 14 9.09 28.36 -19.92
N ASP A 15 8.61 28.07 -21.13
CA ASP A 15 7.42 27.28 -21.33
C ASP A 15 7.76 26.24 -22.34
N ASP A 16 7.71 24.98 -21.96
CA ASP A 16 7.98 23.84 -22.86
C ASP A 16 6.72 23.22 -23.46
N ARG A 17 5.51 23.72 -23.18
CA ARG A 17 4.33 22.97 -23.55
C ARG A 17 3.99 22.95 -25.05
N GLY A 18 4.44 23.93 -25.78
CA GLY A 18 4.18 23.99 -27.22
C GLY A 18 5.15 23.15 -28.00
N GLU A 19 5.26 23.44 -29.31
CA GLU A 19 6.10 22.65 -30.21
C GLU A 19 7.58 22.75 -29.89
N GLU A 20 7.99 23.85 -29.30
CA GLU A 20 9.36 24.02 -28.85
C GLU A 20 9.32 24.95 -27.67
N PRO A 21 10.42 25.02 -26.92
CA PRO A 21 10.40 25.89 -25.76
C PRO A 21 10.42 27.36 -26.11
N ARG A 22 9.84 28.12 -25.20
CA ARG A 22 9.80 29.56 -25.29
C ARG A 22 10.64 30.06 -24.10
N TYR A 23 11.71 30.82 -24.39
CA TYR A 23 12.60 31.44 -23.38
C TYR A 23 12.17 32.90 -23.20
N ALA A 24 11.56 33.22 -22.06
CA ALA A 24 11.03 34.57 -21.81
C ALA A 24 10.15 35.07 -23.02
N GLY A 25 9.32 34.17 -23.53
CA GLY A 25 8.36 34.44 -24.60
C GLY A 25 8.82 34.15 -26.01
N TYR A 26 10.16 33.95 -26.22
CA TYR A 26 10.68 33.76 -27.58
C TYR A 26 10.94 32.31 -27.89
N ALA A 27 10.55 31.87 -29.07
CA ALA A 27 10.78 30.52 -29.56
C ALA A 27 12.27 30.28 -29.76
N ALA A 28 12.78 29.19 -29.23
CA ALA A 28 14.22 28.90 -29.31
C ALA A 28 14.73 28.90 -30.76
N SER A 29 14.00 28.25 -31.66
CA SER A 29 14.45 28.16 -33.06
C SER A 29 14.38 29.48 -33.79
N GLU A 30 13.47 30.36 -33.38
CA GLU A 30 13.39 31.68 -33.99
C GLU A 30 14.59 32.52 -33.54
N LEU A 31 15.08 32.32 -32.30
CA LEU A 31 16.30 33.01 -31.87
C LEU A 31 17.46 32.55 -32.74
N CYS A 32 17.56 31.23 -33.01
CA CYS A 32 18.62 30.72 -33.88
C CYS A 32 18.48 31.30 -35.28
N SER A 33 17.27 31.24 -35.85
CA SER A 33 17.03 31.70 -37.22
C SER A 33 17.36 33.16 -37.46
N LYS A 34 17.18 34.00 -36.47
CA LYS A 34 17.39 35.43 -36.64
C LYS A 34 18.78 35.89 -36.21
N GLY A 35 19.70 34.96 -35.96
CA GLY A 35 21.09 35.31 -35.72
C GLY A 35 21.50 35.59 -34.30
N TYR A 36 20.63 35.29 -33.33
CA TYR A 36 21.00 35.44 -31.93
C TYR A 36 21.95 34.31 -31.51
N GLY A 37 22.58 34.49 -30.35
CA GLY A 37 23.59 33.56 -29.88
C GLY A 37 23.36 33.04 -28.48
N ILE A 38 24.32 32.28 -27.99
CA ILE A 38 24.27 31.67 -26.66
C ILE A 38 24.11 32.77 -25.61
N GLU A 39 24.84 33.86 -25.81
CA GLU A 39 24.77 34.99 -24.88
C GLU A 39 23.37 35.60 -24.79
N ASP A 40 22.62 35.55 -25.87
CA ASP A 40 21.25 36.07 -25.86
C ASP A 40 20.33 35.14 -25.06
N VAL A 41 20.54 33.81 -25.17
CA VAL A 41 19.74 32.84 -24.42
C VAL A 41 20.05 33.01 -22.91
N ILE A 42 21.32 33.25 -22.56
CA ILE A 42 21.70 33.52 -21.18
C ILE A 42 20.88 34.73 -20.65
N GLY A 43 20.85 35.83 -21.42
CA GLY A 43 20.06 36.99 -20.99
C GLY A 43 18.61 36.67 -20.80
N LEU A 44 18.03 35.91 -21.72
CA LEU A 44 16.61 35.57 -21.62
C LEU A 44 16.32 34.70 -20.42
N LEU A 45 17.10 33.69 -20.20
CA LEU A 45 16.80 32.73 -19.11
C LEU A 45 17.21 33.21 -17.74
N TRP A 46 18.21 34.10 -17.65
CA TRP A 46 18.65 34.58 -16.33
C TRP A 46 18.08 35.96 -15.93
N ASN A 47 17.68 36.76 -16.92
CA ASN A 47 17.19 38.13 -16.73
C ASN A 47 15.84 38.41 -17.40
N LYS A 48 15.26 37.44 -18.15
CA LYS A 48 13.99 37.63 -18.88
C LYS A 48 14.01 38.82 -19.79
N LYS A 49 15.17 39.08 -20.40
CA LYS A 49 15.34 40.24 -21.27
C LYS A 49 16.33 39.92 -22.36
N LEU A 50 15.95 40.21 -23.59
CA LEU A 50 16.85 40.00 -24.71
C LEU A 50 17.92 41.07 -24.57
N PRO A 51 19.21 40.70 -24.46
CA PRO A 51 20.22 41.74 -24.29
C PRO A 51 20.30 42.67 -25.50
N THR A 52 20.80 43.88 -25.28
CA THR A 52 21.10 44.76 -26.40
C THR A 52 22.34 44.17 -27.05
N ARG A 53 22.69 44.63 -28.26
CA ARG A 53 23.85 44.07 -28.94
C ARG A 53 25.15 44.29 -28.16
N GLU A 54 25.30 45.43 -27.49
CA GLU A 54 26.51 45.67 -26.67
C GLU A 54 26.53 44.82 -25.43
N GLU A 55 25.37 44.66 -24.78
CA GLU A 55 25.29 43.77 -23.61
C GLU A 55 25.68 42.35 -24.02
N SER A 56 25.20 41.86 -25.19
CA SER A 56 25.53 40.51 -25.62
C SER A 56 27.03 40.36 -25.88
N GLU A 57 27.70 41.40 -26.43
CA GLU A 57 29.15 41.37 -26.68
C GLU A 57 29.95 41.30 -25.37
N ILE A 58 29.42 41.87 -24.29
CA ILE A 58 30.11 41.85 -23.01
C ILE A 58 29.91 40.46 -22.38
N ILE A 59 28.65 39.95 -22.39
CA ILE A 59 28.35 38.62 -21.82
C ILE A 59 29.26 37.58 -22.49
N LYS A 60 29.32 37.64 -23.83
CA LYS A 60 30.15 36.72 -24.60
C LYS A 60 31.61 36.72 -24.10
N ARG A 61 32.20 37.91 -23.95
CA ARG A 61 33.59 38.02 -23.52
C ARG A 61 33.79 37.57 -22.09
N ILE A 62 32.81 37.85 -21.21
CA ILE A 62 32.95 37.46 -19.81
C ILE A 62 33.02 35.93 -19.76
N VAL A 63 32.16 35.26 -20.52
CA VAL A 63 32.12 33.79 -20.50
C VAL A 63 33.43 33.24 -21.12
N MET A 64 33.86 33.81 -22.25
CA MET A 64 35.09 33.34 -22.88
C MET A 64 36.31 33.47 -21.98
N ILE A 65 36.43 34.62 -21.33
CA ILE A 65 37.53 34.91 -20.42
C ILE A 65 37.53 34.01 -19.20
N SER A 66 36.35 33.61 -18.73
CA SER A 66 36.18 32.80 -17.53
C SER A 66 36.13 31.28 -17.74
N ALA A 67 36.24 30.81 -18.98
CA ALA A 67 36.02 29.38 -19.30
C ALA A 67 36.91 28.40 -18.59
N ASP A 68 38.20 28.74 -18.39
CA ASP A 68 39.08 27.81 -17.72
C ASP A 68 40.30 28.52 -17.20
N HIS A 69 40.93 27.95 -16.15
CA HIS A 69 42.14 28.53 -15.58
C HIS A 69 43.16 27.45 -15.28
N GLY A 70 43.15 26.40 -16.11
CA GLY A 70 44.09 25.32 -15.98
C GLY A 70 43.61 24.21 -15.06
N PRO A 71 44.36 23.11 -15.04
CA PRO A 71 43.92 21.93 -14.27
C PRO A 71 44.20 21.93 -12.75
N ALA A 72 44.95 22.90 -12.27
CA ALA A 72 45.39 22.92 -10.89
C ALA A 72 44.38 23.45 -9.90
N VAL A 73 43.43 24.24 -10.39
CA VAL A 73 42.45 24.92 -9.55
C VAL A 73 41.30 23.96 -9.17
N SER A 74 40.59 24.27 -8.08
CA SER A 74 39.64 23.33 -7.47
C SER A 74 38.54 22.78 -8.39
N GLY A 75 37.93 23.61 -9.23
CA GLY A 75 36.84 23.19 -10.12
C GLY A 75 37.31 22.16 -11.11
N ALA A 76 38.30 22.54 -11.90
CA ALA A 76 38.85 21.63 -12.88
C ALA A 76 39.42 20.39 -12.19
N PHE A 77 40.13 20.56 -11.07
CA PHE A 77 40.74 19.40 -10.44
C PHE A 77 39.71 18.44 -9.90
N GLY A 78 38.60 18.96 -9.37
CA GLY A 78 37.52 18.09 -8.93
C GLY A 78 36.97 17.26 -10.08
N SER A 79 36.79 17.87 -11.25
N SER A 79 36.76 17.88 -11.24
CA SER A 79 36.28 17.15 -12.44
CA SER A 79 36.27 17.16 -12.42
C SER A 79 37.29 16.15 -12.99
C SER A 79 37.27 16.10 -12.83
N ILE A 80 38.59 16.44 -12.83
CA ILE A 80 39.66 15.52 -13.19
C ILE A 80 39.65 14.33 -12.21
N LEU A 81 39.57 14.59 -10.91
CA LEU A 81 39.57 13.54 -9.92
C LEU A 81 38.41 12.55 -10.23
N ALA A 82 37.23 13.10 -10.49
CA ALA A 82 36.04 12.27 -10.82
C ALA A 82 36.23 11.54 -12.16
N ALA A 83 36.75 12.21 -13.17
CA ALA A 83 37.04 11.58 -14.46
C ALA A 83 37.95 10.36 -14.24
N CYS A 84 39.04 10.56 -13.49
CA CYS A 84 40.00 9.47 -13.23
C CYS A 84 39.43 8.33 -12.38
N ALA A 85 38.39 8.64 -11.60
CA ALA A 85 37.65 7.64 -10.82
C ALA A 85 36.61 6.91 -11.72
N GLY A 86 36.56 7.22 -13.03
CA GLY A 86 35.65 6.54 -13.95
C GLY A 86 34.22 7.02 -13.89
N ILE A 87 34.01 8.20 -13.28
CA ILE A 87 32.66 8.73 -13.16
C ILE A 87 32.26 9.37 -14.49
N ASP A 88 30.98 9.26 -14.85
N ASP A 88 30.96 9.29 -14.82
CA ASP A 88 30.54 9.84 -16.13
CA ASP A 88 30.43 9.85 -16.08
C ASP A 88 30.59 11.37 -16.09
C ASP A 88 30.46 11.37 -16.07
N MET A 89 30.55 11.98 -17.26
CA MET A 89 30.72 13.42 -17.38
C MET A 89 29.82 14.27 -16.54
N PRO A 90 28.51 14.11 -16.58
CA PRO A 90 27.68 15.08 -15.84
C PRO A 90 27.92 15.05 -14.34
N GLN A 91 28.11 13.84 -13.82
CA GLN A 91 28.35 13.69 -12.39
C GLN A 91 29.75 14.20 -12.03
N ALA A 92 30.74 13.94 -12.87
CA ALA A 92 32.10 14.42 -12.62
C ALA A 92 32.16 15.96 -12.61
N VAL A 93 31.50 16.57 -13.57
CA VAL A 93 31.46 18.02 -13.66
C VAL A 93 30.70 18.59 -12.45
N SER A 94 29.64 17.90 -12.00
CA SER A 94 28.89 18.34 -10.81
C SER A 94 29.81 18.41 -9.58
N ALA A 95 30.77 17.45 -9.47
CA ALA A 95 31.72 17.48 -8.33
C ALA A 95 32.65 18.71 -8.42
N GLY A 96 33.12 19.06 -9.60
CA GLY A 96 33.91 20.26 -9.77
C GLY A 96 33.12 21.52 -9.51
N MET A 97 31.87 21.57 -10.00
CA MET A 97 31.00 22.73 -9.76
C MET A 97 30.76 22.98 -8.29
N THR A 98 30.70 21.90 -7.49
CA THR A 98 30.50 22.00 -6.04
C THR A 98 31.61 22.81 -5.37
N MET A 99 32.77 22.91 -5.99
CA MET A 99 33.88 23.68 -5.41
C MET A 99 33.67 25.21 -5.50
N ILE A 100 32.75 25.65 -6.37
CA ILE A 100 32.51 27.06 -6.60
C ILE A 100 31.79 27.67 -5.43
N GLY A 101 32.38 28.72 -4.90
CA GLY A 101 31.84 29.32 -3.69
C GLY A 101 32.64 30.50 -3.21
N PRO A 102 32.71 30.72 -1.88
CA PRO A 102 33.37 31.94 -1.38
C PRO A 102 34.84 32.10 -1.74
N ARG A 103 35.57 31.01 -1.94
CA ARG A 103 37.01 31.07 -2.21
C ARG A 103 37.41 30.86 -3.63
N PHE A 104 36.59 30.17 -4.39
CA PHE A 104 36.81 29.81 -5.79
C PHE A 104 35.61 30.35 -6.58
N GLY A 105 35.79 31.50 -7.21
CA GLY A 105 34.75 32.21 -7.97
C GLY A 105 34.03 33.30 -7.20
N GLY A 106 33.98 33.19 -5.87
CA GLY A 106 33.29 34.14 -5.00
C GLY A 106 33.76 35.59 -5.03
N ALA A 107 34.99 35.86 -5.48
CA ALA A 107 35.50 37.23 -5.58
C ALA A 107 34.71 38.07 -6.63
N VAL A 108 33.95 37.41 -7.55
CA VAL A 108 33.13 38.10 -8.54
C VAL A 108 31.93 38.78 -7.91
N THR A 109 31.05 38.01 -7.22
CA THR A 109 29.84 38.58 -6.60
C THR A 109 30.18 39.54 -5.48
N ASN A 110 31.23 39.23 -4.69
CA ASN A 110 31.62 40.11 -3.60
C ASN A 110 32.14 41.43 -4.12
N ALA A 111 32.99 41.41 -5.16
CA ALA A 111 33.48 42.66 -5.77
C ALA A 111 32.31 43.50 -6.27
N GLY A 112 31.40 42.85 -7.03
CA GLY A 112 30.20 43.50 -7.54
C GLY A 112 29.39 44.15 -6.43
N LYS A 113 29.14 43.39 -5.34
CA LYS A 113 28.39 43.84 -4.18
C LYS A 113 29.03 45.04 -3.46
N TYR A 114 30.34 44.95 -3.13
CA TYR A 114 31.04 46.04 -2.42
C TYR A 114 31.29 47.28 -3.28
N PHE A 115 31.51 47.13 -4.61
CA PHE A 115 31.69 48.30 -5.45
C PHE A 115 30.32 48.98 -5.70
N LYS A 116 29.19 48.23 -5.65
CA LYS A 116 27.86 48.85 -5.76
C LYS A 116 27.59 49.68 -4.49
N MET A 117 27.96 49.14 -3.31
CA MET A 117 27.82 49.84 -2.03
C MET A 117 28.70 51.10 -2.05
N ALA A 118 29.94 50.98 -2.56
CA ALA A 118 30.88 52.10 -2.65
C ALA A 118 30.29 53.25 -3.51
N VAL A 119 29.66 52.91 -4.65
CA VAL A 119 29.03 53.92 -5.53
C VAL A 119 27.87 54.64 -4.82
N GLU A 120 27.02 53.88 -4.11
CA GLU A 120 25.86 54.42 -3.40
C GLU A 120 26.17 55.15 -2.08
N ASP A 121 27.06 54.59 -1.24
CA ASP A 121 27.37 55.14 0.10
C ASP A 121 28.63 56.02 0.18
N TYR A 122 29.63 55.81 -0.71
CA TYR A 122 30.90 56.56 -0.71
C TYR A 122 31.20 57.16 -2.11
N PRO A 123 30.21 57.77 -2.81
CA PRO A 123 30.45 58.25 -4.20
C PRO A 123 31.68 59.14 -4.43
N ASN A 124 32.06 59.98 -3.46
CA ASN A 124 33.24 60.83 -3.59
C ASN A 124 34.16 60.63 -2.38
N PRO A 153 51.04 43.43 -15.06
CA PRO A 153 49.83 44.00 -15.67
C PRO A 153 48.98 42.92 -16.37
N ASP A 154 47.76 42.67 -15.87
CA ASP A 154 46.85 41.65 -16.42
C ASP A 154 46.27 42.09 -17.79
N GLN A 155 46.65 41.39 -18.88
CA GLN A 155 46.21 41.76 -20.23
C GLN A 155 44.72 41.52 -20.48
N ARG A 156 44.11 40.57 -19.75
CA ARG A 156 42.68 40.31 -19.87
C ARG A 156 41.92 41.49 -19.27
N VAL A 157 42.41 42.07 -18.15
CA VAL A 157 41.77 43.24 -17.53
C VAL A 157 41.91 44.42 -18.47
N LYS A 158 43.14 44.71 -18.93
CA LYS A 158 43.37 45.82 -19.85
C LYS A 158 42.55 45.68 -21.13
N TYR A 159 42.36 44.43 -21.60
CA TYR A 159 41.53 44.20 -22.78
C TYR A 159 40.05 44.48 -22.48
N LEU A 160 39.51 43.84 -21.42
CA LEU A 160 38.08 43.94 -21.05
C LEU A 160 37.69 45.37 -20.80
N VAL A 161 38.47 46.07 -19.98
CA VAL A 161 38.22 47.45 -19.59
C VAL A 161 38.22 48.36 -20.82
N SER A 162 39.22 48.20 -21.70
CA SER A 162 39.30 49.00 -22.92
C SER A 162 38.14 48.67 -23.85
N TYR A 163 37.74 47.39 -23.92
CA TYR A 163 36.59 47.05 -24.77
C TYR A 163 35.32 47.74 -24.28
N ILE A 164 34.99 47.62 -22.98
CA ILE A 164 33.74 48.16 -22.47
C ILE A 164 33.76 49.70 -22.44
N LYS A 165 34.89 50.32 -22.06
CA LYS A 165 35.00 51.79 -22.05
C LYS A 165 35.08 52.42 -23.45
N ASN A 166 35.65 51.74 -24.46
CA ASN A 166 35.81 52.32 -25.81
C ASN A 166 34.90 51.74 -26.91
N GLU A 167 34.62 50.41 -26.92
CA GLU A 167 33.77 49.78 -27.94
C GLU A 167 32.30 49.64 -27.50
N THR A 168 31.91 50.18 -26.32
CA THR A 168 30.51 50.24 -25.89
C THR A 168 30.20 51.59 -25.23
N SER A 169 28.91 51.89 -25.08
CA SER A 169 28.42 53.10 -24.40
C SER A 169 27.76 52.73 -23.07
N LEU A 170 28.05 51.53 -22.55
CA LEU A 170 27.43 51.13 -21.30
C LEU A 170 27.95 51.94 -20.13
N HIS A 171 27.05 52.42 -19.27
CA HIS A 171 27.43 53.17 -18.09
C HIS A 171 27.96 52.16 -17.11
N THR A 172 29.22 52.32 -16.67
CA THR A 172 29.83 51.40 -15.73
C THR A 172 30.28 52.12 -14.45
N PRO A 173 29.32 52.61 -13.62
CA PRO A 173 29.72 53.32 -12.39
C PRO A 173 30.54 52.48 -11.41
N CYS A 174 30.15 51.22 -11.18
CA CYS A 174 30.92 50.32 -10.30
C CYS A 174 32.34 50.12 -10.83
N LEU A 175 32.49 49.82 -12.14
CA LEU A 175 33.81 49.59 -12.73
C LEU A 175 34.64 50.85 -12.62
N ASP A 176 34.08 51.99 -13.03
CA ASP A 176 34.75 53.31 -12.96
C ASP A 176 35.23 53.59 -11.54
N TYR A 177 34.41 53.27 -10.53
CA TYR A 177 34.81 53.42 -9.13
C TYR A 177 35.99 52.49 -8.81
N ALA A 178 35.94 51.23 -9.25
CA ALA A 178 37.03 50.28 -9.02
C ALA A 178 38.31 50.74 -9.70
N LEU A 179 38.21 51.37 -10.89
CA LEU A 179 39.40 51.87 -11.58
C LEU A 179 40.04 53.02 -10.81
N GLU A 180 39.21 53.79 -10.10
CA GLU A 180 39.70 54.87 -9.26
C GLU A 180 40.21 54.30 -7.95
N ASN A 195 42.35 43.50 -11.26
CA ASN A 195 41.93 42.10 -10.96
C ASN A 195 40.78 41.60 -11.90
N VAL A 196 40.87 40.39 -12.54
CA VAL A 196 39.80 39.92 -13.45
C VAL A 196 38.46 39.69 -12.73
N ASP A 197 38.47 39.15 -11.49
CA ASP A 197 37.23 38.96 -10.74
C ASP A 197 36.59 40.30 -10.37
N GLY A 198 37.43 41.29 -10.07
CA GLY A 198 36.97 42.64 -9.77
C GLY A 198 36.33 43.28 -11.00
N THR A 199 37.02 43.19 -12.16
CA THR A 199 36.58 43.71 -13.44
C THR A 199 35.25 43.08 -13.85
N ILE A 200 35.18 41.74 -13.87
CA ILE A 200 33.95 41.06 -14.24
C ILE A 200 32.80 41.35 -13.28
N GLY A 201 33.05 41.29 -11.97
CA GLY A 201 32.01 41.57 -10.99
C GLY A 201 31.41 42.97 -11.07
N CYS A 202 32.26 43.96 -11.29
CA CYS A 202 31.79 45.34 -11.44
C CYS A 202 30.93 45.46 -12.66
N ILE A 203 31.43 44.91 -13.78
CA ILE A 203 30.74 44.94 -15.06
C ILE A 203 29.35 44.32 -14.96
N LEU A 204 29.20 43.15 -14.29
CA LEU A 204 27.89 42.51 -14.18
C LEU A 204 26.92 43.33 -13.35
N MET A 205 27.39 44.00 -12.27
CA MET A 205 26.49 44.87 -11.49
C MET A 205 26.04 46.05 -12.34
N ASP A 206 26.96 46.56 -13.17
CA ASP A 206 26.68 47.67 -14.06
C ASP A 206 25.72 47.30 -15.19
N LEU A 207 25.73 46.04 -15.65
CA LEU A 207 24.77 45.54 -16.65
C LEU A 207 23.32 45.41 -16.07
N ASP A 208 23.10 45.65 -14.76
CA ASP A 208 21.78 45.55 -14.13
C ASP A 208 21.26 44.09 -14.09
N PHE A 209 22.16 43.08 -14.12
CA PHE A 209 21.72 41.70 -13.97
C PHE A 209 21.27 41.56 -12.52
N PRO A 210 20.24 40.73 -12.21
CA PRO A 210 19.85 40.60 -10.80
C PRO A 210 21.04 40.17 -9.96
N VAL A 211 21.11 40.66 -8.73
CA VAL A 211 22.21 40.31 -7.82
C VAL A 211 22.30 38.75 -7.65
N HIS A 212 21.15 38.06 -7.63
CA HIS A 212 21.11 36.59 -7.49
C HIS A 212 21.77 35.86 -8.68
N SER A 213 21.84 36.51 -9.86
CA SER A 213 22.37 35.88 -11.07
C SER A 213 23.90 35.93 -11.23
N LEU A 214 24.61 36.83 -10.50
CA LEU A 214 26.02 37.10 -10.79
C LEU A 214 26.93 35.91 -10.80
N ASN A 215 26.78 34.97 -9.84
CA ASN A 215 27.60 33.76 -9.83
C ASN A 215 27.38 32.87 -11.06
N GLY A 216 26.26 33.02 -11.73
CA GLY A 216 25.98 32.21 -12.92
C GLY A 216 27.01 32.31 -14.02
N PHE A 217 27.59 33.49 -14.20
CA PHE A 217 28.56 33.66 -15.27
C PHE A 217 29.78 32.77 -15.02
N PHE A 218 30.28 32.74 -13.80
CA PHE A 218 31.45 31.92 -13.47
C PHE A 218 31.09 30.45 -13.50
N VAL A 219 29.92 30.10 -12.97
CA VAL A 219 29.44 28.70 -12.98
C VAL A 219 29.35 28.18 -14.42
N LEU A 220 28.64 28.91 -15.29
CA LEU A 220 28.48 28.46 -16.67
C LEU A 220 29.82 28.41 -17.39
N ALA A 221 30.58 29.47 -17.30
CA ALA A 221 31.85 29.52 -18.02
C ALA A 221 32.77 28.40 -17.59
N ARG A 222 32.95 28.19 -16.27
CA ARG A 222 33.85 27.16 -15.79
C ARG A 222 33.36 25.75 -16.11
N THR A 223 32.04 25.58 -16.36
CA THR A 223 31.51 24.30 -16.81
C THR A 223 32.13 23.94 -18.18
N ILE A 224 32.40 24.92 -19.04
CA ILE A 224 33.05 24.64 -20.32
C ILE A 224 34.43 24.00 -20.04
N GLY A 225 35.23 24.62 -19.18
CA GLY A 225 36.54 24.06 -18.86
C GLY A 225 36.45 22.71 -18.16
N MET A 226 35.51 22.54 -17.24
CA MET A 226 35.39 21.27 -16.49
C MET A 226 34.99 20.12 -17.42
N ILE A 227 34.07 20.37 -18.37
CA ILE A 227 33.73 19.39 -19.39
C ILE A 227 35.01 19.08 -20.16
N GLY A 228 35.72 20.14 -20.59
CA GLY A 228 36.95 19.91 -21.33
C GLY A 228 37.98 19.04 -20.58
N HIS A 229 38.17 19.29 -19.29
CA HIS A 229 39.09 18.46 -18.52
C HIS A 229 38.62 17.01 -18.43
N TRP A 230 37.33 16.80 -18.27
CA TRP A 230 36.79 15.42 -18.22
C TRP A 230 37.07 14.69 -19.54
N ILE A 231 36.83 15.37 -20.66
CA ILE A 231 37.08 14.81 -21.99
C ILE A 231 38.56 14.51 -22.12
N ASP A 232 39.42 15.44 -21.71
CA ASP A 232 40.88 15.26 -21.80
C ASP A 232 41.35 14.02 -21.02
N GLN A 233 40.87 13.84 -19.80
CA GLN A 233 41.26 12.67 -19.04
C GLN A 233 40.72 11.37 -19.68
N ASN A 234 39.49 11.40 -20.17
CA ASN A 234 38.91 10.24 -20.84
C ASN A 234 39.63 9.91 -22.13
N ASN A 235 40.02 10.93 -22.91
CA ASN A 235 40.80 10.68 -24.15
C ASN A 235 42.14 9.97 -23.85
N GLN A 236 42.75 10.32 -22.71
CA GLN A 236 44.04 9.78 -22.25
C GLN A 236 43.90 8.43 -21.55
N ASN A 237 42.67 7.96 -21.30
CA ASN A 237 42.40 6.76 -20.53
C ASN A 237 43.10 6.85 -19.18
N SER A 238 43.01 8.02 -18.52
CA SER A 238 43.71 8.19 -17.25
C SER A 238 43.23 7.23 -16.17
N ARG A 239 44.13 6.84 -15.30
CA ARG A 239 43.84 5.92 -14.19
C ARG A 239 43.45 6.68 -12.95
N LEU A 240 42.92 5.94 -11.98
CA LEU A 240 42.54 6.51 -10.70
C LEU A 240 43.66 7.30 -10.06
N ILE A 241 43.31 8.40 -9.44
CA ILE A 241 44.28 9.21 -8.70
C ILE A 241 44.26 8.79 -7.24
N ARG A 242 45.45 8.61 -6.66
CA ARG A 242 45.62 8.40 -5.23
C ARG A 242 46.85 9.26 -4.86
N LEU A 243 46.68 10.27 -4.00
CA LEU A 243 47.77 11.18 -3.66
C LEU A 243 48.95 10.43 -3.12
N TYR A 244 50.15 10.87 -3.49
CA TYR A 244 51.34 10.23 -2.98
C TYR A 244 51.47 10.53 -1.51
N ASP A 245 51.99 9.57 -0.77
CA ASP A 245 52.18 9.66 0.66
C ASP A 245 52.92 10.93 1.09
N TYR A 246 53.98 11.29 0.36
CA TYR A 246 54.77 12.47 0.75
C TYR A 246 54.02 13.80 0.60
N LEU A 247 52.84 13.80 -0.09
CA LEU A 247 52.03 15.00 -0.19
C LEU A 247 51.14 15.20 1.03
N ILE A 248 51.13 14.24 1.97
CA ILE A 248 50.29 14.27 3.14
C ILE A 248 51.16 14.40 4.38
N ASN A 249 50.74 15.29 5.27
CA ASN A 249 51.31 15.41 6.60
C ASN A 249 50.37 14.64 7.49
N TYR A 250 50.78 13.40 7.87
CA TYR A 250 49.96 12.58 8.77
C TYR A 250 50.25 12.98 10.22
N ALA A 251 49.61 14.07 10.68
CA ALA A 251 49.76 14.58 12.05
C ALA A 251 48.75 13.81 12.92
N VAL A 252 48.96 12.49 12.99
CA VAL A 252 48.00 11.57 13.57
C VAL A 252 48.40 11.19 15.02
N LYS A 253 47.45 10.60 15.73
CA LYS A 253 47.70 10.10 17.08
C LYS A 253 48.65 8.88 16.98
N PRO A 254 49.47 8.66 18.00
CA PRO A 254 50.33 7.46 18.00
C PRO A 254 49.41 6.22 18.04
N GLU A 255 49.92 5.09 17.51
CA GLU A 255 49.19 3.83 17.53
C GLU A 255 48.94 3.40 18.98
N GLN A 256 47.71 2.98 19.25
CA GLN A 256 47.34 2.56 20.58
C GLN A 256 46.44 1.36 20.51
N GLU A 257 46.49 0.50 21.55
CA GLU A 257 45.61 -0.66 21.62
C GLU A 257 44.25 -0.17 22.11
N VAL A 258 43.22 -0.83 21.64
CA VAL A 258 41.84 -0.49 22.02
C VAL A 258 41.61 -0.98 23.43
N PRO A 259 41.10 -0.14 24.34
CA PRO A 259 40.80 -0.64 25.69
C PRO A 259 39.61 -1.62 25.69
N GLU A 260 39.61 -2.60 26.60
CA GLU A 260 38.45 -3.52 26.67
C GLU A 260 37.24 -2.75 27.19
N LYS A 261 36.03 -3.25 26.92
CA LYS A 261 34.81 -2.66 27.48
C LYS A 261 33.88 -3.74 28.02
N GLU B 6 -17.48 14.69 5.27
CA GLU B 6 -18.89 14.31 5.18
C GLU B 6 -19.06 12.99 5.94
N PRO B 7 -19.98 12.88 6.92
CA PRO B 7 -20.12 11.60 7.63
C PRO B 7 -20.47 10.44 6.70
N LEU B 8 -20.02 9.23 7.04
CA LEU B 8 -20.31 8.04 6.27
C LEU B 8 -21.77 7.59 6.49
N ILE B 9 -22.25 7.71 7.73
CA ILE B 9 -23.58 7.28 8.14
C ILE B 9 -24.25 8.39 8.92
N ARG B 10 -25.59 8.46 8.83
CA ARG B 10 -26.43 9.33 9.66
C ARG B 10 -27.36 8.43 10.42
N THR B 11 -27.44 8.61 11.74
CA THR B 11 -28.32 7.82 12.57
C THR B 11 -29.23 8.75 13.31
N THR B 12 -30.46 8.31 13.58
CA THR B 12 -31.39 9.14 14.33
C THR B 12 -31.94 8.47 15.59
N ILE B 13 -31.69 7.16 15.80
CA ILE B 13 -32.40 6.39 16.82
C ILE B 13 -31.69 6.27 18.16
N SER B 14 -30.36 6.26 18.16
CA SER B 14 -29.64 6.00 19.40
C SER B 14 -28.31 6.70 19.46
N ASP B 15 -27.88 7.02 20.68
CA ASP B 15 -26.63 7.72 20.91
C ASP B 15 -25.89 6.96 21.98
N ASP B 16 -24.77 6.38 21.59
CA ASP B 16 -23.92 5.57 22.47
C ASP B 16 -22.75 6.36 23.09
N ARG B 17 -22.58 7.64 22.77
CA ARG B 17 -21.40 8.41 23.15
C ARG B 17 -21.26 8.70 24.63
N GLY B 18 -22.36 8.76 25.34
CA GLY B 18 -22.33 9.05 26.76
C GLY B 18 -22.02 7.83 27.62
N GLU B 19 -22.37 7.91 28.91
CA GLU B 19 -22.08 6.82 29.84
C GLU B 19 -22.84 5.56 29.54
N GLU B 20 -24.02 5.67 28.92
CA GLU B 20 -24.79 4.53 28.49
C GLU B 20 -25.59 5.00 27.30
N PRO B 21 -26.12 4.09 26.50
CA PRO B 21 -26.89 4.55 25.35
C PRO B 21 -28.20 5.22 25.70
N ARG B 22 -28.58 6.15 24.82
CA ARG B 22 -29.87 6.82 24.82
C ARG B 22 -30.68 6.28 23.62
N TYR B 23 -31.89 5.73 23.84
CA TYR B 23 -32.77 5.21 22.79
C TYR B 23 -33.85 6.28 22.56
N ALA B 24 -33.86 6.93 21.40
CA ALA B 24 -34.78 8.03 21.09
C ALA B 24 -34.78 9.09 22.21
N GLY B 25 -33.59 9.36 22.73
CA GLY B 25 -33.35 10.34 23.79
C GLY B 25 -33.41 9.86 25.23
N TYR B 26 -33.96 8.66 25.48
CA TYR B 26 -34.12 8.12 26.83
C TYR B 26 -32.94 7.20 27.22
N ALA B 27 -32.40 7.40 28.44
CA ALA B 27 -31.29 6.58 28.93
C ALA B 27 -31.78 5.14 29.24
N ALA B 28 -31.07 4.14 28.72
CA ALA B 28 -31.45 2.74 28.87
C ALA B 28 -31.68 2.33 30.31
N SER B 29 -30.74 2.63 31.21
CA SER B 29 -30.91 2.20 32.59
C SER B 29 -32.08 2.91 33.32
N GLU B 30 -32.42 4.13 32.89
CA GLU B 30 -33.54 4.87 33.45
C GLU B 30 -34.88 4.25 33.04
N LEU B 31 -34.93 3.65 31.83
CA LEU B 31 -36.12 2.91 31.39
C LEU B 31 -36.25 1.69 32.29
N CYS B 32 -35.13 1.01 32.56
CA CYS B 32 -35.10 -0.16 33.45
C CYS B 32 -35.53 0.21 34.86
N SER B 33 -34.97 1.28 35.39
CA SER B 33 -35.25 1.70 36.76
C SER B 33 -36.70 2.09 37.01
N LYS B 34 -37.36 2.71 36.01
CA LYS B 34 -38.74 3.18 36.15
C LYS B 34 -39.80 2.13 35.75
N GLY B 35 -39.39 0.88 35.50
CA GLY B 35 -40.33 -0.20 35.26
C GLY B 35 -40.81 -0.41 33.84
N TYR B 36 -40.09 0.12 32.84
CA TYR B 36 -40.46 -0.08 31.45
C TYR B 36 -39.93 -1.44 31.04
N GLY B 37 -40.34 -1.89 29.87
CA GLY B 37 -39.98 -3.22 29.42
C GLY B 37 -39.36 -3.28 28.04
N ILE B 38 -39.15 -4.52 27.61
CA ILE B 38 -38.59 -4.81 26.27
C ILE B 38 -39.46 -4.14 25.19
N GLU B 39 -40.80 -4.27 25.34
CA GLU B 39 -41.76 -3.71 24.40
C GLU B 39 -41.64 -2.16 24.29
N ASP B 40 -41.19 -1.49 25.35
CA ASP B 40 -41.00 -0.04 25.32
C ASP B 40 -39.73 0.31 24.52
N VAL B 41 -38.67 -0.47 24.70
CA VAL B 41 -37.43 -0.30 23.94
C VAL B 41 -37.67 -0.54 22.44
N ILE B 42 -38.52 -1.54 22.10
CA ILE B 42 -38.88 -1.80 20.71
C ILE B 42 -39.53 -0.52 20.13
N GLY B 43 -40.50 0.06 20.86
CA GLY B 43 -41.16 1.28 20.40
C GLY B 43 -40.21 2.44 20.16
N LEU B 44 -39.27 2.65 21.12
CA LEU B 44 -38.29 3.71 21.01
C LEU B 44 -37.34 3.54 19.83
N LEU B 45 -36.80 2.35 19.65
CA LEU B 45 -35.83 2.12 18.59
C LEU B 45 -36.42 1.96 17.20
N TRP B 46 -37.70 1.53 17.08
CA TRP B 46 -38.29 1.36 15.77
C TRP B 46 -39.21 2.50 15.35
N ASN B 47 -39.77 3.25 16.31
CA ASN B 47 -40.74 4.33 16.07
C ASN B 47 -40.33 5.66 16.74
N LYS B 48 -39.19 5.72 17.45
CA LYS B 48 -38.71 6.93 18.15
C LYS B 48 -39.75 7.59 19.05
N LYS B 49 -40.59 6.77 19.68
CA LYS B 49 -41.64 7.22 20.56
C LYS B 49 -41.86 6.21 21.68
N LEU B 50 -41.90 6.71 22.91
CA LEU B 50 -42.17 5.88 24.06
C LEU B 50 -43.65 5.45 23.97
N PRO B 51 -43.96 4.13 23.90
CA PRO B 51 -45.37 3.76 23.76
C PRO B 51 -46.19 4.14 24.99
N THR B 52 -47.49 4.36 24.79
CA THR B 52 -48.40 4.55 25.92
C THR B 52 -48.54 3.15 26.60
N ARG B 53 -49.11 3.08 27.79
CA ARG B 53 -49.26 1.79 28.47
C ARG B 53 -50.08 0.79 27.66
N GLU B 54 -51.14 1.25 26.98
CA GLU B 54 -51.93 0.34 26.17
C GLU B 54 -51.18 -0.12 24.93
N GLU B 55 -50.44 0.78 24.27
CA GLU B 55 -49.66 0.44 23.10
C GLU B 55 -48.60 -0.64 23.48
N SER B 56 -47.89 -0.46 24.60
CA SER B 56 -46.89 -1.43 25.07
C SER B 56 -47.50 -2.80 25.35
N GLU B 57 -48.72 -2.84 25.92
CA GLU B 57 -49.41 -4.11 26.17
C GLU B 57 -49.69 -4.86 24.86
N ILE B 58 -50.00 -4.12 23.78
CA ILE B 58 -50.28 -4.73 22.47
C ILE B 58 -48.96 -5.24 21.82
N ILE B 59 -47.91 -4.43 21.83
CA ILE B 59 -46.63 -4.85 21.28
C ILE B 59 -46.16 -6.15 21.98
N LYS B 60 -46.24 -6.17 23.32
CA LYS B 60 -45.85 -7.34 24.10
C LYS B 60 -46.59 -8.59 23.62
N ARG B 61 -47.90 -8.50 23.44
CA ARG B 61 -48.67 -9.65 22.99
C ARG B 61 -48.32 -10.11 21.58
N ILE B 62 -48.08 -9.15 20.68
CA ILE B 62 -47.73 -9.50 19.32
C ILE B 62 -46.42 -10.32 19.32
N VAL B 63 -45.46 -9.90 20.10
CA VAL B 63 -44.16 -10.60 20.14
C VAL B 63 -44.33 -12.00 20.75
N MET B 64 -45.04 -12.08 21.86
CA MET B 64 -45.30 -13.38 22.49
C MET B 64 -46.02 -14.36 21.56
N ILE B 65 -47.04 -13.89 20.80
CA ILE B 65 -47.83 -14.74 19.93
C ILE B 65 -47.01 -15.21 18.74
N SER B 66 -46.07 -14.38 18.29
CA SER B 66 -45.26 -14.64 17.11
C SER B 66 -43.92 -15.37 17.38
N ALA B 67 -43.60 -15.67 18.63
CA ALA B 67 -42.27 -16.18 19.01
C ALA B 67 -41.83 -17.47 18.34
N ASP B 68 -42.74 -18.43 18.15
CA ASP B 68 -42.33 -19.69 17.49
C ASP B 68 -43.55 -20.41 16.92
N HIS B 69 -43.34 -21.25 15.90
CA HIS B 69 -44.44 -22.03 15.30
C HIS B 69 -43.97 -23.46 15.05
N GLY B 70 -43.05 -23.97 15.89
CA GLY B 70 -42.55 -25.31 15.79
C GLY B 70 -41.34 -25.45 14.88
N PRO B 71 -40.77 -26.65 14.84
CA PRO B 71 -39.52 -26.84 14.13
C PRO B 71 -39.60 -27.07 12.63
N ALA B 72 -40.81 -27.27 12.09
CA ALA B 72 -40.99 -27.69 10.71
C ALA B 72 -40.97 -26.56 9.73
N VAL B 73 -41.14 -25.34 10.20
CA VAL B 73 -41.23 -24.17 9.33
C VAL B 73 -39.81 -23.69 8.97
N SER B 74 -39.68 -22.94 7.87
CA SER B 74 -38.39 -22.62 7.31
C SER B 74 -37.42 -21.90 8.21
N GLY B 75 -37.86 -20.93 9.02
CA GLY B 75 -36.97 -20.17 9.89
C GLY B 75 -36.34 -21.06 10.96
N ALA B 76 -37.19 -21.73 11.72
CA ALA B 76 -36.70 -22.62 12.77
C ALA B 76 -35.87 -23.74 12.14
N PHE B 77 -36.36 -24.30 11.03
CA PHE B 77 -35.66 -25.41 10.41
C PHE B 77 -34.28 -24.99 9.87
N GLY B 78 -34.16 -23.77 9.35
CA GLY B 78 -32.86 -23.28 8.91
C GLY B 78 -31.90 -23.18 10.09
N SER B 79 -32.37 -22.68 11.24
N SER B 79 -32.38 -22.65 11.23
CA SER B 79 -31.52 -22.58 12.43
CA SER B 79 -31.57 -22.56 12.45
C SER B 79 -31.16 -23.96 12.99
C SER B 79 -31.15 -23.96 12.90
N ILE B 80 -32.09 -24.93 12.87
CA ILE B 80 -31.81 -26.31 13.27
C ILE B 80 -30.74 -26.91 12.34
N LEU B 81 -30.86 -26.72 11.02
CA LEU B 81 -29.91 -27.29 10.05
C LEU B 81 -28.49 -26.78 10.37
N ALA B 82 -28.39 -25.46 10.63
CA ALA B 82 -27.08 -24.85 10.97
C ALA B 82 -26.61 -25.33 12.34
N ALA B 83 -27.51 -25.45 13.33
CA ALA B 83 -27.11 -25.96 14.63
C ALA B 83 -26.50 -27.37 14.47
N CYS B 84 -27.17 -28.24 13.67
CA CYS B 84 -26.70 -29.62 13.44
C CYS B 84 -25.39 -29.69 12.65
N ALA B 85 -25.10 -28.64 11.87
CA ALA B 85 -23.83 -28.53 11.13
C ALA B 85 -22.72 -27.95 12.04
N GLY B 86 -23.00 -27.73 13.32
CA GLY B 86 -21.99 -27.28 14.27
C GLY B 86 -21.74 -25.80 14.25
N ILE B 87 -22.64 -25.02 13.62
CA ILE B 87 -22.47 -23.59 13.49
C ILE B 87 -22.86 -22.89 14.77
N ASP B 88 -22.13 -21.84 15.13
N ASP B 88 -22.13 -21.82 15.10
CA ASP B 88 -22.41 -21.11 16.37
CA ASP B 88 -22.36 -21.03 16.32
C ASP B 88 -23.73 -20.39 16.27
C ASP B 88 -23.70 -20.32 16.25
N MET B 89 -24.32 -20.08 17.42
CA MET B 89 -25.66 -19.53 17.49
C MET B 89 -25.93 -18.34 16.59
N PRO B 90 -25.15 -17.23 16.65
CA PRO B 90 -25.56 -16.06 15.87
C PRO B 90 -25.64 -16.34 14.39
N GLN B 91 -24.67 -17.07 13.89
CA GLN B 91 -24.58 -17.36 12.47
C GLN B 91 -25.67 -18.36 12.10
N ALA B 92 -25.96 -19.34 12.97
CA ALA B 92 -27.03 -20.28 12.70
C ALA B 92 -28.38 -19.59 12.63
N VAL B 93 -28.62 -18.72 13.60
CA VAL B 93 -29.91 -18.01 13.64
C VAL B 93 -30.01 -17.06 12.43
N SER B 94 -28.87 -16.51 11.97
CA SER B 94 -28.89 -15.64 10.79
C SER B 94 -29.33 -16.43 9.54
N ALA B 95 -29.00 -17.73 9.47
CA ALA B 95 -29.43 -18.58 8.33
C ALA B 95 -30.96 -18.80 8.38
N GLY B 96 -31.52 -19.00 9.56
CA GLY B 96 -32.97 -19.12 9.69
C GLY B 96 -33.66 -17.81 9.36
N MET B 97 -33.11 -16.72 9.86
CA MET B 97 -33.66 -15.37 9.62
C MET B 97 -33.72 -15.05 8.10
N THR B 98 -32.74 -15.51 7.34
CA THR B 98 -32.72 -15.33 5.88
C THR B 98 -33.94 -15.92 5.17
N MET B 99 -34.66 -16.88 5.80
CA MET B 99 -35.85 -17.49 5.16
C MET B 99 -37.08 -16.55 5.27
N ILE B 100 -37.00 -15.53 6.10
CA ILE B 100 -38.14 -14.65 6.33
C ILE B 100 -38.32 -13.73 5.13
N GLY B 101 -39.47 -13.79 4.52
CA GLY B 101 -39.70 -13.01 3.31
C GLY B 101 -41.13 -13.09 2.85
N PRO B 102 -41.35 -13.05 1.53
CA PRO B 102 -42.73 -13.01 1.02
C PRO B 102 -43.61 -14.20 1.38
N ARG B 103 -43.03 -15.39 1.45
CA ARG B 103 -43.79 -16.61 1.71
C ARG B 103 -43.86 -17.00 3.18
N PHE B 104 -42.86 -16.59 3.95
CA PHE B 104 -42.72 -16.92 5.35
C PHE B 104 -42.57 -15.62 6.15
N GLY B 105 -43.70 -15.13 6.70
CA GLY B 105 -43.80 -13.89 7.48
C GLY B 105 -44.37 -12.63 6.79
N GLY B 106 -44.21 -12.51 5.48
CA GLY B 106 -44.55 -11.32 4.70
C GLY B 106 -46.01 -10.87 4.70
N ALA B 107 -46.94 -11.79 4.98
CA ALA B 107 -48.38 -11.46 5.05
C ALA B 107 -48.70 -10.34 6.08
N VAL B 108 -47.89 -10.17 7.16
CA VAL B 108 -48.11 -9.09 8.13
C VAL B 108 -48.03 -7.71 7.47
N THR B 109 -46.92 -7.42 6.78
CA THR B 109 -46.79 -6.13 6.11
C THR B 109 -47.82 -5.89 5.02
N ASN B 110 -48.12 -6.89 4.15
CA ASN B 110 -49.05 -6.68 3.06
C ASN B 110 -50.44 -6.45 3.63
N ALA B 111 -50.81 -7.19 4.65
CA ALA B 111 -52.12 -6.99 5.29
C ALA B 111 -52.24 -5.56 5.85
N GLY B 112 -51.21 -5.09 6.55
CA GLY B 112 -51.20 -3.70 7.03
C GLY B 112 -51.33 -2.74 5.86
N LYS B 113 -50.48 -2.89 4.87
CA LYS B 113 -50.46 -2.04 3.68
C LYS B 113 -51.83 -1.96 2.99
N TYR B 114 -52.46 -3.12 2.73
CA TYR B 114 -53.70 -3.12 1.96
C TYR B 114 -54.92 -2.74 2.81
N PHE B 115 -54.94 -3.04 4.10
CA PHE B 115 -56.10 -2.60 4.90
C PHE B 115 -56.03 -1.08 5.18
N LYS B 116 -54.82 -0.49 5.21
CA LYS B 116 -54.69 0.98 5.34
C LYS B 116 -55.18 1.62 4.04
N MET B 117 -54.85 1.02 2.87
CA MET B 117 -55.31 1.50 1.57
C MET B 117 -56.85 1.45 1.55
N ALA B 118 -57.43 0.37 2.07
CA ALA B 118 -58.89 0.22 2.10
C ALA B 118 -59.57 1.34 2.90
N VAL B 119 -59.02 1.67 4.09
CA VAL B 119 -59.55 2.74 4.95
C VAL B 119 -59.44 4.09 4.24
N GLU B 120 -58.29 4.35 3.58
CA GLU B 120 -58.04 5.62 2.89
C GLU B 120 -58.80 5.78 1.59
N ASP B 121 -58.76 4.76 0.71
CA ASP B 121 -59.38 4.81 -0.62
C ASP B 121 -60.80 4.30 -0.72
N TYR B 122 -61.19 3.30 0.09
CA TYR B 122 -62.54 2.69 0.06
C TYR B 122 -63.28 2.72 1.41
N PRO B 123 -63.39 3.90 2.06
CA PRO B 123 -64.12 3.94 3.35
C PRO B 123 -65.62 3.64 3.23
N PHE B 129 -63.29 -2.36 -2.56
CA PHE B 129 -61.94 -2.76 -2.13
C PHE B 129 -61.62 -4.19 -2.57
N LEU B 130 -62.55 -5.15 -2.30
CA LEU B 130 -62.36 -6.56 -2.62
C LEU B 130 -62.22 -6.84 -4.11
N SER B 131 -62.83 -5.99 -4.98
CA SER B 131 -62.71 -6.15 -6.43
C SER B 131 -61.33 -5.64 -6.87
N TRP B 132 -60.87 -4.47 -6.35
CA TRP B 132 -59.54 -3.96 -6.68
C TRP B 132 -58.49 -4.98 -6.23
N MET B 133 -58.67 -5.59 -5.03
CA MET B 133 -57.76 -6.60 -4.53
C MET B 133 -57.73 -7.85 -5.39
N LYS B 134 -58.90 -8.47 -5.66
CA LYS B 134 -58.95 -9.70 -6.46
C LYS B 134 -58.20 -9.54 -7.81
N LYS B 135 -58.43 -8.42 -8.50
CA LYS B 135 -57.83 -8.14 -9.80
C LYS B 135 -56.35 -7.76 -9.76
N ASN B 136 -55.95 -6.86 -8.83
CA ASN B 136 -54.56 -6.39 -8.74
C ASN B 136 -53.63 -7.22 -7.85
N VAL B 137 -54.14 -7.90 -6.80
CA VAL B 137 -53.32 -8.67 -5.85
C VAL B 137 -53.59 -10.19 -5.86
N GLY B 138 -54.86 -10.59 -5.91
CA GLY B 138 -55.29 -11.98 -5.86
C GLY B 138 -55.90 -12.25 -4.51
N PRO B 139 -55.45 -13.26 -3.73
CA PRO B 139 -56.04 -13.43 -2.38
C PRO B 139 -55.70 -12.21 -1.52
N VAL B 140 -56.63 -11.84 -0.65
CA VAL B 140 -56.46 -10.68 0.22
C VAL B 140 -55.51 -11.11 1.32
N PRO B 141 -54.30 -10.51 1.45
CA PRO B 141 -53.41 -10.89 2.57
C PRO B 141 -54.06 -10.58 3.92
N GLY B 142 -53.91 -11.53 4.83
CA GLY B 142 -54.49 -11.44 6.18
C GLY B 142 -55.82 -12.15 6.30
N ILE B 143 -56.45 -12.52 5.15
CA ILE B 143 -57.73 -13.20 5.09
C ILE B 143 -57.48 -14.63 4.58
N GLY B 144 -58.12 -15.59 5.24
CA GLY B 144 -58.05 -17.00 4.88
C GLY B 144 -57.03 -17.79 5.67
N HIS B 145 -57.38 -19.06 5.94
CA HIS B 145 -56.55 -20.03 6.66
C HIS B 145 -56.84 -21.45 6.18
N ARG B 146 -55.86 -22.36 6.31
CA ARG B 146 -55.99 -23.75 5.85
C ARG B 146 -56.88 -24.61 6.76
N VAL B 147 -56.69 -24.53 8.09
CA VAL B 147 -57.43 -25.36 9.08
C VAL B 147 -58.56 -24.61 9.83
N LYS B 148 -58.51 -23.27 9.91
CA LYS B 148 -59.48 -22.49 10.69
C LYS B 148 -60.66 -21.99 9.86
N SER B 149 -61.80 -21.75 10.55
CA SER B 149 -63.05 -21.29 9.90
C SER B 149 -64.01 -20.63 10.91
N PRO B 153 -61.79 -21.76 14.14
CA PRO B 153 -61.70 -20.52 14.93
C PRO B 153 -60.32 -20.35 15.56
N ASP B 154 -59.55 -19.32 15.13
CA ASP B 154 -58.22 -19.10 15.70
C ASP B 154 -58.38 -18.29 16.98
N GLN B 155 -58.06 -18.92 18.13
CA GLN B 155 -58.18 -18.29 19.43
C GLN B 155 -57.19 -17.13 19.64
N ARG B 156 -56.03 -17.12 18.94
CA ARG B 156 -55.10 -16.00 19.09
C ARG B 156 -55.69 -14.70 18.49
N VAL B 157 -56.43 -14.82 17.37
CA VAL B 157 -57.07 -13.67 16.75
C VAL B 157 -58.20 -13.21 17.68
N LYS B 158 -59.05 -14.13 18.11
CA LYS B 158 -60.20 -13.79 18.97
C LYS B 158 -59.73 -13.18 20.31
N TYR B 159 -58.62 -13.69 20.86
CA TYR B 159 -58.03 -13.13 22.07
C TYR B 159 -57.50 -11.70 21.80
N LEU B 160 -56.67 -11.54 20.74
CA LEU B 160 -56.06 -10.22 20.47
C LEU B 160 -57.07 -9.14 20.14
N VAL B 161 -58.09 -9.52 19.37
CA VAL B 161 -59.16 -8.61 18.99
C VAL B 161 -59.94 -8.20 20.22
N SER B 162 -60.30 -9.16 21.09
CA SER B 162 -61.05 -8.85 22.30
C SER B 162 -60.21 -8.03 23.27
N TYR B 163 -58.91 -8.34 23.37
CA TYR B 163 -58.03 -7.60 24.26
C TYR B 163 -57.98 -6.12 23.81
N ILE B 164 -57.70 -5.85 22.52
CA ILE B 164 -57.58 -4.47 22.05
C ILE B 164 -58.95 -3.74 22.09
N LYS B 165 -60.06 -4.39 21.72
CA LYS B 165 -61.38 -3.75 21.78
C LYS B 165 -61.93 -3.57 23.20
N ASN B 166 -61.70 -4.53 24.12
CA ASN B 166 -62.27 -4.49 25.48
C ASN B 166 -61.33 -4.00 26.61
N GLU B 167 -60.01 -4.24 26.52
CA GLU B 167 -59.04 -3.82 27.54
C GLU B 167 -58.24 -2.55 27.16
N THR B 168 -58.60 -1.88 26.03
CA THR B 168 -57.97 -0.61 25.63
C THR B 168 -59.03 0.32 25.03
N SER B 169 -58.68 1.59 24.83
CA SER B 169 -59.55 2.58 24.19
C SER B 169 -58.88 3.10 22.90
N LEU B 170 -57.92 2.34 22.36
CA LEU B 170 -57.22 2.76 21.16
C LEU B 170 -58.15 2.69 19.97
N HIS B 171 -58.02 3.65 19.04
CA HIS B 171 -58.82 3.65 17.81
C HIS B 171 -58.13 2.67 16.88
N THR B 172 -58.88 1.75 16.27
CA THR B 172 -58.28 0.73 15.39
C THR B 172 -59.04 0.70 14.07
N PRO B 173 -58.91 1.73 13.21
CA PRO B 173 -59.67 1.74 11.94
C PRO B 173 -59.30 0.60 10.96
N CYS B 174 -58.01 0.30 10.78
CA CYS B 174 -57.61 -0.80 9.88
C CYS B 174 -58.14 -2.14 10.39
N LEU B 175 -57.95 -2.45 11.70
CA LEU B 175 -58.48 -3.69 12.27
C LEU B 175 -60.01 -3.72 12.13
N ASP B 176 -60.70 -2.59 12.40
CA ASP B 176 -62.16 -2.52 12.27
C ASP B 176 -62.58 -2.85 10.85
N TYR B 177 -61.87 -2.26 9.87
CA TYR B 177 -62.15 -2.50 8.45
C TYR B 177 -61.96 -3.97 8.11
N ALA B 178 -60.85 -4.60 8.56
CA ALA B 178 -60.61 -6.03 8.33
C ALA B 178 -61.72 -6.88 8.92
N LEU B 179 -62.19 -6.54 10.12
CA LEU B 179 -63.28 -7.29 10.77
C LEU B 179 -64.57 -7.20 9.92
N GLU B 180 -64.86 -6.02 9.32
CA GLU B 180 -66.03 -5.82 8.44
C GLU B 180 -65.85 -6.64 7.13
N VAL B 181 -64.63 -6.74 6.64
CA VAL B 181 -64.27 -7.54 5.45
C VAL B 181 -64.37 -9.03 5.79
N GLU B 182 -63.91 -9.45 6.99
CA GLU B 182 -64.02 -10.85 7.40
C GLU B 182 -65.53 -11.14 7.48
N LEU B 192 -62.98 -17.94 4.73
CA LEU B 192 -62.09 -16.80 4.54
C LEU B 192 -62.12 -15.90 5.80
N ILE B 193 -61.47 -16.35 6.89
CA ILE B 193 -61.45 -15.67 8.18
C ILE B 193 -60.24 -14.76 8.31
N LEU B 194 -60.30 -13.79 9.23
CA LEU B 194 -59.19 -12.87 9.51
C LEU B 194 -58.13 -13.70 10.24
N ASN B 195 -56.90 -13.82 9.68
CA ASN B 195 -55.86 -14.65 10.29
C ASN B 195 -54.88 -13.84 11.19
N VAL B 196 -53.97 -14.54 11.90
CA VAL B 196 -53.07 -13.88 12.84
C VAL B 196 -52.22 -12.79 12.16
N ASP B 197 -51.80 -12.99 10.90
CA ASP B 197 -51.00 -11.98 10.21
C ASP B 197 -51.80 -10.76 9.91
N GLY B 198 -53.02 -10.95 9.45
CA GLY B 198 -53.91 -9.86 9.12
C GLY B 198 -54.24 -9.03 10.33
N THR B 199 -54.48 -9.71 11.45
CA THR B 199 -54.79 -9.06 12.72
C THR B 199 -53.60 -8.21 13.19
N ILE B 200 -52.39 -8.78 13.17
CA ILE B 200 -51.13 -8.09 13.59
C ILE B 200 -50.81 -6.92 12.65
N GLY B 201 -50.84 -7.16 11.35
CA GLY B 201 -50.59 -6.11 10.36
C GLY B 201 -51.51 -4.92 10.52
N CYS B 202 -52.82 -5.15 10.78
CA CYS B 202 -53.78 -4.07 10.99
C CYS B 202 -53.51 -3.35 12.24
N ILE B 203 -53.36 -4.11 13.32
CA ILE B 203 -53.09 -3.52 14.63
C ILE B 203 -51.87 -2.63 14.53
N LEU B 204 -50.77 -3.11 13.91
CA LEU B 204 -49.58 -2.29 13.85
C LEU B 204 -49.77 -1.00 13.08
N MET B 205 -50.54 -1.02 11.99
CA MET B 205 -50.80 0.23 11.26
C MET B 205 -51.62 1.17 12.15
N ASP B 206 -52.59 0.61 12.93
CA ASP B 206 -53.43 1.41 13.83
C ASP B 206 -52.63 1.99 14.98
N LEU B 207 -51.49 1.39 15.35
CA LEU B 207 -50.61 1.96 16.37
C LEU B 207 -49.66 3.03 15.75
N ASP B 208 -49.88 3.40 14.47
CA ASP B 208 -49.08 4.35 13.71
C ASP B 208 -47.61 3.94 13.57
N PHE B 209 -47.34 2.62 13.46
CA PHE B 209 -45.96 2.19 13.24
C PHE B 209 -45.67 2.42 11.76
N PRO B 210 -44.46 2.84 11.36
CA PRO B 210 -44.20 2.99 9.91
C PRO B 210 -44.30 1.66 9.18
N VAL B 211 -44.82 1.67 7.94
CA VAL B 211 -45.00 0.46 7.14
C VAL B 211 -43.69 -0.36 7.01
N HIS B 212 -42.53 0.32 6.95
CA HIS B 212 -41.18 -0.31 6.90
C HIS B 212 -40.90 -1.15 8.13
N SER B 213 -41.47 -0.76 9.27
CA SER B 213 -41.20 -1.45 10.51
C SER B 213 -42.02 -2.71 10.71
N LEU B 214 -43.13 -2.92 9.97
CA LEU B 214 -44.04 -4.01 10.29
C LEU B 214 -43.36 -5.39 10.37
N ASN B 215 -42.46 -5.73 9.42
N ASN B 215 -42.45 -5.69 9.43
CA ASN B 215 -41.75 -7.03 9.47
CA ASN B 215 -41.75 -6.97 9.41
C ASN B 215 -40.87 -7.20 10.68
C ASN B 215 -40.85 -7.19 10.64
N GLY B 216 -40.48 -6.12 11.34
CA GLY B 216 -39.65 -6.20 12.53
C GLY B 216 -40.24 -7.02 13.63
N PHE B 217 -41.55 -6.95 13.79
CA PHE B 217 -42.19 -7.69 14.85
C PHE B 217 -42.04 -9.20 14.64
N PHE B 218 -42.24 -9.67 13.42
CA PHE B 218 -42.07 -11.08 13.09
C PHE B 218 -40.60 -11.50 13.18
N VAL B 219 -39.69 -10.68 12.63
CA VAL B 219 -38.26 -11.02 12.64
C VAL B 219 -37.79 -11.14 14.10
N LEU B 220 -38.12 -10.16 14.92
CA LEU B 220 -37.67 -10.20 16.31
C LEU B 220 -38.28 -11.35 17.09
N ALA B 221 -39.59 -11.49 17.02
CA ALA B 221 -40.25 -12.57 17.74
C ALA B 221 -39.72 -13.92 17.34
N ARG B 222 -39.59 -14.20 16.00
CA ARG B 222 -39.13 -15.51 15.54
C ARG B 222 -37.67 -15.76 15.87
N THR B 223 -36.89 -14.71 16.13
CA THR B 223 -35.52 -14.89 16.62
C THR B 223 -35.54 -15.57 18.01
N ILE B 224 -36.56 -15.29 18.83
CA ILE B 224 -36.69 -16.00 20.13
C ILE B 224 -36.81 -17.50 19.86
N GLY B 225 -37.71 -17.91 18.96
CA GLY B 225 -37.86 -19.33 18.64
C GLY B 225 -36.60 -19.92 18.00
N MET B 226 -35.96 -19.18 17.08
CA MET B 226 -34.79 -19.70 16.37
C MET B 226 -33.63 -19.93 17.33
N ILE B 227 -33.43 -19.01 18.26
CA ILE B 227 -32.44 -19.20 19.31
C ILE B 227 -32.80 -20.45 20.12
N GLY B 228 -34.07 -20.59 20.47
CA GLY B 228 -34.49 -21.76 21.25
C GLY B 228 -34.22 -23.06 20.54
N HIS B 229 -34.47 -23.10 19.24
CA HIS B 229 -34.22 -24.34 18.50
C HIS B 229 -32.72 -24.63 18.45
N TRP B 230 -31.89 -23.60 18.27
CA TRP B 230 -30.43 -23.80 18.24
C TRP B 230 -30.00 -24.41 19.59
N ILE B 231 -30.48 -23.81 20.69
CA ILE B 231 -30.16 -24.30 22.03
C ILE B 231 -30.62 -25.75 22.17
N ASP B 232 -31.85 -26.03 21.77
CA ASP B 232 -32.43 -27.37 21.88
C ASP B 232 -31.56 -28.43 21.14
N GLN B 233 -31.12 -28.10 19.94
CA GLN B 233 -30.29 -29.05 19.19
C GLN B 233 -28.89 -29.20 19.83
N ASN B 234 -28.31 -28.12 20.35
CA ASN B 234 -27.04 -28.15 21.05
C ASN B 234 -27.14 -28.95 22.35
N ASN B 235 -28.24 -28.80 23.11
CA ASN B 235 -28.41 -29.55 24.35
C ASN B 235 -28.44 -31.06 24.05
N GLN B 236 -29.01 -31.44 22.92
CA GLN B 236 -29.12 -32.84 22.52
C GLN B 236 -27.87 -33.38 21.81
N ASN B 237 -26.84 -32.52 21.58
CA ASN B 237 -25.66 -32.86 20.83
C ASN B 237 -26.05 -33.48 19.48
N SER B 238 -27.06 -32.87 18.81
CA SER B 238 -27.52 -33.37 17.52
C SER B 238 -26.39 -33.46 16.46
N ARG B 239 -26.47 -34.48 15.64
CA ARG B 239 -25.51 -34.72 14.56
C ARG B 239 -25.96 -33.99 13.28
N LEU B 240 -25.03 -33.87 12.34
CA LEU B 240 -25.25 -33.32 11.03
C LEU B 240 -26.46 -33.93 10.34
N ILE B 241 -27.28 -33.08 9.71
CA ILE B 241 -28.43 -33.55 8.96
C ILE B 241 -28.04 -33.81 7.51
N ARG B 242 -28.46 -34.95 6.99
CA ARG B 242 -28.34 -35.27 5.58
C ARG B 242 -29.70 -35.84 5.19
N LEU B 243 -30.41 -35.22 4.25
CA LEU B 243 -31.75 -35.73 3.92
C LEU B 243 -31.67 -37.15 3.40
N TYR B 244 -32.64 -37.97 3.76
CA TYR B 244 -32.73 -39.35 3.26
C TYR B 244 -32.95 -39.33 1.77
N ASP B 245 -32.39 -40.31 1.08
CA ASP B 245 -32.47 -40.38 -0.37
C ASP B 245 -33.91 -40.36 -0.90
N TYR B 246 -34.81 -41.05 -0.21
CA TYR B 246 -36.21 -41.16 -0.65
C TYR B 246 -37.00 -39.85 -0.52
N LEU B 247 -36.43 -38.83 0.14
CA LEU B 247 -37.05 -37.51 0.22
C LEU B 247 -36.74 -36.67 -0.98
N ILE B 248 -35.86 -37.15 -1.91
CA ILE B 248 -35.46 -36.37 -3.06
C ILE B 248 -35.98 -37.10 -4.30
N ASN B 249 -36.54 -36.33 -5.22
CA ASN B 249 -36.87 -36.82 -6.56
C ASN B 249 -35.71 -36.42 -7.46
N TYR B 250 -34.83 -37.37 -7.79
CA TYR B 250 -33.70 -37.11 -8.68
C TYR B 250 -34.17 -37.16 -10.11
N ALA B 251 -34.73 -36.05 -10.59
CA ALA B 251 -35.23 -35.93 -11.97
C ALA B 251 -34.09 -35.40 -12.85
N VAL B 252 -33.05 -36.20 -12.88
CA VAL B 252 -31.77 -35.83 -13.46
C VAL B 252 -31.62 -36.34 -14.85
N LYS B 253 -30.61 -35.83 -15.56
CA LYS B 253 -30.31 -36.30 -16.89
C LYS B 253 -29.76 -37.74 -16.80
N PRO B 254 -29.98 -38.58 -17.84
CA PRO B 254 -29.31 -39.89 -17.85
C PRO B 254 -27.77 -39.72 -17.90
N GLU B 255 -27.05 -40.70 -17.32
CA GLU B 255 -25.60 -40.69 -17.32
C GLU B 255 -25.08 -40.65 -18.75
N GLN B 256 -24.07 -39.80 -19.00
CA GLN B 256 -23.49 -39.66 -20.31
C GLN B 256 -22.02 -39.52 -20.18
N GLU B 257 -21.30 -40.01 -21.19
CA GLU B 257 -19.85 -39.87 -21.22
C GLU B 257 -19.49 -38.46 -21.67
N VAL B 258 -18.39 -37.96 -21.17
CA VAL B 258 -17.89 -36.62 -21.53
C VAL B 258 -17.25 -36.71 -22.92
N PRO B 259 -17.66 -35.89 -23.87
CA PRO B 259 -17.01 -35.93 -25.20
C PRO B 259 -15.59 -35.39 -25.16
N GLU B 260 -14.73 -35.86 -26.07
CA GLU B 260 -13.38 -35.30 -26.15
C GLU B 260 -13.46 -33.85 -26.58
N LYS B 261 -12.55 -33.04 -26.06
CA LYS B 261 -12.51 -31.59 -26.27
C LYS B 261 -11.89 -31.21 -27.61
N GLY C 1 61.52 15.69 -11.54
CA GLY C 1 62.81 15.81 -10.85
C GLY C 1 62.66 15.81 -9.34
N SER C 2 63.77 16.09 -8.64
CA SER C 2 63.78 16.13 -7.17
C SER C 2 63.23 17.47 -6.70
N HIS C 3 62.38 17.45 -5.69
CA HIS C 3 61.79 18.69 -5.16
C HIS C 3 61.80 18.67 -3.64
N MET C 4 61.81 19.87 -3.08
CA MET C 4 61.63 20.11 -1.66
C MET C 4 60.11 20.21 -1.54
N VAL C 5 59.43 19.16 -1.03
CA VAL C 5 58.00 19.14 -0.98
C VAL C 5 57.45 19.70 0.30
N GLU C 6 56.42 20.51 0.19
CA GLU C 6 55.63 20.94 1.34
C GLU C 6 54.35 20.13 1.21
N PRO C 7 53.87 19.49 2.28
CA PRO C 7 52.65 18.69 2.15
C PRO C 7 51.49 19.51 1.61
N LEU C 8 50.66 18.89 0.75
CA LEU C 8 49.49 19.54 0.16
C LEU C 8 48.35 19.55 1.18
N ILE C 9 48.26 18.47 2.02
CA ILE C 9 47.21 18.28 3.01
C ILE C 9 47.81 17.87 4.33
N ARG C 10 47.22 18.37 5.41
CA ARG C 10 47.56 17.93 6.76
C ARG C 10 46.32 17.22 7.33
N THR C 11 46.49 15.98 7.79
CA THR C 11 45.38 15.18 8.38
C THR C 11 45.73 14.79 9.78
N THR C 12 44.73 14.79 10.66
CA THR C 12 44.97 14.36 12.04
C THR C 12 44.11 13.15 12.46
N ILE C 13 43.12 12.73 11.67
CA ILE C 13 42.13 11.77 12.16
C ILE C 13 42.39 10.33 11.86
N SER C 14 43.11 10.04 10.79
CA SER C 14 43.25 8.65 10.40
C SER C 14 44.52 8.41 9.64
N ASP C 15 45.01 7.19 9.74
CA ASP C 15 46.25 6.76 9.08
C ASP C 15 45.97 5.46 8.38
N ASP C 16 46.11 5.45 7.06
CA ASP C 16 45.85 4.27 6.22
C ASP C 16 47.12 3.55 5.80
N ARG C 17 48.28 4.02 6.18
CA ARG C 17 49.53 3.49 5.64
C ARG C 17 49.94 2.10 6.08
N GLY C 18 49.43 1.65 7.21
CA GLY C 18 49.79 0.35 7.76
C GLY C 18 48.86 -0.76 7.32
N GLU C 19 48.88 -1.83 8.06
CA GLU C 19 48.15 -3.02 7.62
C GLU C 19 46.65 -2.81 7.52
N GLU C 20 46.13 -1.85 8.27
CA GLU C 20 44.74 -1.47 8.21
C GLU C 20 44.58 -0.07 8.75
N PRO C 21 43.42 0.57 8.52
CA PRO C 21 43.27 1.94 8.98
C PRO C 21 43.27 2.06 10.49
N ARG C 22 43.83 3.17 10.91
CA ARG C 22 43.91 3.58 12.31
C ARG C 22 43.06 4.83 12.47
N TYR C 23 41.99 4.74 13.25
CA TYR C 23 41.07 5.84 13.51
C TYR C 23 41.46 6.45 14.85
N ALA C 24 42.01 7.68 14.83
CA ALA C 24 42.45 8.34 16.05
C ALA C 24 43.39 7.40 16.89
N GLY C 25 44.28 6.69 16.16
CA GLY C 25 45.27 5.77 16.71
C GLY C 25 44.86 4.31 16.89
N TYR C 26 43.55 4.02 16.74
CA TYR C 26 43.06 2.67 17.00
C TYR C 26 42.82 1.86 15.72
N ALA C 27 43.26 0.59 15.70
CA ALA C 27 43.05 -0.28 14.53
C ALA C 27 41.54 -0.59 14.37
N ALA C 28 41.02 -0.38 13.17
CA ALA C 28 39.61 -0.64 12.86
C ALA C 28 39.16 -2.05 13.26
N SER C 29 39.94 -3.10 12.94
CA SER C 29 39.56 -4.47 13.28
C SER C 29 39.58 -4.77 14.75
N GLU C 30 40.40 -4.05 15.52
CA GLU C 30 40.48 -4.24 16.97
C GLU C 30 39.23 -3.58 17.61
N LEU C 31 38.75 -2.45 17.05
CA LEU C 31 37.49 -1.89 17.53
C LEU C 31 36.38 -2.92 17.31
N CYS C 32 36.38 -3.58 16.16
CA CYS C 32 35.39 -4.64 15.87
C CYS C 32 35.51 -5.78 16.87
N SER C 33 36.74 -6.32 17.04
CA SER C 33 36.98 -7.46 17.91
C SER C 33 36.61 -7.22 19.34
N LYS C 34 36.83 -6.00 19.84
CA LYS C 34 36.58 -5.68 21.24
C LYS C 34 35.15 -5.19 21.52
N GLY C 35 34.26 -5.33 20.54
CA GLY C 35 32.83 -5.07 20.71
C GLY C 35 32.35 -3.65 20.57
N TYR C 36 33.18 -2.76 20.01
CA TYR C 36 32.75 -1.39 19.74
C TYR C 36 31.86 -1.35 18.52
N GLY C 37 31.18 -0.24 18.33
CA GLY C 37 30.22 -0.07 17.25
C GLY C 37 30.45 1.08 16.32
N ILE C 38 29.49 1.23 15.42
CA ILE C 38 29.50 2.34 14.44
C ILE C 38 29.58 3.67 15.15
N GLU C 39 28.82 3.82 16.24
CA GLU C 39 28.82 5.03 17.01
C GLU C 39 30.17 5.36 17.62
N ASP C 40 30.99 4.35 17.94
CA ASP C 40 32.34 4.55 18.43
C ASP C 40 33.28 5.06 17.33
N VAL C 41 33.12 4.56 16.12
CA VAL C 41 33.91 5.01 14.96
C VAL C 41 33.55 6.46 14.62
N ILE C 42 32.26 6.80 14.74
CA ILE C 42 31.83 8.18 14.53
C ILE C 42 32.59 9.13 15.52
N GLY C 43 32.59 8.80 16.80
CA GLY C 43 33.31 9.61 17.80
C GLY C 43 34.79 9.70 17.52
N LEU C 44 35.43 8.58 17.14
CA LEU C 44 36.87 8.64 16.82
C LEU C 44 37.15 9.54 15.61
N LEU C 45 36.40 9.38 14.51
CA LEU C 45 36.70 10.11 13.31
C LEU C 45 36.27 11.56 13.33
N TRP C 46 35.25 11.90 14.13
CA TRP C 46 34.69 13.26 14.17
C TRP C 46 35.20 14.04 15.39
N ASN C 47 35.60 13.36 16.45
CA ASN C 47 36.02 14.00 17.71
C ASN C 47 37.38 13.52 18.23
N LYS C 48 38.01 12.55 17.57
CA LYS C 48 39.32 11.99 17.93
C LYS C 48 39.39 11.43 19.35
N LYS C 49 38.25 10.96 19.84
CA LYS C 49 38.11 10.40 21.18
C LYS C 49 37.14 9.25 21.13
N LEU C 50 37.49 8.18 21.85
CA LEU C 50 36.61 7.04 21.97
C LEU C 50 35.46 7.49 22.90
N PRO C 51 34.20 7.43 22.47
CA PRO C 51 33.12 7.87 23.36
C PRO C 51 33.04 7.06 24.62
N THR C 52 32.52 7.67 25.66
CA THR C 52 32.21 6.88 26.85
C THR C 52 30.98 6.03 26.48
N ARG C 53 30.68 5.00 27.30
CA ARG C 53 29.51 4.15 27.04
C ARG C 53 28.25 4.98 26.91
N GLU C 54 28.04 5.94 27.84
CA GLU C 54 26.84 6.78 27.80
C GLU C 54 26.79 7.69 26.56
N GLU C 55 27.94 8.25 26.13
CA GLU C 55 28.01 9.09 24.94
C GLU C 55 27.69 8.21 23.73
N SER C 56 28.24 7.00 23.71
CA SER C 56 28.00 6.06 22.61
C SER C 56 26.51 5.73 22.46
N GLU C 57 25.84 5.48 23.60
CA GLU C 57 24.39 5.17 23.59
C GLU C 57 23.58 6.35 23.01
N ILE C 58 24.00 7.58 23.30
CA ILE C 58 23.31 8.79 22.81
C ILE C 58 23.53 8.96 21.30
N ILE C 59 24.78 8.82 20.84
CA ILE C 59 25.10 8.93 19.41
C ILE C 59 24.26 7.93 18.61
N LYS C 60 24.22 6.69 19.09
CA LYS C 60 23.45 5.63 18.42
C LYS C 60 21.99 6.07 18.24
N ARG C 61 21.39 6.58 19.31
CA ARG C 61 19.97 6.98 19.27
C ARG C 61 19.69 8.18 18.34
N ILE C 62 20.59 9.15 18.34
CA ILE C 62 20.48 10.32 17.47
C ILE C 62 20.46 9.86 15.99
N VAL C 63 21.40 8.98 15.65
CA VAL C 63 21.45 8.50 14.28
C VAL C 63 20.19 7.72 13.92
N MET C 64 19.77 6.81 14.79
CA MET C 64 18.60 5.98 14.51
C MET C 64 17.34 6.86 14.32
N ILE C 65 17.15 7.82 15.19
CA ILE C 65 15.96 8.69 15.14
C ILE C 65 15.97 9.60 13.90
N SER C 66 17.16 9.96 13.42
CA SER C 66 17.31 10.86 12.27
C SER C 66 17.43 10.18 10.90
N ALA C 67 17.34 8.85 10.85
CA ALA C 67 17.67 8.11 9.66
C ALA C 67 16.78 8.39 8.45
N ASP C 68 15.50 8.64 8.64
CA ASP C 68 14.59 8.90 7.49
C ASP C 68 13.35 9.57 7.97
N HIS C 69 12.69 10.34 7.07
CA HIS C 69 11.43 11.01 7.40
C HIS C 69 10.46 10.86 6.24
N GLY C 70 10.57 9.76 5.51
CA GLY C 70 9.69 9.50 4.39
C GLY C 70 10.15 10.12 3.08
N PRO C 71 9.51 9.73 2.00
CA PRO C 71 9.97 10.13 0.66
C PRO C 71 9.64 11.53 0.21
N ALA C 72 8.81 12.24 0.96
CA ALA C 72 8.31 13.55 0.49
C ALA C 72 9.29 14.68 0.67
N VAL C 73 10.23 14.54 1.61
CA VAL C 73 11.14 15.58 1.98
C VAL C 73 12.31 15.66 1.03
N SER C 74 12.92 16.84 0.96
CA SER C 74 13.91 17.16 -0.08
C SER C 74 15.06 16.18 -0.25
N GLY C 75 15.64 15.69 0.81
CA GLY C 75 16.81 14.83 0.68
C GLY C 75 16.43 13.50 0.07
N ALA C 76 15.43 12.85 0.64
CA ALA C 76 14.94 11.59 0.09
C ALA C 76 14.44 11.79 -1.31
N PHE C 77 13.66 12.84 -1.55
CA PHE C 77 13.07 13.06 -2.86
C PHE C 77 14.13 13.30 -3.94
N GLY C 78 15.19 14.03 -3.62
CA GLY C 78 16.32 14.23 -4.52
C GLY C 78 16.94 12.91 -4.94
N SER C 79 17.13 12.02 -3.97
N SER C 79 17.14 12.02 -3.96
CA SER C 79 17.68 10.68 -4.22
CA SER C 79 17.68 10.67 -4.22
C SER C 79 16.72 9.84 -5.08
C SER C 79 16.71 9.86 -5.11
N ILE C 80 15.42 9.96 -4.83
CA ILE C 80 14.40 9.27 -5.64
C ILE C 80 14.38 9.82 -7.07
N LEU C 81 14.45 11.12 -7.22
CA LEU C 81 14.48 11.72 -8.56
C LEU C 81 15.66 11.22 -9.38
N ALA C 82 16.83 11.16 -8.77
CA ALA C 82 18.05 10.67 -9.44
C ALA C 82 17.93 9.14 -9.68
N ALA C 83 17.37 8.40 -8.72
CA ALA C 83 17.19 6.98 -8.91
C ALA C 83 16.29 6.72 -10.14
N CYS C 84 15.21 7.49 -10.27
CA CYS C 84 14.28 7.32 -11.40
C CYS C 84 14.89 7.75 -12.72
N ALA C 85 15.87 8.66 -12.67
CA ALA C 85 16.62 9.08 -13.86
C ALA C 85 17.71 8.07 -14.24
N GLY C 86 17.83 6.95 -13.51
CA GLY C 86 18.79 5.90 -13.84
C GLY C 86 20.19 6.16 -13.34
N ILE C 87 20.36 7.07 -12.39
CA ILE C 87 21.65 7.47 -11.90
C ILE C 87 22.08 6.44 -10.83
N ASP C 88 23.38 6.12 -10.79
N ASP C 88 23.38 6.14 -10.78
CA ASP C 88 23.93 5.14 -9.84
CA ASP C 88 23.87 5.15 -9.83
C ASP C 88 23.79 5.65 -8.41
C ASP C 88 23.80 5.66 -8.40
N MET C 89 23.78 4.73 -7.44
CA MET C 89 23.53 5.07 -6.05
C MET C 89 24.37 6.20 -5.48
N PRO C 90 25.69 6.16 -5.56
CA PRO C 90 26.46 7.20 -4.85
C PRO C 90 26.17 8.60 -5.37
N GLN C 91 26.03 8.70 -6.70
CA GLN C 91 25.78 9.99 -7.34
C GLN C 91 24.34 10.43 -7.00
N ALA C 92 23.39 9.52 -7.02
CA ALA C 92 22.01 9.86 -6.67
C ALA C 92 21.91 10.34 -5.22
N VAL C 93 22.54 9.61 -4.29
CA VAL C 93 22.51 10.02 -2.89
C VAL C 93 23.20 11.37 -2.72
N SER C 94 24.27 11.63 -3.47
CA SER C 94 24.96 12.91 -3.42
C SER C 94 24.03 14.08 -3.76
N ALA C 95 23.10 13.87 -4.71
CA ALA C 95 22.11 14.90 -5.07
C ALA C 95 21.15 15.16 -3.91
N GLY C 96 20.69 14.10 -3.26
CA GLY C 96 19.82 14.27 -2.10
C GLY C 96 20.56 14.99 -0.98
N MET C 97 21.83 14.61 -0.74
CA MET C 97 22.65 15.21 0.34
C MET C 97 22.83 16.70 0.15
N THR C 98 22.93 17.13 -1.12
CA THR C 98 23.07 18.54 -1.51
C THR C 98 21.90 19.38 -0.98
N MET C 99 20.72 18.78 -0.76
CA MET C 99 19.56 19.51 -0.22
C MET C 99 19.72 19.92 1.24
N ILE C 100 20.64 19.27 1.98
CA ILE C 100 20.81 19.49 3.40
C ILE C 100 21.46 20.82 3.65
N GLY C 101 20.81 21.64 4.44
CA GLY C 101 21.31 22.98 4.61
C GLY C 101 20.44 23.77 5.55
N PRO C 102 20.28 25.09 5.34
CA PRO C 102 19.58 25.90 6.34
C PRO C 102 18.12 25.57 6.57
N ARG C 103 17.45 25.11 5.55
CA ARG C 103 16.02 24.79 5.63
C ARG C 103 15.73 23.35 5.87
N PHE C 104 16.60 22.46 5.49
CA PHE C 104 16.39 21.03 5.62
C PHE C 104 17.58 20.44 6.41
N GLY C 105 17.41 20.23 7.71
CA GLY C 105 18.44 19.75 8.63
C GLY C 105 19.16 20.79 9.48
N GLY C 106 19.18 22.05 9.00
CA GLY C 106 19.91 23.13 9.66
C GLY C 106 19.43 23.56 11.02
N ALA C 107 18.15 23.26 11.38
CA ALA C 107 17.62 23.63 12.69
C ALA C 107 18.35 22.93 13.84
N VAL C 108 19.04 21.78 13.60
CA VAL C 108 19.81 21.06 14.64
C VAL C 108 20.96 21.95 15.11
N THR C 109 21.83 22.37 14.17
CA THR C 109 22.99 23.22 14.48
C THR C 109 22.58 24.61 14.97
N ASN C 110 21.48 25.19 14.42
CA ASN C 110 21.02 26.53 14.83
C ASN C 110 20.51 26.46 16.26
N ALA C 111 19.72 25.43 16.59
CA ALA C 111 19.25 25.27 17.97
C ALA C 111 20.41 25.11 18.96
N GLY C 112 21.41 24.31 18.60
CA GLY C 112 22.59 24.11 19.44
C GLY C 112 23.35 25.39 19.73
N LYS C 113 23.62 26.15 18.67
CA LYS C 113 24.34 27.43 18.77
C LYS C 113 23.60 28.46 19.65
N TYR C 114 22.27 28.59 19.48
CA TYR C 114 21.48 29.58 20.21
C TYR C 114 21.15 29.17 21.64
N PHE C 115 20.83 27.88 21.90
CA PHE C 115 20.57 27.45 23.28
C PHE C 115 21.89 27.49 24.09
N LYS C 116 23.06 27.28 23.41
CA LYS C 116 24.38 27.44 24.05
C LYS C 116 24.60 28.94 24.35
N MET C 117 24.24 29.83 23.40
CA MET C 117 24.36 31.29 23.60
C MET C 117 23.48 31.76 24.78
N ALA C 118 22.30 31.13 24.96
CA ALA C 118 21.37 31.46 26.04
C ALA C 118 21.92 31.02 27.39
N VAL C 119 22.53 29.81 27.47
CA VAL C 119 23.12 29.31 28.73
C VAL C 119 24.23 30.27 29.19
N GLU C 120 25.06 30.75 28.25
CA GLU C 120 26.16 31.67 28.54
C GLU C 120 25.71 33.10 28.81
N ASP C 121 24.85 33.68 27.94
CA ASP C 121 24.42 35.09 28.04
C ASP C 121 23.15 35.35 28.87
N TYR C 122 22.18 34.42 28.90
CA TYR C 122 20.92 34.56 29.65
C TYR C 122 20.71 33.34 30.60
N PRO C 123 21.69 32.98 31.46
CA PRO C 123 21.54 31.76 32.29
C PRO C 123 20.26 31.61 33.13
N ASN C 124 19.73 32.72 33.66
CA ASN C 124 18.50 32.72 34.45
C ASN C 124 17.56 33.83 33.92
N ASP C 125 17.44 33.95 32.59
CA ASP C 125 16.63 35.01 31.96
C ASP C 125 16.03 34.55 30.62
N ILE C 126 15.07 33.62 30.69
CA ILE C 126 14.37 33.10 29.51
C ILE C 126 13.60 34.23 28.81
N PRO C 127 12.86 35.12 29.51
CA PRO C 127 12.20 36.24 28.80
C PRO C 127 13.16 37.09 27.95
N GLY C 128 14.36 37.35 28.48
CA GLY C 128 15.40 38.11 27.78
C GLY C 128 15.92 37.38 26.55
N PHE C 129 16.12 36.05 26.68
CA PHE C 129 16.56 35.21 25.56
C PHE C 129 15.48 35.22 24.48
N LEU C 130 14.21 35.00 24.86
CA LEU C 130 13.09 35.01 23.92
C LEU C 130 12.86 36.41 23.32
N SER C 131 13.13 37.50 24.08
CA SER C 131 13.00 38.86 23.54
C SER C 131 14.08 39.11 22.48
N TRP C 132 15.34 38.79 22.78
CA TRP C 132 16.47 38.97 21.86
C TRP C 132 16.28 38.17 20.56
N MET C 133 15.85 36.89 20.68
CA MET C 133 15.64 36.03 19.53
C MET C 133 14.56 36.59 18.59
N LYS C 134 13.41 37.02 19.13
CA LYS C 134 12.34 37.61 18.31
C LYS C 134 12.82 38.88 17.56
N LYS C 135 13.74 39.65 18.17
CA LYS C 135 14.29 40.88 17.59
C LYS C 135 15.39 40.60 16.55
N ASN C 136 16.38 39.76 16.89
CA ASN C 136 17.55 39.49 16.04
C ASN C 136 17.54 38.20 15.19
N VAL C 137 16.61 37.25 15.44
CA VAL C 137 16.61 35.95 14.72
C VAL C 137 15.25 35.56 14.10
N GLY C 138 14.17 35.69 14.86
CA GLY C 138 12.82 35.34 14.44
C GLY C 138 12.32 34.15 15.24
N PRO C 139 11.81 33.06 14.61
CA PRO C 139 11.37 31.91 15.39
C PRO C 139 12.59 31.20 16.00
N VAL C 140 12.49 30.80 17.27
CA VAL C 140 13.58 30.15 17.98
C VAL C 140 13.85 28.80 17.31
N PRO C 141 15.03 28.57 16.68
CA PRO C 141 15.32 27.23 16.10
C PRO C 141 15.22 26.12 17.15
N GLY C 142 14.62 25.00 16.77
CA GLY C 142 14.41 23.89 17.70
C GLY C 142 13.09 23.97 18.47
N ILE C 143 12.29 25.05 18.27
CA ILE C 143 10.98 25.20 18.92
C ILE C 143 9.92 25.23 17.80
N GLY C 144 8.77 24.62 18.07
CA GLY C 144 7.65 24.61 17.13
C GLY C 144 7.51 23.34 16.31
N HIS C 145 6.25 22.96 16.05
CA HIS C 145 5.91 21.81 15.22
C HIS C 145 4.53 22.01 14.62
N ARG C 146 4.34 21.58 13.35
CA ARG C 146 3.06 21.73 12.65
C ARG C 146 1.95 20.89 13.28
N VAL C 147 2.17 19.56 13.38
CA VAL C 147 1.18 18.61 13.91
C VAL C 147 1.33 18.37 15.42
N LYS C 148 2.57 18.24 15.95
CA LYS C 148 2.78 17.98 17.39
C LYS C 148 2.53 19.21 18.26
N SER C 149 2.27 18.97 19.57
CA SER C 149 1.94 20.00 20.57
C SER C 149 1.93 19.40 22.00
N VAL C 150 1.45 20.17 23.00
CA VAL C 150 1.31 19.67 24.38
C VAL C 150 0.27 18.52 24.46
N LYS C 151 -0.82 18.61 23.67
CA LYS C 151 -1.87 17.59 23.64
C LYS C 151 -1.43 16.31 22.91
N ASN C 152 -0.63 16.45 21.82
CA ASN C 152 -0.11 15.34 21.02
C ASN C 152 1.43 15.44 21.04
N PRO C 153 2.10 14.86 22.06
CA PRO C 153 3.57 15.02 22.14
C PRO C 153 4.34 14.26 21.07
N ASP C 154 5.57 14.71 20.84
CA ASP C 154 6.51 14.03 19.95
C ASP C 154 7.17 12.97 20.85
N GLN C 155 6.83 11.68 20.63
CA GLN C 155 7.35 10.60 21.45
C GLN C 155 8.84 10.38 21.29
N ARG C 156 9.45 10.83 20.16
CA ARG C 156 10.90 10.70 19.98
C ARG C 156 11.61 11.64 20.95
N VAL C 157 11.07 12.86 21.12
CA VAL C 157 11.62 13.85 22.04
C VAL C 157 11.45 13.35 23.47
N LYS C 158 10.23 12.94 23.84
CA LYS C 158 9.96 12.42 25.19
C LYS C 158 10.89 11.24 25.49
N TYR C 159 11.05 10.33 24.52
CA TYR C 159 11.94 9.19 24.68
C TYR C 159 13.39 9.63 24.90
N LEU C 160 13.91 10.52 24.02
CA LEU C 160 15.33 10.94 24.11
C LEU C 160 15.66 11.69 25.39
N VAL C 161 14.80 12.64 25.77
CA VAL C 161 14.97 13.42 27.00
C VAL C 161 14.87 12.47 28.20
N SER C 162 13.91 11.53 28.18
CA SER C 162 13.80 10.57 29.27
C SER C 162 15.03 9.67 29.34
N TYR C 163 15.57 9.25 28.19
CA TYR C 163 16.74 8.39 28.19
C TYR C 163 17.93 9.11 28.80
N ILE C 164 18.23 10.30 28.31
CA ILE C 164 19.43 11.00 28.75
C ILE C 164 19.32 11.42 30.23
N LYS C 165 18.11 11.66 30.74
CA LYS C 165 17.88 11.98 32.15
C LYS C 165 17.86 10.75 33.08
N ASN C 166 17.28 9.61 32.64
CA ASN C 166 17.13 8.42 33.50
C ASN C 166 18.10 7.25 33.24
N GLU C 167 18.85 7.24 32.11
CA GLU C 167 19.82 6.17 31.80
C GLU C 167 21.28 6.68 31.64
N THR C 168 21.54 7.97 31.90
CA THR C 168 22.91 8.51 31.92
C THR C 168 23.03 9.49 33.09
N SER C 169 24.28 9.85 33.44
CA SER C 169 24.58 10.87 34.45
C SER C 169 25.19 12.08 33.75
N LEU C 170 24.95 12.23 32.44
CA LEU C 170 25.51 13.35 31.68
C LEU C 170 24.83 14.67 32.09
N HIS C 171 25.63 15.74 32.19
CA HIS C 171 25.17 17.08 32.53
C HIS C 171 24.70 17.67 31.22
N THR C 172 23.44 18.13 31.14
CA THR C 172 22.89 18.64 29.89
C THR C 172 22.37 20.07 30.05
N PRO C 173 23.28 21.05 30.24
CA PRO C 173 22.82 22.45 30.45
C PRO C 173 22.03 23.04 29.27
N CYS C 174 22.44 22.81 28.01
CA CYS C 174 21.68 23.32 26.86
C CYS C 174 20.30 22.69 26.78
N LEU C 175 20.22 21.35 26.92
CA LEU C 175 18.93 20.65 26.87
C LEU C 175 18.06 21.10 28.03
N ASP C 176 18.64 21.26 29.24
CA ASP C 176 17.89 21.71 30.43
C ASP C 176 17.28 23.10 30.18
N TYR C 177 18.05 24.00 29.57
CA TYR C 177 17.60 25.35 29.24
C TYR C 177 16.46 25.27 28.19
N ALA C 178 16.61 24.40 27.19
CA ALA C 178 15.58 24.25 26.16
C ALA C 178 14.27 23.68 26.73
N LEU C 179 14.35 22.83 27.76
CA LEU C 179 13.15 22.30 28.42
C LEU C 179 12.47 23.41 29.22
N GLU C 180 13.26 24.28 29.87
CA GLU C 180 12.71 25.45 30.58
C GLU C 180 12.11 26.45 29.59
N VAL C 181 12.73 26.61 28.41
CA VAL C 181 12.20 27.49 27.35
C VAL C 181 10.87 26.92 26.86
N GLU C 182 10.81 25.57 26.63
CA GLU C 182 9.58 24.88 26.21
C GLU C 182 8.42 25.15 27.19
N LYS C 183 8.67 25.20 28.51
CA LYS C 183 7.59 25.49 29.48
C LYS C 183 6.98 26.86 29.26
N VAL C 184 7.81 27.86 28.89
CA VAL C 184 7.36 29.22 28.64
C VAL C 184 6.66 29.34 27.29
N THR C 185 7.24 28.77 26.22
CA THR C 185 6.68 28.86 24.87
C THR C 185 5.39 28.05 24.72
N THR C 186 5.29 26.85 25.33
CA THR C 186 4.06 26.04 25.26
C THR C 186 2.90 26.71 26.00
N ALA C 187 3.18 27.52 27.04
CA ALA C 187 2.15 28.24 27.79
C ALA C 187 1.51 29.34 26.92
N LYS C 188 2.29 29.94 25.98
CA LYS C 188 1.77 30.96 25.07
C LYS C 188 0.88 30.30 24.01
N LYS C 189 1.45 29.31 23.29
CA LYS C 189 0.76 28.54 22.25
C LYS C 189 1.18 27.07 22.39
N GLY C 190 0.21 26.16 22.48
CA GLY C 190 0.45 24.73 22.67
C GLY C 190 1.38 24.05 21.68
N ASN C 191 1.39 24.52 20.41
CA ASN C 191 2.25 23.92 19.37
C ASN C 191 3.75 24.25 19.51
N LEU C 192 4.16 25.23 20.34
CA LEU C 192 5.58 25.61 20.48
C LEU C 192 6.36 24.70 21.44
N ILE C 193 6.45 23.42 21.06
CA ILE C 193 7.14 22.40 21.84
C ILE C 193 8.61 22.38 21.47
N LEU C 194 9.43 21.74 22.30
CA LEU C 194 10.83 21.52 21.96
C LEU C 194 10.72 20.37 20.94
N ASN C 195 11.24 20.57 19.72
CA ASN C 195 11.15 19.57 18.65
C ASN C 195 12.40 18.68 18.59
N VAL C 196 12.37 17.66 17.74
CA VAL C 196 13.48 16.71 17.62
C VAL C 196 14.81 17.41 17.22
N ASP C 197 14.77 18.42 16.32
CA ASP C 197 16.01 19.13 15.94
C ASP C 197 16.58 19.89 17.14
N GLY C 198 15.72 20.53 17.93
CA GLY C 198 16.13 21.23 19.13
C GLY C 198 16.70 20.30 20.18
N THR C 199 16.05 19.14 20.39
CA THR C 199 16.51 18.14 21.37
C THR C 199 17.89 17.62 20.97
N ILE C 200 18.07 17.24 19.70
CA ILE C 200 19.35 16.73 19.18
C ILE C 200 20.46 17.80 19.21
N GLY C 201 20.18 18.99 18.69
CA GLY C 201 21.16 20.06 18.68
C GLY C 201 21.69 20.42 20.07
N CYS C 202 20.78 20.50 21.05
CA CYS C 202 21.17 20.79 22.42
C CYS C 202 22.05 19.67 23.01
N ILE C 203 21.62 18.42 22.80
CA ILE C 203 22.34 17.25 23.31
C ILE C 203 23.77 17.23 22.75
N LEU C 204 23.92 17.49 21.45
CA LEU C 204 25.24 17.46 20.84
C LEU C 204 26.19 18.51 21.43
N MET C 205 25.69 19.70 21.77
CA MET C 205 26.51 20.72 22.42
C MET C 205 26.88 20.31 23.82
N ASP C 206 25.96 19.61 24.52
CA ASP C 206 26.20 19.12 25.88
C ASP C 206 27.22 17.96 25.92
N LEU C 207 27.35 17.18 24.82
CA LEU C 207 28.37 16.13 24.70
C LEU C 207 29.75 16.73 24.31
N ASP C 208 29.83 18.07 24.17
CA ASP C 208 31.07 18.78 23.85
C ASP C 208 31.68 18.36 22.52
N PHE C 209 30.83 17.95 21.55
CA PHE C 209 31.31 17.64 20.22
C PHE C 209 31.73 18.98 19.59
N PRO C 210 32.75 19.00 18.71
CA PRO C 210 33.13 20.28 18.08
C PRO C 210 31.94 20.93 17.39
N VAL C 211 31.89 22.24 17.42
CA VAL C 211 30.81 22.99 16.80
C VAL C 211 30.71 22.62 15.29
N HIS C 212 31.87 22.46 14.59
CA HIS C 212 31.88 22.12 13.14
C HIS C 212 31.24 20.75 12.83
N SER C 213 31.22 19.83 13.80
CA SER C 213 30.74 18.48 13.59
C SER C 213 29.23 18.29 13.66
N LEU C 214 28.47 19.21 14.29
CA LEU C 214 27.06 18.99 14.60
C LEU C 214 26.19 18.58 13.41
N ASN C 215 26.41 19.17 12.23
CA ASN C 215 25.62 18.79 11.07
C ASN C 215 25.90 17.39 10.58
N GLY C 216 27.02 16.80 10.98
CA GLY C 216 27.37 15.46 10.54
C GLY C 216 26.38 14.41 10.95
N PHE C 217 25.74 14.59 12.11
CA PHE C 217 24.83 13.57 12.61
C PHE C 217 23.61 13.46 11.69
N PHE C 218 23.06 14.60 11.24
CA PHE C 218 21.93 14.58 10.32
C PHE C 218 22.36 14.10 8.95
N VAL C 219 23.54 14.58 8.46
CA VAL C 219 24.00 14.19 7.16
C VAL C 219 24.18 12.65 7.10
N LEU C 220 24.90 12.10 8.08
CA LEU C 220 25.16 10.66 8.07
C LEU C 220 23.86 9.90 8.27
N ALA C 221 23.05 10.29 9.24
CA ALA C 221 21.82 9.54 9.46
C ALA C 221 20.91 9.52 8.22
N ARG C 222 20.69 10.68 7.59
CA ARG C 222 19.78 10.74 6.43
C ARG C 222 20.35 10.04 5.21
N THR C 223 21.68 9.83 5.16
CA THR C 223 22.29 9.03 4.09
C THR C 223 21.72 7.60 4.17
N ILE C 224 21.45 7.10 5.40
CA ILE C 224 20.83 5.78 5.52
C ILE C 224 19.48 5.77 4.76
N GLY C 225 18.63 6.74 5.04
CA GLY C 225 17.33 6.83 4.37
C GLY C 225 17.46 7.03 2.89
N MET C 226 18.37 7.93 2.46
CA MET C 226 18.52 8.23 1.03
C MET C 226 18.97 7.00 0.24
N ILE C 227 19.92 6.24 0.82
CA ILE C 227 20.31 4.96 0.23
C ILE C 227 19.04 4.08 0.14
N GLY C 228 18.27 3.99 1.21
CA GLY C 228 17.06 3.18 1.26
C GLY C 228 16.10 3.52 0.12
N HIS C 229 15.87 4.80 -0.07
CA HIS C 229 14.95 5.24 -1.14
C HIS C 229 15.49 4.90 -2.51
N TRP C 230 16.80 5.07 -2.74
CA TRP C 230 17.39 4.71 -4.02
C TRP C 230 17.19 3.18 -4.29
N ILE C 231 17.45 2.35 -3.27
CA ILE C 231 17.25 0.91 -3.41
C ILE C 231 15.77 0.60 -3.71
N ASP C 232 14.87 1.27 -2.98
CA ASP C 232 13.44 1.05 -3.14
C ASP C 232 13.02 1.32 -4.60
N GLN C 233 13.47 2.44 -5.14
CA GLN C 233 13.08 2.77 -6.55
C GLN C 233 13.70 1.79 -7.53
N ASN C 234 14.94 1.38 -7.27
CA ASN C 234 15.59 0.39 -8.17
C ASN C 234 14.95 -1.00 -8.10
N ASN C 235 14.50 -1.43 -6.90
CA ASN C 235 13.77 -2.70 -6.76
C ASN C 235 12.50 -2.69 -7.59
N GLN C 236 11.84 -1.54 -7.64
CA GLN C 236 10.61 -1.33 -8.38
C GLN C 236 10.80 -1.11 -9.86
N ASN C 237 12.05 -0.91 -10.33
CA ASN C 237 12.34 -0.55 -11.72
C ASN C 237 11.53 0.70 -12.10
N SER C 238 11.51 1.68 -11.19
CA SER C 238 10.73 2.88 -11.40
C SER C 238 11.16 3.62 -12.67
N ARG C 239 10.24 4.30 -13.33
CA ARG C 239 10.52 5.05 -14.55
C ARG C 239 10.90 6.50 -14.21
N LEU C 240 11.50 7.15 -15.17
CA LEU C 240 11.84 8.56 -15.07
C LEU C 240 10.64 9.42 -14.57
N ILE C 241 10.93 10.41 -13.72
CA ILE C 241 9.93 11.33 -13.24
C ILE C 241 9.96 12.58 -14.12
N ARG C 242 8.79 13.02 -14.52
CA ARG C 242 8.61 14.28 -15.21
C ARG C 242 7.36 14.84 -14.63
N LEU C 243 7.45 15.96 -13.95
CA LEU C 243 6.26 16.50 -13.26
C LEU C 243 5.13 16.73 -14.25
N TYR C 244 3.89 16.37 -13.85
CA TYR C 244 2.74 16.58 -14.71
C TYR C 244 2.51 18.12 -14.87
N ASP C 245 2.09 18.54 -16.04
CA ASP C 245 1.90 19.95 -16.38
C ASP C 245 1.01 20.72 -15.39
N TYR C 246 -0.04 20.06 -14.89
CA TYR C 246 -0.94 20.68 -13.93
C TYR C 246 -0.29 20.95 -12.58
N LEU C 247 0.90 20.38 -12.31
CA LEU C 247 1.64 20.66 -11.08
C LEU C 247 2.50 21.91 -11.22
N ILE C 248 2.52 22.52 -12.41
CA ILE C 248 3.33 23.71 -12.68
C ILE C 248 2.42 24.90 -12.93
N ASN C 249 2.74 26.02 -12.30
CA ASN C 249 2.10 27.29 -12.62
C ASN C 249 3.07 27.98 -13.57
N TYR C 250 2.75 28.00 -14.87
CA TYR C 250 3.56 28.60 -15.92
C TYR C 250 3.19 30.08 -15.97
N ALA C 251 3.80 30.85 -15.08
CA ALA C 251 3.56 32.30 -14.98
C ALA C 251 4.56 32.98 -15.92
N VAL C 252 4.42 32.63 -17.19
CA VAL C 252 5.37 33.01 -18.24
C VAL C 252 4.95 34.23 -19.05
N LYS C 253 5.92 34.79 -19.77
CA LYS C 253 5.70 35.94 -20.63
C LYS C 253 4.89 35.60 -21.82
N PRO C 254 4.17 36.58 -22.40
CA PRO C 254 3.39 36.27 -23.59
C PRO C 254 4.29 35.88 -24.72
N GLU C 255 3.79 35.03 -25.57
CA GLU C 255 4.53 34.61 -26.75
C GLU C 255 4.65 35.77 -27.70
N GLN C 256 5.87 35.99 -28.20
CA GLN C 256 6.12 37.07 -29.15
C GLN C 256 7.12 36.61 -30.18
N GLU C 257 7.12 37.29 -31.33
CA GLU C 257 8.06 37.05 -32.40
C GLU C 257 9.36 37.69 -32.03
N VAL C 258 10.46 37.06 -32.39
CA VAL C 258 11.80 37.57 -32.11
C VAL C 258 12.03 38.82 -32.96
N PRO C 259 12.52 39.91 -32.37
CA PRO C 259 12.75 41.11 -33.18
C PRO C 259 13.96 40.94 -34.09
N GLU C 260 14.02 41.72 -35.16
CA GLU C 260 15.16 41.69 -36.06
C GLU C 260 16.33 42.36 -35.31
N LYS C 261 17.56 41.92 -35.57
CA LYS C 261 18.75 42.49 -34.92
C LYS C 261 19.03 43.89 -35.45
N GLY D 1 -42.45 -45.28 11.38
CA GLY D 1 -43.52 -46.06 10.76
C GLY D 1 -43.41 -46.04 9.26
N SER D 2 -44.28 -46.79 8.56
CA SER D 2 -44.25 -46.83 7.10
C SER D 2 -45.07 -45.66 6.51
N HIS D 3 -44.56 -45.00 5.47
CA HIS D 3 -45.27 -43.88 4.82
C HIS D 3 -45.19 -43.95 3.31
N MET D 4 -46.21 -43.37 2.61
CA MET D 4 -46.18 -43.20 1.17
C MET D 4 -45.50 -41.85 1.02
N VAL D 5 -44.23 -41.84 0.63
CA VAL D 5 -43.49 -40.60 0.62
C VAL D 5 -43.67 -39.81 -0.63
N GLU D 6 -44.01 -38.53 -0.47
CA GLU D 6 -44.00 -37.58 -1.55
C GLU D 6 -42.66 -36.87 -1.36
N PRO D 7 -41.73 -36.91 -2.32
CA PRO D 7 -40.43 -36.25 -2.11
C PRO D 7 -40.57 -34.77 -1.68
N LEU D 8 -39.69 -34.38 -0.78
CA LEU D 8 -39.65 -33.04 -0.25
C LEU D 8 -39.07 -32.09 -1.28
N ILE D 9 -38.06 -32.56 -2.06
CA ILE D 9 -37.36 -31.77 -3.06
C ILE D 9 -37.30 -32.50 -4.34
N ARG D 10 -37.41 -31.78 -5.46
CA ARG D 10 -37.17 -32.32 -6.81
C ARG D 10 -35.96 -31.58 -7.34
N THR D 11 -34.94 -32.33 -7.77
CA THR D 11 -33.72 -31.76 -8.30
C THR D 11 -33.49 -32.29 -9.69
N THR D 12 -32.98 -31.44 -10.57
CA THR D 12 -32.70 -31.87 -11.94
C THR D 12 -31.26 -31.71 -12.37
N ILE D 13 -30.40 -31.06 -11.57
CA ILE D 13 -29.06 -30.69 -12.02
C ILE D 13 -27.93 -31.65 -11.65
N SER D 14 -28.03 -32.42 -10.56
CA SER D 14 -26.88 -33.22 -10.13
C SER D 14 -27.30 -34.43 -9.36
N ASP D 15 -26.52 -35.49 -9.48
CA ASP D 15 -26.83 -36.75 -8.81
C ASP D 15 -25.57 -37.19 -8.11
N ASP D 16 -25.61 -37.23 -6.77
CA ASP D 16 -24.49 -37.59 -5.92
C ASP D 16 -24.53 -39.05 -5.47
N ARG D 17 -25.52 -39.85 -5.87
CA ARG D 17 -25.69 -41.17 -5.32
C ARG D 17 -24.65 -42.19 -5.72
N GLY D 18 -23.98 -41.99 -6.85
CA GLY D 18 -23.06 -42.96 -7.39
C GLY D 18 -21.62 -42.76 -7.02
N GLU D 19 -20.73 -43.28 -7.84
CA GLU D 19 -19.32 -43.26 -7.51
C GLU D 19 -18.81 -41.87 -7.36
N GLU D 20 -19.36 -40.95 -8.14
CA GLU D 20 -18.99 -39.57 -7.93
C GLU D 20 -20.06 -38.64 -8.47
N PRO D 21 -19.93 -37.34 -8.23
CA PRO D 21 -20.99 -36.45 -8.65
C PRO D 21 -21.18 -36.40 -10.16
N ARG D 22 -22.42 -36.44 -10.56
CA ARG D 22 -22.82 -36.30 -11.96
C ARG D 22 -23.46 -34.96 -12.09
N TYR D 23 -22.88 -34.09 -12.93
CA TYR D 23 -23.37 -32.73 -13.18
C TYR D 23 -24.05 -32.76 -14.56
N ALA D 24 -25.39 -32.60 -14.58
CA ALA D 24 -26.17 -32.68 -15.80
C ALA D 24 -25.76 -33.94 -16.61
N GLY D 25 -25.62 -35.06 -15.88
CA GLY D 25 -25.31 -36.39 -16.41
C GLY D 25 -23.85 -36.77 -16.53
N TYR D 26 -22.94 -35.80 -16.40
CA TYR D 26 -21.49 -36.03 -16.64
C TYR D 26 -20.71 -36.20 -15.35
N ALA D 27 -19.78 -37.16 -15.33
CA ALA D 27 -19.02 -37.44 -14.11
C ALA D 27 -17.98 -36.32 -13.91
N ALA D 28 -17.91 -35.76 -12.72
CA ALA D 28 -16.98 -34.67 -12.42
C ALA D 28 -15.53 -35.02 -12.76
N SER D 29 -15.06 -36.22 -12.38
CA SER D 29 -13.63 -36.56 -12.66
C SER D 29 -13.36 -36.78 -14.15
N GLU D 30 -14.37 -37.17 -14.93
CA GLU D 30 -14.22 -37.33 -16.38
C GLU D 30 -14.10 -35.94 -17.02
N LEU D 31 -14.84 -34.94 -16.53
CA LEU D 31 -14.70 -33.55 -17.01
C LEU D 31 -13.25 -33.12 -16.75
N CYS D 32 -12.72 -33.42 -15.58
CA CYS D 32 -11.32 -33.07 -15.22
C CYS D 32 -10.36 -33.76 -16.16
N SER D 33 -10.51 -35.08 -16.27
CA SER D 33 -9.62 -35.89 -17.10
C SER D 33 -9.57 -35.48 -18.54
N LYS D 34 -10.71 -35.06 -19.09
CA LYS D 34 -10.77 -34.71 -20.52
C LYS D 34 -10.42 -33.25 -20.81
N GLY D 35 -9.96 -32.52 -19.81
CA GLY D 35 -9.46 -31.16 -20.03
C GLY D 35 -10.48 -30.05 -19.91
N TYR D 36 -11.67 -30.32 -19.32
CA TYR D 36 -12.65 -29.25 -19.13
C TYR D 36 -12.30 -28.42 -17.90
N GLY D 37 -12.94 -27.28 -17.71
CA GLY D 37 -12.62 -26.39 -16.60
C GLY D 37 -13.77 -26.01 -15.71
N ILE D 38 -13.48 -25.06 -14.84
CA ILE D 38 -14.48 -24.55 -13.90
C ILE D 38 -15.66 -23.96 -14.68
N GLU D 39 -15.33 -23.24 -15.76
CA GLU D 39 -16.36 -22.63 -16.59
C GLU D 39 -17.36 -23.66 -17.16
N ASP D 40 -16.89 -24.88 -17.42
CA ASP D 40 -17.73 -25.94 -17.98
C ASP D 40 -18.67 -26.47 -16.90
N VAL D 41 -18.18 -26.60 -15.67
CA VAL D 41 -19.03 -27.04 -14.53
C VAL D 41 -20.12 -25.99 -14.25
N ILE D 42 -19.78 -24.70 -14.38
CA ILE D 42 -20.78 -23.63 -14.25
C ILE D 42 -21.87 -23.83 -15.26
N GLY D 43 -21.51 -24.07 -16.53
CA GLY D 43 -22.49 -24.29 -17.58
C GLY D 43 -23.39 -25.46 -17.28
N LEU D 44 -22.78 -26.57 -16.82
CA LEU D 44 -23.56 -27.75 -16.50
C LEU D 44 -24.52 -27.55 -15.37
N LEU D 45 -24.06 -26.97 -14.28
CA LEU D 45 -24.91 -26.84 -13.07
C LEU D 45 -25.92 -25.72 -13.16
N TRP D 46 -25.68 -24.69 -13.96
CA TRP D 46 -26.60 -23.54 -14.03
C TRP D 46 -27.51 -23.58 -15.27
N ASN D 47 -27.09 -24.27 -16.33
CA ASN D 47 -27.79 -24.32 -17.61
C ASN D 47 -28.04 -25.75 -18.12
N LYS D 48 -27.58 -26.79 -17.42
CA LYS D 48 -27.69 -28.19 -17.81
C LYS D 48 -27.23 -28.45 -19.23
N LYS D 49 -26.17 -27.75 -19.66
CA LYS D 49 -25.61 -27.98 -20.99
C LYS D 49 -24.12 -27.79 -20.93
N LEU D 50 -23.38 -28.68 -21.60
CA LEU D 50 -21.95 -28.54 -21.62
C LEU D 50 -21.65 -27.38 -22.60
N PRO D 51 -20.95 -26.32 -22.18
CA PRO D 51 -20.70 -25.25 -23.13
C PRO D 51 -19.87 -25.68 -24.31
N THR D 52 -20.06 -24.99 -25.42
CA THR D 52 -19.15 -25.11 -26.53
C THR D 52 -17.83 -24.45 -26.10
N ARG D 53 -16.77 -24.67 -26.84
CA ARG D 53 -15.48 -24.08 -26.54
C ARG D 53 -15.60 -22.56 -26.48
N GLU D 54 -16.27 -21.95 -27.47
CA GLU D 54 -16.40 -20.49 -27.51
C GLU D 54 -17.22 -19.98 -26.33
N GLU D 55 -18.30 -20.65 -25.97
CA GLU D 55 -19.09 -20.24 -24.80
C GLU D 55 -18.24 -20.37 -23.51
N SER D 56 -17.48 -21.47 -23.40
CA SER D 56 -16.62 -21.74 -22.23
C SER D 56 -15.59 -20.57 -22.07
N GLU D 57 -14.95 -20.14 -23.17
CA GLU D 57 -13.97 -19.04 -23.16
C GLU D 57 -14.64 -17.71 -22.68
N ILE D 58 -15.89 -17.49 -23.07
CA ILE D 58 -16.60 -16.29 -22.62
C ILE D 58 -16.94 -16.36 -21.13
N ILE D 59 -17.50 -17.49 -20.66
CA ILE D 59 -17.85 -17.65 -19.25
C ILE D 59 -16.61 -17.40 -18.37
N LYS D 60 -15.48 -17.98 -18.79
CA LYS D 60 -14.22 -17.84 -18.07
C LYS D 60 -13.87 -16.37 -17.89
N ARG D 61 -13.95 -15.63 -18.98
CA ARG D 61 -13.58 -14.22 -18.96
C ARG D 61 -14.54 -13.39 -18.12
N ILE D 62 -15.82 -13.68 -18.19
CA ILE D 62 -16.80 -12.98 -17.32
C ILE D 62 -16.45 -13.12 -15.84
N VAL D 63 -16.16 -14.34 -15.42
CA VAL D 63 -15.83 -14.61 -14.03
C VAL D 63 -14.56 -13.89 -13.66
N MET D 64 -13.54 -13.99 -14.49
CA MET D 64 -12.27 -13.33 -14.16
C MET D 64 -12.42 -11.80 -14.01
N ILE D 65 -13.16 -11.17 -14.91
CA ILE D 65 -13.35 -9.71 -14.90
C ILE D 65 -14.16 -9.23 -13.71
N SER D 66 -15.06 -10.09 -13.23
CA SER D 66 -15.97 -9.75 -12.14
C SER D 66 -15.47 -10.17 -10.75
N ALA D 67 -14.29 -10.75 -10.64
CA ALA D 67 -13.82 -11.34 -9.37
C ALA D 67 -13.69 -10.38 -8.20
N ASP D 68 -13.31 -9.13 -8.43
CA ASP D 68 -13.15 -8.17 -7.33
C ASP D 68 -13.09 -6.76 -7.84
N HIS D 69 -13.46 -5.81 -6.98
CA HIS D 69 -13.41 -4.38 -7.30
C HIS D 69 -12.84 -3.60 -6.15
N GLY D 70 -11.95 -4.22 -5.37
CA GLY D 70 -11.31 -3.57 -4.24
C GLY D 70 -12.10 -3.69 -2.95
N PRO D 71 -11.48 -3.23 -1.86
CA PRO D 71 -12.08 -3.38 -0.53
C PRO D 71 -13.16 -2.41 -0.16
N ALA D 72 -13.37 -1.35 -0.94
CA ALA D 72 -14.28 -0.30 -0.52
C ALA D 72 -15.73 -0.57 -0.76
N VAL D 73 -16.04 -1.52 -1.66
CA VAL D 73 -17.40 -1.78 -2.08
C VAL D 73 -18.08 -2.72 -1.10
N SER D 74 -19.41 -2.74 -1.11
CA SER D 74 -20.22 -3.42 -0.08
C SER D 74 -19.93 -4.89 0.17
N GLY D 75 -19.77 -5.68 -0.86
CA GLY D 75 -19.55 -7.11 -0.71
C GLY D 75 -18.24 -7.38 -0.02
N ALA D 76 -17.16 -6.86 -0.57
CA ALA D 76 -15.85 -7.01 0.00
C ALA D 76 -15.80 -6.41 1.40
N PHE D 77 -16.35 -5.20 1.56
CA PHE D 77 -16.29 -4.53 2.87
C PHE D 77 -17.07 -5.33 3.93
N GLY D 78 -18.21 -5.90 3.57
CA GLY D 78 -18.96 -6.76 4.49
C GLY D 78 -18.15 -7.96 4.96
N SER D 79 -17.41 -8.61 4.03
CA SER D 79 -16.54 -9.75 4.38
C SER D 79 -15.39 -9.28 5.29
N ILE D 80 -14.85 -8.08 5.02
CA ILE D 80 -13.77 -7.48 5.85
C ILE D 80 -14.28 -7.19 7.25
N LEU D 81 -15.47 -6.63 7.36
CA LEU D 81 -16.02 -6.31 8.67
C LEU D 81 -16.16 -7.59 9.50
N ALA D 82 -16.68 -8.64 8.87
CA ALA D 82 -16.85 -9.93 9.55
C ALA D 82 -15.48 -10.59 9.87
N ALA D 83 -14.53 -10.49 8.94
CA ALA D 83 -13.19 -11.03 9.19
C ALA D 83 -12.59 -10.37 10.42
N CYS D 84 -12.73 -9.03 10.52
CA CYS D 84 -12.17 -8.26 11.64
C CYS D 84 -12.91 -8.51 12.94
N ALA D 85 -14.15 -8.94 12.87
CA ALA D 85 -14.91 -9.34 14.04
C ALA D 85 -14.57 -10.78 14.45
N GLY D 86 -13.66 -11.45 13.76
CA GLY D 86 -13.23 -12.78 14.18
C GLY D 86 -14.08 -13.91 13.65
N ILE D 87 -14.96 -13.63 12.71
CA ILE D 87 -15.90 -14.59 12.17
C ILE D 87 -15.18 -15.50 11.16
N ASP D 88 -15.55 -16.78 11.16
N ASP D 88 -15.52 -16.79 11.17
CA ASP D 88 -14.95 -17.75 10.22
CA ASP D 88 -14.88 -17.73 10.25
C ASP D 88 -15.26 -17.40 8.76
C ASP D 88 -15.30 -17.49 8.79
N MET D 89 -14.43 -17.90 7.85
CA MET D 89 -14.56 -17.58 6.44
C MET D 89 -15.94 -17.75 5.84
N PRO D 90 -16.56 -18.93 5.93
CA PRO D 90 -17.82 -19.11 5.19
C PRO D 90 -18.92 -18.17 5.67
N GLN D 91 -18.97 -17.98 6.97
CA GLN D 91 -19.96 -17.09 7.55
C GLN D 91 -19.62 -15.64 7.20
N ALA D 92 -18.37 -15.26 7.25
CA ALA D 92 -18.00 -13.88 6.90
C ALA D 92 -18.32 -13.57 5.44
N VAL D 93 -17.98 -14.50 4.53
CA VAL D 93 -18.27 -14.34 3.11
C VAL D 93 -19.77 -14.28 2.90
N SER D 94 -20.53 -15.05 3.66
CA SER D 94 -21.99 -15.01 3.56
C SER D 94 -22.55 -13.60 3.86
N ALA D 95 -21.95 -12.89 4.81
CA ALA D 95 -22.36 -11.54 5.15
C ALA D 95 -22.08 -10.58 3.97
N GLY D 96 -20.93 -10.69 3.33
CA GLY D 96 -20.65 -9.85 2.17
C GLY D 96 -21.55 -10.20 0.98
N MET D 97 -21.85 -11.51 0.78
CA MET D 97 -22.72 -11.94 -0.29
C MET D 97 -24.12 -11.37 -0.11
N THR D 98 -24.55 -11.18 1.13
CA THR D 98 -25.88 -10.64 1.40
C THR D 98 -26.06 -9.24 0.85
N MET D 99 -24.96 -8.50 0.63
CA MET D 99 -25.06 -7.15 0.11
C MET D 99 -25.43 -7.14 -1.39
N ILE D 100 -25.26 -8.30 -2.09
CA ILE D 100 -25.50 -8.33 -3.53
C ILE D 100 -26.99 -8.26 -3.82
N GLY D 101 -27.35 -7.37 -4.71
CA GLY D 101 -28.75 -7.11 -4.97
C GLY D 101 -28.96 -6.02 -5.98
N PRO D 102 -30.10 -5.33 -5.85
CA PRO D 102 -30.43 -4.30 -6.85
C PRO D 102 -29.40 -3.21 -7.05
N ARG D 103 -28.73 -2.80 -5.98
CA ARG D 103 -27.78 -1.71 -6.02
C ARG D 103 -26.36 -2.13 -6.23
N PHE D 104 -26.02 -3.30 -5.79
CA PHE D 104 -24.65 -3.81 -5.87
C PHE D 104 -24.70 -5.12 -6.65
N GLY D 105 -24.44 -5.04 -7.95
CA GLY D 105 -24.42 -6.17 -8.89
C GLY D 105 -25.65 -6.33 -9.77
N GLY D 106 -26.76 -5.70 -9.37
CA GLY D 106 -28.03 -5.83 -10.09
C GLY D 106 -28.05 -5.31 -11.51
N ALA D 107 -27.16 -4.39 -11.86
CA ALA D 107 -27.13 -3.83 -13.21
C ALA D 107 -26.89 -4.91 -14.29
N VAL D 108 -26.22 -6.04 -13.97
CA VAL D 108 -26.01 -7.10 -14.97
C VAL D 108 -27.36 -7.67 -15.42
N THR D 109 -28.22 -8.09 -14.46
CA THR D 109 -29.51 -8.69 -14.82
C THR D 109 -30.42 -7.66 -15.50
N ASN D 110 -30.46 -6.43 -14.96
CA ASN D 110 -31.33 -5.40 -15.54
C ASN D 110 -30.91 -5.08 -16.96
N ALA D 111 -29.60 -4.95 -17.20
CA ALA D 111 -29.12 -4.69 -18.57
C ALA D 111 -29.50 -5.83 -19.51
N GLY D 112 -29.34 -7.08 -19.09
CA GLY D 112 -29.71 -8.21 -19.94
C GLY D 112 -31.20 -8.18 -20.28
N LYS D 113 -32.03 -7.93 -19.27
CA LYS D 113 -33.48 -7.90 -19.46
C LYS D 113 -33.93 -6.81 -20.44
N TYR D 114 -33.43 -5.59 -20.26
CA TYR D 114 -33.84 -4.47 -21.11
C TYR D 114 -33.24 -4.52 -22.50
N PHE D 115 -31.98 -4.96 -22.66
CA PHE D 115 -31.45 -5.05 -24.02
C PHE D 115 -32.11 -6.21 -24.78
N LYS D 116 -32.52 -7.29 -24.08
CA LYS D 116 -33.27 -8.39 -24.74
C LYS D 116 -34.64 -7.83 -25.21
N MET D 117 -35.30 -7.06 -24.35
CA MET D 117 -36.57 -6.40 -24.70
C MET D 117 -36.36 -5.47 -25.89
N ALA D 118 -35.21 -4.76 -25.94
CA ALA D 118 -34.93 -3.83 -27.08
C ALA D 118 -34.83 -4.56 -28.42
N VAL D 119 -34.15 -5.71 -28.41
CA VAL D 119 -33.99 -6.53 -29.63
C VAL D 119 -35.36 -7.02 -30.12
N GLU D 120 -36.24 -7.40 -29.18
CA GLU D 120 -37.56 -7.92 -29.54
C GLU D 120 -38.56 -6.85 -29.92
N ASP D 121 -38.61 -5.74 -29.17
CA ASP D 121 -39.61 -4.69 -29.37
C ASP D 121 -39.16 -3.45 -30.16
N TYR D 122 -37.85 -3.15 -30.25
CA TYR D 122 -37.35 -1.98 -31.00
C TYR D 122 -36.15 -2.38 -31.86
N PRO D 123 -36.22 -3.48 -32.63
CA PRO D 123 -35.02 -3.99 -33.35
C PRO D 123 -34.19 -3.01 -34.19
N ASN D 124 -34.85 -2.08 -34.90
CA ASN D 124 -34.18 -1.07 -35.73
C ASN D 124 -34.61 0.32 -35.28
N ASP D 125 -34.80 0.51 -33.96
CA ASP D 125 -35.32 1.78 -33.42
C ASP D 125 -34.76 2.11 -32.05
N ILE D 126 -33.46 2.40 -32.04
CA ILE D 126 -32.76 2.80 -30.82
C ILE D 126 -33.41 4.03 -30.16
N PRO D 127 -33.74 5.12 -30.88
CA PRO D 127 -34.43 6.26 -30.22
C PRO D 127 -35.73 5.85 -29.51
N GLY D 128 -36.49 4.93 -30.13
CA GLY D 128 -37.71 4.37 -29.58
C GLY D 128 -37.46 3.67 -28.27
N PHE D 129 -36.45 2.78 -28.26
CA PHE D 129 -36.03 2.09 -27.03
C PHE D 129 -35.57 3.10 -25.98
N LEU D 130 -34.69 4.02 -26.35
CA LEU D 130 -34.21 5.03 -25.40
C LEU D 130 -35.35 5.89 -24.83
N SER D 131 -36.34 6.29 -25.65
CA SER D 131 -37.45 7.10 -25.13
C SER D 131 -38.34 6.25 -24.22
N TRP D 132 -38.57 4.95 -24.55
CA TRP D 132 -39.32 4.06 -23.67
C TRP D 132 -38.60 3.92 -22.33
N MET D 133 -37.29 3.72 -22.34
CA MET D 133 -36.51 3.56 -21.12
C MET D 133 -36.58 4.81 -20.25
N LYS D 134 -36.44 6.00 -20.86
CA LYS D 134 -36.48 7.26 -20.11
C LYS D 134 -37.82 7.45 -19.41
N LYS D 135 -38.93 7.09 -20.09
CA LYS D 135 -40.28 7.24 -19.55
C LYS D 135 -40.69 6.18 -18.53
N ASN D 136 -40.26 4.93 -18.71
CA ASN D 136 -40.67 3.80 -17.87
C ASN D 136 -39.67 3.35 -16.79
N VAL D 137 -38.38 3.56 -16.99
CA VAL D 137 -37.34 3.05 -16.09
C VAL D 137 -36.46 4.10 -15.46
N GLY D 138 -35.91 4.97 -16.30
CA GLY D 138 -34.95 6.00 -15.90
C GLY D 138 -33.65 5.73 -16.64
N PRO D 139 -32.46 5.91 -16.02
CA PRO D 139 -31.21 5.58 -16.75
C PRO D 139 -31.17 4.16 -17.28
N VAL D 140 -30.57 3.97 -18.46
CA VAL D 140 -30.50 2.68 -19.09
C VAL D 140 -29.50 1.81 -18.29
N PRO D 141 -29.90 0.68 -17.69
CA PRO D 141 -28.90 -0.18 -17.00
C PRO D 141 -27.83 -0.69 -17.96
N GLY D 142 -26.57 -0.67 -17.53
CA GLY D 142 -25.48 -1.09 -18.41
C GLY D 142 -24.84 0.04 -19.20
N ILE D 143 -25.44 1.26 -19.15
CA ILE D 143 -24.93 2.48 -19.79
C ILE D 143 -24.50 3.44 -18.66
N GLY D 144 -23.38 4.13 -18.86
CA GLY D 144 -22.89 5.13 -17.91
C GLY D 144 -21.77 4.68 -17.02
N HIS D 145 -20.87 5.62 -16.69
CA HIS D 145 -19.78 5.37 -15.76
C HIS D 145 -19.38 6.70 -15.11
N ARG D 146 -18.99 6.66 -13.83
CA ARG D 146 -18.58 7.85 -13.05
C ARG D 146 -17.30 8.49 -13.62
N VAL D 147 -16.28 7.65 -13.95
CA VAL D 147 -14.97 8.16 -14.43
C VAL D 147 -14.69 7.79 -15.90
N LYS D 148 -15.10 6.62 -16.39
CA LYS D 148 -14.83 6.24 -17.79
C LYS D 148 -15.71 6.98 -18.80
N SER D 149 -15.20 7.16 -20.03
CA SER D 149 -15.86 7.91 -21.10
C SER D 149 -15.24 7.57 -22.45
N VAL D 150 -15.67 8.25 -23.53
CA VAL D 150 -15.08 8.06 -24.88
C VAL D 150 -13.58 8.42 -24.88
N LYS D 151 -13.19 9.44 -24.11
CA LYS D 151 -11.79 9.90 -24.02
C LYS D 151 -10.92 8.98 -23.13
N ASN D 152 -11.55 8.29 -22.16
CA ASN D 152 -10.89 7.38 -21.21
C ASN D 152 -11.74 6.09 -21.15
N PRO D 153 -11.63 5.18 -22.14
CA PRO D 153 -12.50 4.00 -22.15
C PRO D 153 -12.23 2.95 -21.08
N ASP D 154 -13.21 2.07 -20.82
CA ASP D 154 -13.06 0.92 -19.92
C ASP D 154 -12.40 -0.18 -20.75
N GLN D 155 -11.13 -0.47 -20.49
CA GLN D 155 -10.40 -1.45 -21.29
C GLN D 155 -10.93 -2.86 -21.12
N ARG D 156 -11.64 -3.17 -20.02
CA ARG D 156 -12.25 -4.50 -19.88
C ARG D 156 -13.40 -4.66 -20.89
N VAL D 157 -14.17 -3.59 -21.12
CA VAL D 157 -15.26 -3.63 -22.08
C VAL D 157 -14.69 -3.76 -23.46
N LYS D 158 -13.70 -2.90 -23.80
CA LYS D 158 -13.11 -2.96 -25.14
C LYS D 158 -12.53 -4.34 -25.40
N TYR D 159 -11.88 -4.92 -24.39
CA TYR D 159 -11.31 -6.24 -24.50
C TYR D 159 -12.37 -7.30 -24.73
N LEU D 160 -13.40 -7.35 -23.87
CA LEU D 160 -14.39 -8.45 -23.97
C LEU D 160 -15.20 -8.35 -25.26
N VAL D 161 -15.58 -7.13 -25.67
CA VAL D 161 -16.31 -6.91 -26.92
C VAL D 161 -15.44 -7.37 -28.08
N SER D 162 -14.16 -6.96 -28.11
N SER D 162 -14.16 -6.96 -28.09
CA SER D 162 -13.26 -7.34 -29.19
CA SER D 162 -13.23 -7.34 -29.17
C SER D 162 -13.05 -8.87 -29.22
C SER D 162 -13.04 -8.86 -29.22
N TYR D 163 -12.94 -9.50 -28.05
CA TYR D 163 -12.78 -10.95 -27.97
C TYR D 163 -14.01 -11.67 -28.57
N ILE D 164 -15.20 -11.31 -28.13
CA ILE D 164 -16.38 -12.02 -28.63
C ILE D 164 -16.58 -11.77 -30.14
N LYS D 165 -16.22 -10.57 -30.64
CA LYS D 165 -16.34 -10.27 -32.08
C LYS D 165 -15.24 -10.87 -32.95
N ASN D 166 -13.98 -10.89 -32.47
CA ASN D 166 -12.84 -11.38 -33.25
C ASN D 166 -12.48 -12.81 -33.06
N GLU D 167 -12.73 -13.36 -31.85
CA GLU D 167 -12.30 -14.73 -31.50
C GLU D 167 -13.43 -15.74 -31.40
N THR D 168 -14.69 -15.34 -31.69
CA THR D 168 -15.78 -16.29 -31.72
C THR D 168 -16.66 -15.96 -32.90
N SER D 169 -17.53 -16.88 -33.28
CA SER D 169 -18.52 -16.68 -34.32
C SER D 169 -19.90 -16.72 -33.67
N LEU D 170 -20.00 -16.36 -32.39
CA LEU D 170 -21.28 -16.36 -31.68
C LEU D 170 -22.11 -15.19 -32.17
N HIS D 171 -23.42 -15.39 -32.36
CA HIS D 171 -24.37 -14.32 -32.73
C HIS D 171 -24.71 -13.61 -31.41
N THR D 172 -24.50 -12.28 -31.36
CA THR D 172 -24.68 -11.50 -30.13
C THR D 172 -25.63 -10.35 -30.40
N PRO D 173 -26.92 -10.63 -30.63
CA PRO D 173 -27.85 -9.52 -30.91
C PRO D 173 -28.02 -8.49 -29.80
N CYS D 174 -28.09 -8.92 -28.53
CA CYS D 174 -28.22 -7.97 -27.40
C CYS D 174 -26.99 -7.11 -27.29
N LEU D 175 -25.79 -7.72 -27.36
CA LEU D 175 -24.54 -6.94 -27.29
C LEU D 175 -24.46 -5.95 -28.47
N ASP D 176 -24.73 -6.42 -29.69
CA ASP D 176 -24.74 -5.56 -30.88
C ASP D 176 -25.67 -4.37 -30.70
N TYR D 177 -26.85 -4.62 -30.15
CA TYR D 177 -27.83 -3.57 -29.88
C TYR D 177 -27.25 -2.56 -28.89
N ALA D 178 -26.68 -3.06 -27.78
CA ALA D 178 -26.07 -2.22 -26.76
C ALA D 178 -24.95 -1.34 -27.34
N LEU D 179 -24.18 -1.88 -28.30
CA LEU D 179 -23.08 -1.14 -28.95
C LEU D 179 -23.63 -0.04 -29.86
N GLU D 180 -24.79 -0.29 -30.51
CA GLU D 180 -25.47 0.75 -31.31
C GLU D 180 -26.04 1.85 -30.37
N VAL D 181 -26.57 1.46 -29.19
CA VAL D 181 -27.09 2.41 -28.20
C VAL D 181 -25.94 3.29 -27.71
N GLU D 182 -24.74 2.69 -27.49
CA GLU D 182 -23.56 3.41 -27.01
C GLU D 182 -23.19 4.54 -27.97
N LYS D 183 -23.24 4.27 -29.26
CA LYS D 183 -22.95 5.31 -30.27
C LYS D 183 -23.88 6.51 -30.10
N VAL D 184 -25.17 6.28 -29.78
CA VAL D 184 -26.15 7.35 -29.59
C VAL D 184 -25.97 8.06 -28.25
N THR D 185 -25.79 7.33 -27.14
CA THR D 185 -25.67 7.91 -25.81
C THR D 185 -24.33 8.65 -25.62
N THR D 186 -23.23 8.13 -26.19
CA THR D 186 -21.94 8.84 -26.08
C THR D 186 -21.92 10.16 -26.86
N ALA D 187 -22.68 10.25 -27.98
CA ALA D 187 -22.76 11.51 -28.75
C ALA D 187 -23.43 12.61 -27.91
N LYS D 188 -24.36 12.22 -27.03
CA LYS D 188 -25.04 13.12 -26.12
C LYS D 188 -24.08 13.53 -25.01
N LYS D 189 -23.57 12.54 -24.26
CA LYS D 189 -22.69 12.74 -23.11
C LYS D 189 -21.58 11.68 -23.21
N GLY D 190 -20.33 12.12 -23.31
CA GLY D 190 -19.16 11.25 -23.43
C GLY D 190 -19.02 10.11 -22.44
N ASN D 191 -19.53 10.30 -21.21
CA ASN D 191 -19.47 9.27 -20.16
C ASN D 191 -20.59 8.23 -20.22
N LEU D 192 -21.54 8.31 -21.19
CA LEU D 192 -22.61 7.31 -21.27
C LEU D 192 -22.13 6.12 -22.12
N ILE D 193 -21.05 5.51 -21.66
CA ILE D 193 -20.44 4.37 -22.36
C ILE D 193 -21.17 3.11 -22.00
N LEU D 194 -20.90 2.05 -22.76
CA LEU D 194 -21.39 0.72 -22.46
C LEU D 194 -20.44 0.28 -21.33
N ASN D 195 -20.97 -0.01 -20.15
CA ASN D 195 -20.13 -0.37 -19.01
C ASN D 195 -19.96 -1.89 -18.87
N VAL D 196 -19.10 -2.34 -17.96
CA VAL D 196 -18.85 -3.77 -17.81
C VAL D 196 -20.14 -4.55 -17.46
N ASP D 197 -21.06 -3.98 -16.67
CA ASP D 197 -22.30 -4.68 -16.33
C ASP D 197 -23.23 -4.82 -17.54
N GLY D 198 -23.26 -3.81 -18.40
CA GLY D 198 -24.06 -3.88 -19.61
C GLY D 198 -23.51 -4.90 -20.57
N THR D 199 -22.20 -4.93 -20.69
CA THR D 199 -21.53 -5.87 -21.58
C THR D 199 -21.81 -7.29 -21.14
N ILE D 200 -21.59 -7.56 -19.84
CA ILE D 200 -21.79 -8.91 -19.32
C ILE D 200 -23.24 -9.34 -19.44
N GLY D 201 -24.16 -8.48 -19.04
CA GLY D 201 -25.57 -8.82 -19.12
C GLY D 201 -26.06 -9.17 -20.52
N CYS D 202 -25.62 -8.40 -21.50
CA CYS D 202 -25.94 -8.67 -22.91
C CYS D 202 -25.40 -9.98 -23.39
N ILE D 203 -24.11 -10.23 -23.10
CA ILE D 203 -23.45 -11.45 -23.56
C ILE D 203 -24.15 -12.67 -22.97
N LEU D 204 -24.51 -12.62 -21.68
CA LEU D 204 -25.18 -13.76 -21.06
C LEU D 204 -26.56 -14.04 -21.66
N MET D 205 -27.28 -12.97 -22.06
CA MET D 205 -28.55 -13.17 -22.75
C MET D 205 -28.28 -13.74 -24.12
N ASP D 206 -27.19 -13.31 -24.77
CA ASP D 206 -26.86 -13.83 -26.09
C ASP D 206 -26.45 -15.29 -26.05
N LEU D 207 -25.86 -15.73 -24.94
CA LEU D 207 -25.48 -17.14 -24.72
C LEU D 207 -26.70 -17.99 -24.33
N ASP D 208 -27.91 -17.38 -24.18
CA ASP D 208 -29.14 -18.06 -23.86
C ASP D 208 -29.12 -18.66 -22.46
N PHE D 209 -28.42 -18.03 -21.52
CA PHE D 209 -28.46 -18.52 -20.15
C PHE D 209 -29.86 -18.16 -19.62
N PRO D 210 -30.44 -19.02 -18.76
CA PRO D 210 -31.75 -18.70 -18.16
C PRO D 210 -31.73 -17.32 -17.50
N VAL D 211 -32.84 -16.64 -17.57
CA VAL D 211 -32.96 -15.32 -16.99
C VAL D 211 -32.68 -15.42 -15.45
N HIS D 212 -33.08 -16.54 -14.81
CA HIS D 212 -32.86 -16.72 -13.35
C HIS D 212 -31.37 -16.86 -13.00
N SER D 213 -30.54 -17.25 -13.97
CA SER D 213 -29.13 -17.50 -13.73
C SER D 213 -28.22 -16.29 -13.79
N LEU D 214 -28.60 -15.17 -14.43
CA LEU D 214 -27.66 -14.10 -14.71
C LEU D 214 -26.91 -13.56 -13.52
N ASN D 215 -27.60 -13.41 -12.38
CA ASN D 215 -26.95 -12.92 -11.16
C ASN D 215 -25.89 -13.89 -10.60
N GLY D 216 -25.92 -15.14 -11.02
CA GLY D 216 -24.97 -16.14 -10.56
C GLY D 216 -23.54 -15.81 -10.88
N PHE D 217 -23.31 -15.16 -12.03
CA PHE D 217 -21.95 -14.85 -12.46
C PHE D 217 -21.29 -13.87 -11.52
N PHE D 218 -22.01 -12.82 -11.14
CA PHE D 218 -21.52 -11.80 -10.20
C PHE D 218 -21.37 -12.39 -8.82
N VAL D 219 -22.37 -13.18 -8.36
CA VAL D 219 -22.28 -13.77 -7.02
C VAL D 219 -21.06 -14.69 -6.94
N LEU D 220 -20.88 -15.57 -7.93
CA LEU D 220 -19.78 -16.52 -7.87
C LEU D 220 -18.47 -15.78 -7.98
N ALA D 221 -18.37 -14.89 -8.96
CA ALA D 221 -17.10 -14.22 -9.18
C ALA D 221 -16.70 -13.39 -7.97
N ARG D 222 -17.63 -12.63 -7.41
CA ARG D 222 -17.29 -11.79 -6.25
C ARG D 222 -16.98 -12.60 -4.98
N THR D 223 -17.42 -13.87 -4.92
CA THR D 223 -17.06 -14.76 -3.82
C THR D 223 -15.53 -14.98 -3.84
N ILE D 224 -14.93 -15.00 -5.04
CA ILE D 224 -13.49 -15.14 -5.13
C ILE D 224 -12.83 -13.95 -4.38
N GLY D 225 -13.24 -12.73 -4.72
CA GLY D 225 -12.69 -11.56 -4.05
C GLY D 225 -13.01 -11.53 -2.57
N MET D 226 -14.26 -11.85 -2.16
CA MET D 226 -14.60 -11.81 -0.74
C MET D 226 -13.79 -12.80 0.11
N ILE D 227 -13.52 -14.01 -0.43
CA ILE D 227 -12.67 -14.97 0.24
C ILE D 227 -11.26 -14.32 0.34
N GLY D 228 -10.80 -13.73 -0.74
CA GLY D 228 -9.52 -13.04 -0.77
C GLY D 228 -9.35 -11.98 0.31
N HIS D 229 -10.35 -11.11 0.47
CA HIS D 229 -10.32 -10.09 1.51
C HIS D 229 -10.34 -10.72 2.92
N TRP D 230 -11.13 -11.78 3.12
CA TRP D 230 -11.13 -12.44 4.44
C TRP D 230 -9.73 -13.00 4.78
N ILE D 231 -9.11 -13.66 3.79
CA ILE D 231 -7.74 -14.19 3.98
C ILE D 231 -6.78 -13.05 4.29
N ASP D 232 -6.88 -11.96 3.52
CA ASP D 232 -6.00 -10.79 3.66
C ASP D 232 -6.08 -10.25 5.10
N GLN D 233 -7.31 -10.11 5.64
CA GLN D 233 -7.45 -9.55 6.98
C GLN D 233 -6.93 -10.52 8.02
N ASN D 234 -7.15 -11.81 7.80
CA ASN D 234 -6.64 -12.81 8.73
C ASN D 234 -5.11 -12.90 8.72
N ASN D 235 -4.48 -12.83 7.53
CA ASN D 235 -3.01 -12.79 7.39
C ASN D 235 -2.41 -11.62 8.16
N GLN D 236 -3.09 -10.47 8.16
CA GLN D 236 -2.65 -9.27 8.87
C GLN D 236 -2.98 -9.28 10.36
N ASN D 237 -3.77 -10.26 10.85
CA ASN D 237 -4.24 -10.29 12.25
C ASN D 237 -4.94 -8.93 12.57
N SER D 238 -5.80 -8.48 11.63
CA SER D 238 -6.50 -7.20 11.75
C SER D 238 -7.43 -7.19 12.97
N ARG D 239 -7.55 -6.05 13.61
CA ARG D 239 -8.40 -5.88 14.79
C ARG D 239 -9.84 -5.57 14.39
N LEU D 240 -10.72 -5.75 15.36
CA LEU D 240 -12.12 -5.41 15.25
C LEU D 240 -12.28 -3.96 14.68
N ILE D 241 -13.25 -3.78 13.80
CA ILE D 241 -13.56 -2.45 13.28
C ILE D 241 -14.68 -1.85 14.13
N ARG D 242 -14.50 -0.58 14.53
CA ARG D 242 -15.54 0.21 15.17
C ARG D 242 -15.43 1.56 14.51
N LEU D 243 -16.46 2.01 13.81
CA LEU D 243 -16.37 3.29 13.09
C LEU D 243 -16.02 4.44 14.04
N TYR D 244 -15.14 5.33 13.61
CA TYR D 244 -14.73 6.48 14.39
C TYR D 244 -15.90 7.43 14.51
N ASP D 245 -16.04 8.03 15.66
CA ASP D 245 -17.14 8.95 15.97
C ASP D 245 -17.43 10.02 14.92
N TYR D 246 -16.39 10.65 14.40
CA TYR D 246 -16.54 11.73 13.44
C TYR D 246 -17.15 11.28 12.12
N LEU D 247 -17.11 9.97 11.80
CA LEU D 247 -17.72 9.43 10.58
C LEU D 247 -19.22 9.21 10.71
N ILE D 248 -19.78 9.49 11.88
CA ILE D 248 -21.20 9.32 12.11
C ILE D 248 -21.84 10.67 12.39
N ASN D 249 -22.99 10.91 11.78
CA ASN D 249 -23.80 12.08 12.08
C ASN D 249 -24.88 11.63 13.03
N TYR D 250 -24.72 11.95 14.34
CA TYR D 250 -25.71 11.57 15.33
C TYR D 250 -26.84 12.60 15.33
N ALA D 251 -27.80 12.42 14.40
CA ALA D 251 -28.95 13.33 14.26
C ALA D 251 -30.03 12.76 15.17
N VAL D 252 -29.71 12.75 16.47
CA VAL D 252 -30.50 12.09 17.51
C VAL D 252 -31.45 13.02 18.22
N LYS D 253 -32.44 12.43 18.89
CA LYS D 253 -33.45 13.16 19.61
C LYS D 253 -32.83 13.92 20.77
N PRO D 254 -33.43 15.07 21.15
CA PRO D 254 -32.92 15.75 22.34
C PRO D 254 -33.05 14.81 23.52
N GLU D 255 -32.12 14.87 24.45
CA GLU D 255 -32.16 13.98 25.60
C GLU D 255 -33.35 14.31 26.49
N GLN D 256 -34.10 13.26 26.90
CA GLN D 256 -35.30 13.39 27.71
C GLN D 256 -35.25 12.53 28.94
N GLU D 257 -35.95 12.99 30.00
CA GLU D 257 -36.10 12.21 31.23
C GLU D 257 -37.21 11.18 31.00
N VAL D 258 -37.03 9.97 31.56
CA VAL D 258 -38.04 8.93 31.47
C VAL D 258 -39.18 9.32 32.43
N PRO D 259 -40.44 9.39 31.93
CA PRO D 259 -41.56 9.75 32.81
C PRO D 259 -41.97 8.60 33.72
N GLU D 260 -42.57 8.92 34.87
CA GLU D 260 -43.03 7.87 35.78
C GLU D 260 -44.29 7.23 35.16
N LYS D 261 -44.47 5.91 35.35
CA LYS D 261 -45.65 5.19 34.86
C LYS D 261 -46.89 5.63 35.64
N GLU E 6 -3.38 11.11 -10.20
CA GLU E 6 -2.39 10.05 -10.38
C GLU E 6 -1.13 10.32 -9.52
N PRO E 7 -0.55 9.29 -8.88
CA PRO E 7 0.67 9.53 -8.09
C PRO E 7 1.89 9.73 -8.96
N LEU E 8 2.87 10.41 -8.41
CA LEU E 8 4.13 10.63 -9.09
C LEU E 8 5.15 9.55 -8.78
N ILE E 9 5.14 9.02 -7.55
CA ILE E 9 6.05 7.96 -7.15
C ILE E 9 5.34 6.93 -6.31
N ARG E 10 6.00 5.79 -6.13
CA ARG E 10 5.54 4.74 -5.23
C ARG E 10 6.68 4.45 -4.28
N THR E 11 6.35 4.31 -3.01
N THR E 11 6.37 4.31 -3.00
CA THR E 11 7.31 4.08 -1.95
CA THR E 11 7.34 4.11 -1.93
C THR E 11 6.85 2.92 -1.09
C THR E 11 6.87 3.02 -1.00
N THR E 12 7.80 2.16 -0.56
CA THR E 12 7.48 1.02 0.30
C THR E 12 8.23 0.95 1.63
N ILE E 13 9.26 1.77 1.85
CA ILE E 13 10.16 1.56 2.99
C ILE E 13 9.86 2.36 4.25
N SER E 14 9.26 3.53 4.11
CA SER E 14 9.10 4.39 5.27
C SER E 14 7.92 5.30 5.13
N ASP E 15 7.41 5.78 6.23
CA ASP E 15 6.20 6.58 6.26
C ASP E 15 6.24 7.56 7.43
N ASP E 16 6.01 8.86 7.18
CA ASP E 16 5.97 9.85 8.28
C ASP E 16 4.56 10.38 8.56
N ARG E 17 3.56 9.75 8.00
CA ARG E 17 2.17 10.21 8.16
C ARG E 17 1.49 9.87 9.46
N GLY E 18 2.00 8.87 10.16
CA GLY E 18 1.46 8.45 11.45
C GLY E 18 2.00 9.29 12.57
N GLU E 19 1.96 8.75 13.80
CA GLU E 19 2.41 9.44 15.00
C GLU E 19 3.90 9.79 15.00
N GLU E 20 4.77 8.91 14.49
CA GLU E 20 6.18 9.22 14.28
C GLU E 20 6.64 8.48 13.02
N PRO E 21 7.83 8.77 12.46
CA PRO E 21 8.26 8.00 11.29
C PRO E 21 8.33 6.51 11.56
N ARG E 22 7.95 5.72 10.56
CA ARG E 22 7.97 4.28 10.67
C ARG E 22 8.92 3.76 9.60
N TYR E 23 9.89 2.92 10.01
CA TYR E 23 10.89 2.29 9.13
C TYR E 23 10.49 0.84 8.96
N ALA E 24 10.00 0.47 7.78
CA ALA E 24 9.49 -0.88 7.54
C ALA E 24 8.50 -1.28 8.61
N GLY E 25 7.67 -0.31 9.03
CA GLY E 25 6.60 -0.50 10.00
C GLY E 25 6.98 -0.30 11.46
N TYR E 26 8.25 -0.14 11.78
CA TYR E 26 8.71 0.04 13.16
C TYR E 26 9.04 1.50 13.51
N ALA E 27 8.64 1.92 14.70
CA ALA E 27 8.92 3.27 15.18
C ALA E 27 10.33 3.37 15.73
N ALA E 28 11.06 4.43 15.37
CA ALA E 28 12.44 4.56 15.81
C ALA E 28 12.57 4.69 17.32
N SER E 29 11.63 5.41 17.95
CA SER E 29 11.67 5.53 19.42
C SER E 29 11.62 4.14 20.08
N GLU E 30 10.77 3.24 19.56
CA GLU E 30 10.65 1.89 20.05
C GLU E 30 11.89 1.03 19.74
N LEU E 31 12.50 1.20 18.57
CA LEU E 31 13.75 0.49 18.23
C LEU E 31 14.85 0.90 19.21
N CYS E 32 14.95 2.20 19.54
CA CYS E 32 15.92 2.68 20.54
C CYS E 32 15.62 2.09 21.89
N SER E 33 14.36 2.16 22.34
CA SER E 33 13.99 1.75 23.68
C SER E 33 14.28 0.27 23.96
N LYS E 34 14.16 -0.58 22.92
CA LYS E 34 14.35 -2.02 23.02
C LYS E 34 15.78 -2.50 22.72
N GLY E 35 16.69 -1.57 22.55
CA GLY E 35 18.13 -1.84 22.45
C GLY E 35 18.69 -2.13 21.08
N TYR E 36 17.94 -1.81 20.01
CA TYR E 36 18.43 -2.01 18.65
C TYR E 36 19.42 -0.88 18.32
N GLY E 37 20.18 -1.04 17.23
CA GLY E 37 21.22 -0.09 16.83
C GLY E 37 21.10 0.45 15.43
N ILE E 38 22.13 1.21 15.04
CA ILE E 38 22.20 1.79 13.72
C ILE E 38 22.10 0.68 12.68
N GLU E 39 22.82 -0.40 12.90
CA GLU E 39 22.84 -1.54 11.99
C GLU E 39 21.45 -2.16 11.77
N ASP E 40 20.59 -2.08 12.77
CA ASP E 40 19.22 -2.60 12.64
C ASP E 40 18.37 -1.66 11.76
N VAL E 41 18.55 -0.34 11.92
CA VAL E 41 17.88 0.67 11.07
C VAL E 41 18.34 0.51 9.62
N ILE E 42 19.65 0.27 9.39
CA ILE E 42 20.13 -0.02 8.03
C ILE E 42 19.36 -1.21 7.44
N GLY E 43 19.27 -2.31 8.17
CA GLY E 43 18.52 -3.48 7.71
C GLY E 43 17.07 -3.16 7.41
N LEU E 44 16.42 -2.38 8.27
CA LEU E 44 15.02 -2.02 8.03
C LEU E 44 14.84 -1.18 6.81
N LEU E 45 15.70 -0.15 6.64
CA LEU E 45 15.47 0.73 5.51
C LEU E 45 15.97 0.18 4.19
N TRP E 46 16.94 -0.75 4.20
CA TRP E 46 17.48 -1.29 2.95
C TRP E 46 16.95 -2.66 2.59
N ASN E 47 16.46 -3.44 3.57
CA ASN E 47 15.97 -4.79 3.32
C ASN E 47 14.53 -4.99 3.81
N LYS E 48 13.90 -3.97 4.48
CA LYS E 48 12.52 -4.05 5.01
C LYS E 48 12.35 -5.19 6.02
N LYS E 49 13.41 -5.53 6.74
CA LYS E 49 13.35 -6.62 7.70
C LYS E 49 14.33 -6.36 8.81
N LEU E 50 13.96 -6.68 10.04
CA LEU E 50 14.84 -6.47 11.17
C LEU E 50 15.94 -7.56 11.10
N PRO E 51 17.22 -7.22 11.09
CA PRO E 51 18.24 -8.26 10.99
C PRO E 51 18.24 -9.19 12.17
N THR E 52 18.72 -10.41 11.96
CA THR E 52 18.98 -11.30 13.08
C THR E 52 20.20 -10.73 13.79
N ARG E 53 20.49 -11.26 15.00
CA ARG E 53 21.66 -10.77 15.75
C ARG E 53 22.94 -11.00 14.95
N GLU E 54 23.06 -12.15 14.30
CA GLU E 54 24.25 -12.46 13.48
C GLU E 54 24.41 -11.45 12.32
N GLU E 55 23.32 -11.24 11.59
CA GLU E 55 23.30 -10.25 10.49
C GLU E 55 23.68 -8.87 10.99
N SER E 56 23.12 -8.45 12.12
CA SER E 56 23.42 -7.11 12.64
C SER E 56 24.92 -6.99 13.01
N GLU E 57 25.53 -8.05 13.57
CA GLU E 57 26.95 -8.06 13.91
C GLU E 57 27.81 -7.94 12.64
N ILE E 58 27.38 -8.59 11.53
CA ILE E 58 28.12 -8.49 10.26
C ILE E 58 27.99 -7.10 9.68
N ILE E 59 26.77 -6.56 9.63
CA ILE E 59 26.59 -5.19 9.09
C ILE E 59 27.47 -4.17 9.84
N LYS E 60 27.40 -4.22 11.17
CA LYS E 60 28.18 -3.35 12.03
C LYS E 60 29.67 -3.38 11.65
N ARG E 61 30.25 -4.58 11.54
CA ARG E 61 31.67 -4.73 11.24
C ARG E 61 32.01 -4.23 9.84
N ILE E 62 31.17 -4.52 8.83
CA ILE E 62 31.42 -4.01 7.46
C ILE E 62 31.51 -2.49 7.50
N VAL E 63 30.56 -1.86 8.21
CA VAL E 63 30.55 -0.41 8.26
C VAL E 63 31.79 0.13 8.98
N MET E 64 32.10 -0.42 10.16
CA MET E 64 33.27 0.05 10.90
C MET E 64 34.57 -0.09 10.16
N ILE E 65 34.77 -1.23 9.52
CA ILE E 65 36.01 -1.56 8.78
C ILE E 65 36.20 -0.67 7.56
N SER E 66 35.08 -0.22 6.95
CA SER E 66 35.08 0.56 5.72
C SER E 66 34.98 2.07 5.94
N ALA E 67 34.87 2.54 7.19
CA ALA E 67 34.56 3.94 7.46
C ALA E 67 35.54 4.95 6.87
N ASP E 68 36.80 4.62 6.87
CA ASP E 68 37.79 5.58 6.36
C ASP E 68 39.06 4.87 5.94
N HIS E 69 39.75 5.44 4.95
CA HIS E 69 41.03 4.92 4.50
C HIS E 69 41.95 6.05 4.13
N GLY E 70 41.96 7.08 4.95
CA GLY E 70 42.91 8.17 4.79
C GLY E 70 42.51 9.23 3.79
N PRO E 71 43.32 10.32 3.75
CA PRO E 71 42.98 11.48 2.91
C PRO E 71 43.43 11.40 1.46
N ALA E 72 44.20 10.35 1.09
CA ALA E 72 44.81 10.26 -0.24
C ALA E 72 43.87 9.77 -1.32
N VAL E 73 42.80 9.10 -0.90
N VAL E 73 42.86 9.03 -0.90
CA VAL E 73 41.84 8.45 -1.78
CA VAL E 73 41.86 8.40 -1.75
C VAL E 73 40.74 9.41 -2.23
C VAL E 73 40.86 9.44 -2.29
N SER E 74 40.19 9.13 -3.41
CA SER E 74 39.32 10.06 -4.12
C SER E 74 38.16 10.65 -3.31
N GLY E 75 37.45 9.84 -2.53
CA GLY E 75 36.30 10.35 -1.79
C GLY E 75 36.73 11.34 -0.73
N ALA E 76 37.68 10.94 0.09
CA ALA E 76 38.19 11.87 1.13
C ALA E 76 38.84 13.08 0.48
N PHE E 77 39.67 12.90 -0.54
CA PHE E 77 40.35 14.05 -1.16
C PHE E 77 39.32 15.05 -1.77
N GLY E 78 38.25 14.54 -2.39
CA GLY E 78 37.21 15.41 -2.90
C GLY E 78 36.52 16.20 -1.79
N SER E 79 36.23 15.55 -0.67
CA SER E 79 35.64 16.24 0.49
C SER E 79 36.59 17.29 1.03
N ILE E 80 37.89 16.95 1.09
CA ILE E 80 38.91 17.87 1.57
C ILE E 80 39.06 19.09 0.63
N LEU E 81 39.06 18.83 -0.69
CA LEU E 81 39.16 19.91 -1.67
C LEU E 81 37.97 20.87 -1.44
N ALA E 82 36.75 20.33 -1.25
CA ALA E 82 35.59 21.20 -1.01
C ALA E 82 35.64 21.90 0.33
N ALA E 83 36.09 21.22 1.39
CA ALA E 83 36.27 21.85 2.70
C ALA E 83 37.22 23.04 2.58
N CYS E 84 38.34 22.84 1.90
CA CYS E 84 39.35 23.89 1.71
C CYS E 84 38.85 25.05 0.85
N ALA E 85 37.89 24.79 -0.03
CA ALA E 85 37.24 25.79 -0.83
C ALA E 85 36.09 26.51 -0.04
N GLY E 86 35.92 26.18 1.23
CA GLY E 86 34.93 26.84 2.08
C GLY E 86 33.51 26.38 1.90
N ILE E 87 33.35 25.22 1.31
CA ILE E 87 32.03 24.64 1.05
C ILE E 87 31.49 23.99 2.30
N ASP E 88 30.18 24.16 2.55
CA ASP E 88 29.52 23.59 3.73
C ASP E 88 29.58 22.05 3.69
N MET E 89 29.49 21.45 4.86
CA MET E 89 29.67 20.00 5.00
C MET E 89 28.86 19.13 4.03
N PRO E 90 27.51 19.27 3.97
CA PRO E 90 26.77 18.32 3.14
C PRO E 90 27.13 18.36 1.67
N GLN E 91 27.35 19.60 1.16
CA GLN E 91 27.70 19.79 -0.23
C GLN E 91 29.14 19.30 -0.49
N ALA E 92 30.02 19.53 0.44
CA ALA E 92 31.41 19.02 0.31
C ALA E 92 31.44 17.47 0.31
N VAL E 93 30.75 16.84 1.24
CA VAL E 93 30.73 15.38 1.30
C VAL E 93 30.04 14.83 0.04
N SER E 94 29.06 15.57 -0.49
CA SER E 94 28.39 15.14 -1.75
C SER E 94 29.42 15.06 -2.92
N ALA E 95 30.40 15.97 -2.95
CA ALA E 95 31.47 15.95 -3.96
C ALA E 95 32.34 14.70 -3.79
N GLY E 96 32.72 14.39 -2.56
CA GLY E 96 33.48 13.17 -2.27
C GLY E 96 32.70 11.93 -2.65
N MET E 97 31.43 11.87 -2.27
CA MET E 97 30.59 10.71 -2.55
C MET E 97 30.45 10.46 -4.05
N THR E 98 30.45 11.53 -4.83
CA THR E 98 30.39 11.43 -6.29
C THR E 98 31.57 10.64 -6.87
N MET E 99 32.67 10.51 -6.15
CA MET E 99 33.83 9.78 -6.65
C MET E 99 33.65 8.24 -6.56
N ILE E 100 32.66 7.80 -5.78
CA ILE E 100 32.44 6.38 -5.51
C ILE E 100 31.78 5.79 -6.73
N GLY E 101 32.45 4.80 -7.30
CA GLY E 101 32.04 4.21 -8.56
C GLY E 101 32.79 2.94 -8.88
N PRO E 102 32.94 2.62 -10.16
CA PRO E 102 33.54 1.32 -10.51
C PRO E 102 34.98 1.13 -10.09
N ARG E 103 35.74 2.21 -10.03
CA ARG E 103 37.15 2.11 -9.64
C ARG E 103 37.40 2.22 -8.15
N PHE E 104 36.68 3.12 -7.50
CA PHE E 104 36.82 3.41 -6.10
C PHE E 104 35.52 3.17 -5.36
N GLY E 105 35.51 2.17 -4.48
CA GLY E 105 34.43 1.97 -3.55
C GLY E 105 33.13 1.39 -4.02
N GLY E 106 32.74 1.62 -5.25
CA GLY E 106 31.40 1.24 -5.75
C GLY E 106 31.36 0.00 -6.62
N ALA E 107 32.29 -0.92 -6.42
CA ALA E 107 32.30 -2.20 -7.11
C ALA E 107 31.64 -3.32 -6.29
N VAL E 108 31.02 -2.99 -5.15
CA VAL E 108 30.41 -3.99 -4.25
C VAL E 108 29.30 -4.72 -4.98
N THR E 109 28.36 -3.96 -5.52
CA THR E 109 27.19 -4.55 -6.18
C THR E 109 27.56 -5.47 -7.31
N ASN E 110 28.38 -4.99 -8.26
CA ASN E 110 28.77 -5.88 -9.36
C ASN E 110 29.62 -7.05 -8.92
N ALA E 111 30.47 -6.86 -7.93
CA ALA E 111 31.26 -7.99 -7.43
C ALA E 111 30.33 -9.10 -6.89
N GLY E 112 29.36 -8.72 -6.08
CA GLY E 112 28.38 -9.68 -5.59
C GLY E 112 27.60 -10.36 -6.72
N LYS E 113 27.11 -9.58 -7.67
CA LYS E 113 26.35 -10.09 -8.81
C LYS E 113 27.15 -11.15 -9.62
N TYR E 114 28.40 -10.85 -9.98
CA TYR E 114 29.17 -11.73 -10.83
C TYR E 114 29.72 -12.94 -10.07
N PHE E 115 30.15 -12.78 -8.82
CA PHE E 115 30.64 -13.95 -8.06
C PHE E 115 29.48 -14.92 -7.79
N LYS E 116 28.26 -14.39 -7.54
CA LYS E 116 27.11 -15.25 -7.33
C LYS E 116 26.81 -16.06 -8.60
N MET E 117 26.93 -15.44 -9.78
CA MET E 117 26.66 -16.15 -11.03
C MET E 117 27.77 -17.15 -11.31
N ALA E 118 29.02 -16.80 -10.97
CA ALA E 118 30.16 -17.69 -11.19
C ALA E 118 30.03 -19.00 -10.40
N VAL E 119 29.48 -18.93 -9.18
CA VAL E 119 29.25 -20.08 -8.32
C VAL E 119 28.36 -21.07 -9.02
N GLU E 120 27.29 -20.56 -9.65
CA GLU E 120 26.32 -21.38 -10.38
C GLU E 120 26.78 -21.78 -11.76
N ASP E 121 27.47 -20.90 -12.52
CA ASP E 121 27.83 -21.14 -13.93
C ASP E 121 29.25 -21.66 -14.21
N TYR E 122 30.20 -21.38 -13.32
CA TYR E 122 31.61 -21.81 -13.43
C TYR E 122 32.07 -22.42 -12.10
N PRO E 123 31.30 -23.35 -11.50
CA PRO E 123 31.69 -23.91 -10.18
C PRO E 123 33.07 -24.52 -10.08
N ASN E 124 33.54 -25.17 -11.16
CA ASN E 124 34.84 -25.85 -11.16
C ASN E 124 35.67 -25.33 -12.33
N ASP E 125 35.52 -24.03 -12.66
CA ASP E 125 36.22 -23.46 -13.80
C ASP E 125 36.48 -21.97 -13.64
N ILE E 126 37.42 -21.62 -12.73
CA ILE E 126 37.77 -20.23 -12.52
C ILE E 126 38.33 -19.61 -13.83
N PRO E 127 39.22 -20.28 -14.61
CA PRO E 127 39.66 -19.68 -15.89
C PRO E 127 38.50 -19.33 -16.84
N GLY E 128 37.46 -20.15 -16.86
CA GLY E 128 36.27 -19.92 -17.68
C GLY E 128 35.50 -18.70 -17.23
N PHE E 129 35.41 -18.50 -15.90
CA PHE E 129 34.80 -17.32 -15.31
C PHE E 129 35.62 -16.07 -15.68
N LEU E 130 36.94 -16.13 -15.46
CA LEU E 130 37.83 -15.01 -15.78
C LEU E 130 37.81 -14.69 -17.27
N SER E 131 37.67 -15.69 -18.14
CA SER E 131 37.54 -15.45 -19.58
C SER E 131 36.19 -14.77 -19.93
N TRP E 132 35.08 -15.28 -19.34
CA TRP E 132 33.75 -14.70 -19.53
C TRP E 132 33.76 -13.23 -19.12
N MET E 133 34.39 -12.91 -17.98
CA MET E 133 34.42 -11.53 -17.50
C MET E 133 35.20 -10.61 -18.40
N LYS E 134 36.39 -11.03 -18.81
CA LYS E 134 37.25 -10.22 -19.68
C LYS E 134 36.52 -9.82 -20.98
N LYS E 135 35.73 -10.75 -21.55
CA LYS E 135 34.97 -10.52 -22.78
C LYS E 135 33.66 -9.75 -22.57
N ASN E 136 32.91 -10.07 -21.51
CA ASN E 136 31.58 -9.52 -21.28
C ASN E 136 31.51 -8.29 -20.40
N VAL E 137 32.47 -8.11 -19.48
CA VAL E 137 32.41 -7.06 -18.47
C VAL E 137 33.62 -6.10 -18.48
N GLY E 138 34.83 -6.66 -18.47
CA GLY E 138 36.07 -5.90 -18.37
C GLY E 138 36.77 -6.33 -17.09
N PRO E 139 37.38 -5.41 -16.31
CA PRO E 139 38.03 -5.83 -15.05
C PRO E 139 37.02 -6.48 -14.11
N VAL E 140 37.48 -7.50 -13.40
CA VAL E 140 36.63 -8.24 -12.48
C VAL E 140 36.33 -7.36 -11.30
N PRO E 141 35.07 -6.95 -11.06
CA PRO E 141 34.79 -6.15 -9.85
C PRO E 141 35.11 -6.94 -8.58
N GLY E 142 35.73 -6.25 -7.62
CA GLY E 142 36.09 -6.86 -6.35
C GLY E 142 37.47 -7.42 -6.30
N ILE E 143 38.21 -7.30 -7.41
CA ILE E 143 39.60 -7.74 -7.51
C ILE E 143 40.43 -6.51 -7.83
N GLY E 144 41.61 -6.44 -7.21
CA GLY E 144 42.62 -5.41 -7.46
C GLY E 144 42.63 -4.29 -6.45
N HIS E 145 43.76 -3.61 -6.33
CA HIS E 145 43.90 -2.46 -5.44
C HIS E 145 45.11 -1.63 -5.87
N ARG E 146 45.09 -0.32 -5.62
CA ARG E 146 46.24 0.53 -5.96
C ARG E 146 47.44 0.28 -5.03
N VAL E 147 47.20 0.03 -3.71
CA VAL E 147 48.27 -0.10 -2.73
C VAL E 147 48.38 -1.47 -2.05
N LYS E 148 47.25 -2.15 -1.77
CA LYS E 148 47.25 -3.46 -1.13
C LYS E 148 47.58 -4.53 -2.18
N SER E 149 48.25 -5.60 -1.77
CA SER E 149 48.72 -6.61 -2.71
C SER E 149 49.04 -7.89 -1.96
N VAL E 150 49.60 -8.90 -2.63
CA VAL E 150 50.08 -10.09 -1.91
C VAL E 150 51.23 -9.67 -0.92
N LYS E 151 52.09 -8.72 -1.32
CA LYS E 151 53.22 -8.30 -0.48
C LYS E 151 52.81 -7.34 0.63
N ASN E 152 51.72 -6.60 0.45
CA ASN E 152 51.16 -5.67 1.42
C ASN E 152 49.68 -6.08 1.59
N PRO E 153 49.37 -7.22 2.27
CA PRO E 153 47.95 -7.65 2.36
C PRO E 153 47.03 -6.67 3.01
N ASP E 154 45.75 -6.74 2.62
CA ASP E 154 44.74 -5.89 3.21
C ASP E 154 44.22 -6.61 4.43
N GLN E 155 44.65 -6.20 5.61
CA GLN E 155 44.18 -6.79 6.88
C GLN E 155 42.69 -6.58 7.10
N ARG E 156 42.06 -5.60 6.41
CA ARG E 156 40.61 -5.45 6.53
C ARG E 156 39.96 -6.67 5.92
N VAL E 157 40.43 -7.10 4.74
CA VAL E 157 39.86 -8.28 4.07
C VAL E 157 40.13 -9.54 4.92
N LYS E 158 41.40 -9.71 5.39
CA LYS E 158 41.75 -10.88 6.21
C LYS E 158 40.87 -10.94 7.44
N TYR E 159 40.65 -9.80 8.12
CA TYR E 159 39.77 -9.76 9.29
C TYR E 159 38.36 -10.15 8.96
N LEU E 160 37.77 -9.55 7.91
CA LEU E 160 36.37 -9.85 7.59
C LEU E 160 36.19 -11.31 7.23
N VAL E 161 37.11 -11.85 6.43
CA VAL E 161 37.07 -13.26 6.02
C VAL E 161 37.15 -14.17 7.26
N SER E 162 38.12 -13.90 8.18
CA SER E 162 38.26 -14.69 9.38
C SER E 162 37.04 -14.59 10.30
N TYR E 163 36.47 -13.38 10.44
CA TYR E 163 35.29 -13.18 11.25
C TYR E 163 34.14 -14.08 10.69
N ILE E 164 33.89 -13.96 9.40
CA ILE E 164 32.82 -14.72 8.76
C ILE E 164 33.04 -16.24 8.83
N LYS E 165 34.23 -16.70 8.40
CA LYS E 165 34.49 -18.13 8.32
C LYS E 165 34.61 -18.80 9.69
N ASN E 166 35.14 -18.10 10.70
CA ASN E 166 35.37 -18.68 12.02
C ASN E 166 34.51 -18.20 13.17
N GLU E 167 33.81 -17.05 13.05
CA GLU E 167 33.02 -16.52 14.16
C GLU E 167 31.52 -16.40 13.87
N THR E 168 31.08 -16.85 12.69
CA THR E 168 29.66 -16.90 12.35
C THR E 168 29.37 -18.27 11.79
N SER E 169 28.08 -18.55 11.64
CA SER E 169 27.59 -19.78 11.07
C SER E 169 27.12 -19.55 9.63
N LEU E 170 27.49 -18.42 9.00
CA LEU E 170 27.05 -18.17 7.63
C LEU E 170 27.68 -19.14 6.63
N HIS E 171 26.87 -19.68 5.73
CA HIS E 171 27.32 -20.54 4.64
C HIS E 171 27.73 -19.56 3.56
N THR E 172 28.98 -19.63 3.05
CA THR E 172 29.49 -18.61 2.16
C THR E 172 30.03 -19.15 0.83
N PRO E 173 29.12 -19.64 -0.03
CA PRO E 173 29.56 -20.15 -1.35
C PRO E 173 30.16 -19.05 -2.24
N CYS E 174 29.60 -17.84 -2.23
CA CYS E 174 30.15 -16.71 -3.02
C CYS E 174 31.54 -16.33 -2.53
N LEU E 175 31.70 -16.12 -1.20
CA LEU E 175 32.99 -15.73 -0.63
C LEU E 175 34.02 -16.82 -0.85
N ASP E 176 33.65 -18.09 -0.63
CA ASP E 176 34.60 -19.17 -0.85
C ASP E 176 35.08 -19.18 -2.30
N TYR E 177 34.16 -18.96 -3.24
CA TYR E 177 34.50 -18.92 -4.65
C TYR E 177 35.47 -17.77 -4.93
N ALA E 178 35.19 -16.57 -4.41
CA ALA E 178 36.06 -15.40 -4.63
C ALA E 178 37.45 -15.65 -4.08
N LEU E 179 37.56 -16.36 -2.93
CA LEU E 179 38.87 -16.70 -2.36
C LEU E 179 39.66 -17.64 -3.28
N GLU E 180 38.97 -18.56 -3.96
CA GLU E 180 39.62 -19.43 -4.94
C GLU E 180 40.04 -18.63 -6.17
N VAL E 181 39.23 -17.64 -6.58
CA VAL E 181 39.56 -16.77 -7.70
C VAL E 181 40.84 -15.99 -7.37
N GLU E 182 40.93 -15.44 -6.15
CA GLU E 182 42.08 -14.66 -5.71
C GLU E 182 43.38 -15.46 -5.82
N LYS E 183 43.32 -16.76 -5.56
CA LYS E 183 44.52 -17.64 -5.66
C LYS E 183 45.01 -17.67 -7.10
N VAL E 184 44.05 -17.73 -8.07
CA VAL E 184 44.35 -17.73 -9.51
C VAL E 184 44.86 -16.37 -9.97
N THR E 185 44.19 -15.27 -9.62
CA THR E 185 44.59 -13.97 -10.12
C THR E 185 45.88 -13.47 -9.50
N THR E 186 46.11 -13.66 -8.20
CA THR E 186 47.36 -13.19 -7.56
C THR E 186 48.60 -13.97 -8.06
N ALA E 187 48.40 -15.19 -8.58
CA ALA E 187 49.49 -15.96 -9.19
C ALA E 187 49.92 -15.28 -10.50
N LYS E 188 48.99 -14.59 -11.18
CA LYS E 188 49.29 -13.86 -12.41
C LYS E 188 49.93 -12.53 -12.08
N LYS E 189 49.31 -11.75 -11.19
CA LYS E 189 49.75 -10.41 -10.83
C LYS E 189 49.44 -10.14 -9.38
N GLY E 190 50.44 -9.71 -8.60
CA GLY E 190 50.30 -9.49 -7.17
C GLY E 190 49.26 -8.48 -6.72
N ASN E 191 48.92 -7.54 -7.57
CA ASN E 191 47.94 -6.52 -7.19
C ASN E 191 46.50 -7.09 -7.25
N LEU E 192 46.26 -8.26 -7.88
CA LEU E 192 44.89 -8.79 -8.08
C LEU E 192 44.34 -9.58 -6.90
N ILE E 193 44.38 -8.93 -5.77
CA ILE E 193 43.85 -9.50 -4.54
C ILE E 193 42.33 -9.33 -4.51
N LEU E 194 41.67 -10.09 -3.66
CA LEU E 194 40.26 -9.88 -3.34
C LEU E 194 40.25 -8.64 -2.47
N ASN E 195 39.62 -7.58 -2.94
CA ASN E 195 39.62 -6.31 -2.24
C ASN E 195 38.41 -6.18 -1.33
N VAL E 196 38.34 -5.09 -0.55
N VAL E 196 38.31 -5.06 -0.60
CA VAL E 196 37.27 -4.87 0.43
CA VAL E 196 37.22 -4.89 0.35
C VAL E 196 35.88 -4.81 -0.24
C VAL E 196 35.87 -4.88 -0.31
N ASP E 197 35.77 -4.26 -1.46
CA ASP E 197 34.49 -4.24 -2.18
C ASP E 197 34.08 -5.70 -2.54
N GLY E 198 35.02 -6.52 -3.03
CA GLY E 198 34.72 -7.90 -3.37
C GLY E 198 34.30 -8.75 -2.17
N THR E 199 35.00 -8.56 -1.07
CA THR E 199 34.73 -9.30 0.17
C THR E 199 33.33 -8.93 0.70
N ILE E 200 33.03 -7.63 0.80
CA ILE E 200 31.71 -7.17 1.25
C ILE E 200 30.61 -7.71 0.32
N GLY E 201 30.82 -7.59 -0.98
CA GLY E 201 29.82 -8.02 -1.94
C GLY E 201 29.50 -9.49 -1.81
N CYS E 202 30.52 -10.32 -1.68
CA CYS E 202 30.32 -11.76 -1.53
C CYS E 202 29.59 -12.08 -0.26
N ILE E 203 30.00 -11.46 0.86
CA ILE E 203 29.36 -11.69 2.15
C ILE E 203 27.89 -11.32 2.07
N LEU E 204 27.57 -10.17 1.47
CA LEU E 204 26.16 -9.75 1.39
C LEU E 204 25.33 -10.60 0.50
N MET E 205 25.90 -11.17 -0.58
CA MET E 205 25.15 -12.10 -1.43
C MET E 205 24.91 -13.38 -0.66
N ASP E 206 25.91 -13.86 0.09
CA ASP E 206 25.76 -15.08 0.92
C ASP E 206 24.69 -14.85 2.02
N LEU E 207 24.55 -13.62 2.50
CA LEU E 207 23.50 -13.23 3.45
C LEU E 207 22.15 -13.01 2.75
N ASP E 208 22.05 -13.21 1.42
CA ASP E 208 20.82 -12.98 0.65
C ASP E 208 20.26 -11.55 0.79
N PHE E 209 21.14 -10.54 0.90
CA PHE E 209 20.71 -9.14 0.93
C PHE E 209 20.31 -8.71 -0.49
N PRO E 210 19.43 -7.71 -0.65
CA PRO E 210 19.02 -7.26 -1.99
C PRO E 210 20.24 -6.82 -2.79
N VAL E 211 20.37 -7.30 -4.03
CA VAL E 211 21.53 -6.99 -4.84
C VAL E 211 21.76 -5.47 -5.02
N HIS E 212 20.67 -4.68 -5.17
CA HIS E 212 20.81 -3.23 -5.33
C HIS E 212 21.38 -2.56 -4.09
N SER E 213 21.29 -3.21 -2.89
CA SER E 213 21.76 -2.57 -1.67
C SER E 213 23.25 -2.56 -1.47
N LEU E 214 23.98 -3.44 -2.19
CA LEU E 214 25.35 -3.76 -1.83
C LEU E 214 26.28 -2.55 -1.74
N ASN E 215 26.22 -1.65 -2.75
CA ASN E 215 27.09 -0.46 -2.73
C ASN E 215 26.77 0.46 -1.55
N GLY E 216 25.54 0.37 -1.05
CA GLY E 216 25.11 1.17 0.08
C GLY E 216 26.00 1.03 1.29
N PHE E 217 26.51 -0.19 1.54
CA PHE E 217 27.35 -0.40 2.73
C PHE E 217 28.63 0.43 2.66
N PHE E 218 29.22 0.53 1.49
CA PHE E 218 30.44 1.35 1.34
C PHE E 218 30.06 2.85 1.32
N VAL E 219 29.00 3.23 0.58
CA VAL E 219 28.59 4.64 0.50
C VAL E 219 28.34 5.17 1.92
N LEU E 220 27.58 4.46 2.73
CA LEU E 220 27.28 4.92 4.07
C LEU E 220 28.53 4.94 4.92
N ALA E 221 29.27 3.82 4.94
CA ALA E 221 30.45 3.75 5.81
C ALA E 221 31.41 4.87 5.48
N ARG E 222 31.69 5.07 4.19
CA ARG E 222 32.70 6.08 3.84
C ARG E 222 32.22 7.51 4.03
N THR E 223 30.91 7.73 4.15
CA THR E 223 30.36 9.03 4.53
C THR E 223 30.87 9.41 5.94
N ILE E 224 31.06 8.43 6.84
CA ILE E 224 31.60 8.72 8.16
C ILE E 224 32.99 9.36 8.01
N GLY E 225 33.84 8.72 7.22
CA GLY E 225 35.17 9.22 6.96
C GLY E 225 35.19 10.58 6.27
N MET E 226 34.36 10.76 5.24
CA MET E 226 34.30 12.03 4.49
C MET E 226 33.86 13.17 5.38
N ILE E 227 32.87 12.91 6.25
CA ILE E 227 32.47 13.93 7.22
C ILE E 227 33.64 14.24 8.16
N GLY E 228 34.36 13.20 8.60
CA GLY E 228 35.53 13.40 9.48
C GLY E 228 36.56 14.29 8.82
N HIS E 229 36.90 14.01 7.56
CA HIS E 229 37.89 14.84 6.89
C HIS E 229 37.44 16.30 6.72
N TRP E 230 36.15 16.52 6.44
CA TRP E 230 35.63 17.88 6.36
C TRP E 230 35.80 18.61 7.71
N ILE E 231 35.44 17.91 8.80
CA ILE E 231 35.55 18.50 10.13
C ILE E 231 37.02 18.82 10.45
N ASP E 232 37.90 17.86 10.15
CA ASP E 232 39.35 18.00 10.38
C ASP E 232 39.92 19.24 9.67
N GLN E 233 39.59 19.39 8.39
CA GLN E 233 40.09 20.55 7.63
C GLN E 233 39.51 21.87 8.15
N ASN E 234 38.26 21.83 8.55
CA ASN E 234 37.63 23.03 9.13
C ASN E 234 38.22 23.41 10.49
N ASN E 235 38.56 22.41 11.33
CA ASN E 235 39.19 22.65 12.63
C ASN E 235 40.54 23.31 12.43
N GLN E 236 41.24 22.94 11.36
CA GLN E 236 42.56 23.49 11.01
C GLN E 236 42.50 24.81 10.27
N ASN E 237 41.31 25.26 9.86
CA ASN E 237 41.11 26.47 9.08
C ASN E 237 41.92 26.37 7.79
N SER E 238 41.96 25.18 7.20
CA SER E 238 42.74 24.96 6.00
C SER E 238 42.31 25.91 4.86
N ARG E 239 43.30 26.36 4.08
CA ARG E 239 43.14 27.26 2.94
C ARG E 239 42.86 26.53 1.65
N LEU E 240 42.39 27.30 0.65
CA LEU E 240 42.09 26.81 -0.70
C LEU E 240 43.28 26.04 -1.25
N ILE E 241 43.03 24.85 -1.81
CA ILE E 241 44.09 24.04 -2.39
C ILE E 241 44.25 24.35 -3.84
N ARG E 242 45.51 24.46 -4.26
N ARG E 242 45.50 24.52 -4.26
CA ARG E 242 45.89 24.64 -5.66
CA ARG E 242 45.85 24.61 -5.68
C ARG E 242 46.99 23.60 -5.91
C ARG E 242 46.94 23.54 -5.86
N LEU E 243 46.74 22.61 -6.79
CA LEU E 243 47.73 21.54 -7.06
C LEU E 243 49.05 22.14 -7.56
N TYR E 244 50.19 21.71 -6.96
CA TYR E 244 51.50 22.26 -7.33
C TYR E 244 51.80 22.00 -8.80
N ASP E 245 52.41 22.96 -9.51
CA ASP E 245 52.69 22.76 -10.94
C ASP E 245 53.59 21.57 -11.20
N TYR E 246 54.54 21.26 -10.29
CA TYR E 246 55.41 20.10 -10.51
C TYR E 246 54.65 18.76 -10.44
N LEU E 247 53.39 18.74 -9.97
CA LEU E 247 52.55 17.54 -9.95
C LEU E 247 51.77 17.38 -11.24
N ILE E 248 51.95 18.29 -12.20
CA ILE E 248 51.21 18.28 -13.43
C ILE E 248 52.16 18.19 -14.58
N ASN E 249 51.87 17.24 -15.49
CA ASN E 249 52.55 17.12 -16.76
C ASN E 249 51.76 17.98 -17.72
N TYR E 250 52.24 19.20 -17.95
CA TYR E 250 51.58 20.09 -18.89
C TYR E 250 51.97 19.71 -20.32
N ALA E 251 51.21 18.79 -20.94
CA ALA E 251 51.43 18.37 -22.32
C ALA E 251 50.51 19.19 -23.22
N VAL E 252 50.72 20.50 -23.18
CA VAL E 252 49.86 21.51 -23.78
C VAL E 252 50.37 21.96 -25.15
N LYS E 253 49.47 22.53 -25.96
CA LYS E 253 49.82 22.94 -27.31
C LYS E 253 50.72 24.14 -27.31
N PRO E 254 51.57 24.27 -28.35
CA PRO E 254 52.41 25.47 -28.42
C PRO E 254 51.59 26.74 -28.42
N GLU E 255 52.09 27.80 -27.75
CA GLU E 255 51.43 29.09 -27.70
C GLU E 255 51.37 29.59 -29.14
N GLN E 256 50.16 29.92 -29.62
CA GLN E 256 49.93 30.37 -30.99
C GLN E 256 49.15 31.65 -31.02
N GLU E 257 49.38 32.45 -32.09
CA GLU E 257 48.61 33.67 -32.30
C GLU E 257 47.24 33.29 -32.85
N VAL E 258 46.18 34.02 -32.49
CA VAL E 258 44.84 33.72 -32.99
C VAL E 258 44.75 34.19 -34.47
N PRO E 259 44.32 33.34 -35.42
CA PRO E 259 44.21 33.81 -36.82
C PRO E 259 42.95 34.64 -37.06
N GLU E 260 42.96 35.44 -38.13
CA GLU E 260 41.81 36.28 -38.49
C GLU E 260 40.64 35.40 -38.99
N LYS E 261 39.40 35.89 -38.84
CA LYS E 261 38.20 35.13 -39.26
C LYS E 261 38.06 35.17 -40.78
N GLU F 6 -6.81 9.19 10.13
CA GLU F 6 -6.38 7.81 10.35
C GLU F 6 -7.24 6.82 9.49
N PRO F 7 -6.63 5.81 8.83
CA PRO F 7 -7.44 4.85 8.08
C PRO F 7 -8.20 3.91 8.98
N LEU F 8 -9.22 3.29 8.42
CA LEU F 8 -10.07 2.34 9.10
C LEU F 8 -9.63 0.91 8.87
N ILE F 9 -9.17 0.59 7.65
CA ILE F 9 -8.70 -0.74 7.28
C ILE F 9 -7.40 -0.67 6.52
N ARG F 10 -6.76 -1.83 6.36
CA ARG F 10 -5.56 -2.02 5.55
C ARG F 10 -5.79 -3.19 4.60
N THR F 11 -5.46 -3.00 3.32
N THR F 11 -5.52 -3.01 3.30
CA THR F 11 -5.64 -4.05 2.31
CA THR F 11 -5.76 -4.05 2.28
C THR F 11 -4.33 -4.26 1.58
C THR F 11 -4.50 -4.21 1.46
N THR F 12 -4.15 -5.44 1.05
CA THR F 12 -2.96 -5.73 0.22
C THR F 12 -3.22 -6.47 -1.07
N ILE F 13 -4.45 -6.94 -1.33
CA ILE F 13 -4.69 -7.82 -2.46
C ILE F 13 -5.21 -7.20 -3.72
N SER F 14 -5.96 -6.11 -3.62
CA SER F 14 -6.62 -5.57 -4.80
C SER F 14 -6.90 -4.09 -4.69
N ASP F 15 -7.02 -3.45 -5.84
CA ASP F 15 -7.15 -2.01 -5.88
C ASP F 15 -7.96 -1.61 -7.11
N ASP F 16 -8.93 -0.68 -6.97
CA ASP F 16 -9.66 -0.18 -8.12
C ASP F 16 -9.38 1.31 -8.36
N ARG F 17 -8.34 1.88 -7.71
CA ARG F 17 -8.04 3.31 -7.85
C ARG F 17 -7.48 3.70 -9.24
N GLY F 18 -6.85 2.76 -9.93
CA GLY F 18 -6.25 2.99 -11.24
C GLY F 18 -7.22 2.85 -12.41
N GLU F 19 -6.68 2.61 -13.62
CA GLU F 19 -7.52 2.52 -14.82
C GLU F 19 -8.49 1.36 -14.80
N GLU F 20 -8.14 0.23 -14.16
CA GLU F 20 -9.07 -0.86 -13.99
C GLU F 20 -8.63 -1.60 -12.73
N PRO F 21 -9.48 -2.47 -12.17
CA PRO F 21 -9.09 -3.21 -10.97
C PRO F 21 -7.82 -4.02 -11.21
N ARG F 22 -6.99 -4.08 -10.19
CA ARG F 22 -5.75 -4.81 -10.21
C ARG F 22 -5.82 -5.88 -9.12
N TYR F 23 -5.53 -7.12 -9.49
CA TYR F 23 -5.50 -8.26 -8.60
C TYR F 23 -4.04 -8.62 -8.36
N ALA F 24 -3.53 -8.34 -7.16
CA ALA F 24 -2.10 -8.56 -6.91
C ALA F 24 -1.21 -7.86 -7.98
N GLY F 25 -1.66 -6.68 -8.41
CA GLY F 25 -0.94 -5.87 -9.37
C GLY F 25 -1.27 -6.10 -10.84
N TYR F 26 -2.04 -7.14 -11.15
CA TYR F 26 -2.37 -7.48 -12.52
C TYR F 26 -3.77 -7.07 -12.94
N ALA F 27 -3.90 -6.57 -14.18
CA ALA F 27 -5.21 -6.17 -14.75
C ALA F 27 -5.95 -7.43 -15.26
N ALA F 28 -7.23 -7.57 -14.97
CA ALA F 28 -8.01 -8.72 -15.45
C ALA F 28 -8.09 -8.77 -16.95
N SER F 29 -8.22 -7.61 -17.63
CA SER F 29 -8.27 -7.59 -19.10
C SER F 29 -6.99 -8.23 -19.68
N GLU F 30 -5.81 -7.97 -19.06
CA GLU F 30 -4.54 -8.51 -19.54
C GLU F 30 -4.42 -10.02 -19.19
N LEU F 31 -4.89 -10.44 -18.00
CA LEU F 31 -4.92 -11.86 -17.61
C LEU F 31 -5.76 -12.66 -18.64
N CYS F 32 -6.91 -12.11 -19.02
CA CYS F 32 -7.77 -12.74 -20.04
C CYS F 32 -7.03 -12.83 -21.34
N SER F 33 -6.49 -11.71 -21.78
CA SER F 33 -5.77 -11.59 -23.08
C SER F 33 -4.62 -12.58 -23.23
N LYS F 34 -3.88 -12.85 -22.15
CA LYS F 34 -2.72 -13.76 -22.16
C LYS F 34 -3.08 -15.21 -21.85
N GLY F 35 -4.37 -15.55 -21.80
CA GLY F 35 -4.85 -16.92 -21.69
C GLY F 35 -4.97 -17.51 -20.30
N TYR F 36 -4.94 -16.67 -19.28
CA TYR F 36 -5.10 -17.13 -17.89
C TYR F 36 -6.56 -17.43 -17.62
N GLY F 37 -6.83 -18.14 -16.53
CA GLY F 37 -8.16 -18.58 -16.22
C GLY F 37 -8.63 -18.23 -14.83
N ILE F 38 -9.80 -18.74 -14.48
CA ILE F 38 -10.39 -18.47 -13.15
C ILE F 38 -9.43 -18.93 -12.05
N GLU F 39 -8.82 -20.11 -12.25
CA GLU F 39 -7.87 -20.68 -11.28
C GLU F 39 -6.66 -19.76 -11.02
N ASP F 40 -6.26 -18.98 -12.02
CA ASP F 40 -5.17 -18.02 -11.88
C ASP F 40 -5.58 -16.80 -11.07
N VAL F 41 -6.82 -16.32 -11.26
CA VAL F 41 -7.41 -15.22 -10.46
C VAL F 41 -7.57 -15.66 -8.99
N ILE F 42 -7.97 -16.93 -8.75
CA ILE F 42 -8.01 -17.47 -7.39
C ILE F 42 -6.61 -17.37 -6.75
N GLY F 43 -5.58 -17.83 -7.47
CA GLY F 43 -4.22 -17.73 -6.96
C GLY F 43 -3.79 -16.32 -6.62
N LEU F 44 -4.12 -15.36 -7.50
CA LEU F 44 -3.75 -13.98 -7.28
C LEU F 44 -4.43 -13.37 -6.08
N LEU F 45 -5.75 -13.57 -5.96
CA LEU F 45 -6.47 -12.91 -4.86
C LEU F 45 -6.29 -13.59 -3.53
N TRP F 46 -5.95 -14.88 -3.53
CA TRP F 46 -5.80 -15.60 -2.26
C TRP F 46 -4.34 -15.81 -1.87
N ASN F 47 -3.39 -15.76 -2.83
CA ASN F 47 -1.98 -16.01 -2.53
C ASN F 47 -1.05 -14.89 -3.06
N LYS F 48 -1.61 -13.85 -3.76
CA LYS F 48 -0.86 -12.72 -4.34
C LYS F 48 0.27 -13.15 -5.26
N LYS F 49 0.07 -14.29 -5.94
CA LYS F 49 1.06 -14.87 -6.84
C LYS F 49 0.35 -15.60 -7.97
N LEU F 50 0.87 -15.43 -9.20
CA LEU F 50 0.30 -16.13 -10.33
C LEU F 50 0.70 -17.59 -10.15
N PRO F 51 -0.23 -18.53 -10.17
CA PRO F 51 0.15 -19.94 -10.00
C PRO F 51 1.03 -20.43 -11.13
N THR F 52 1.83 -21.46 -10.86
CA THR F 52 2.54 -22.14 -11.95
C THR F 52 1.48 -22.96 -12.73
N ARG F 53 1.83 -23.48 -13.91
CA ARG F 53 0.90 -24.28 -14.69
C ARG F 53 0.41 -25.50 -13.91
N GLU F 54 1.30 -26.17 -13.18
CA GLU F 54 0.92 -27.34 -12.38
C GLU F 54 -0.04 -26.98 -11.25
N GLU F 55 0.25 -25.88 -10.57
CA GLU F 55 -0.60 -25.39 -9.48
C GLU F 55 -1.98 -25.03 -10.04
N SER F 56 -2.02 -24.34 -11.20
CA SER F 56 -3.31 -23.95 -11.80
C SER F 56 -4.13 -25.18 -12.17
N GLU F 57 -3.50 -26.23 -12.70
CA GLU F 57 -4.21 -27.47 -13.06
C GLU F 57 -4.79 -28.14 -11.79
N ILE F 58 -4.08 -28.04 -10.65
CA ILE F 58 -4.53 -28.65 -9.41
C ILE F 58 -5.73 -27.88 -8.85
N ILE F 59 -5.62 -26.55 -8.81
CA ILE F 59 -6.70 -25.68 -8.31
C ILE F 59 -8.00 -25.96 -9.11
N LYS F 60 -7.87 -25.97 -10.43
CA LYS F 60 -8.99 -26.19 -11.33
C LYS F 60 -9.72 -27.48 -10.96
N ARG F 61 -8.97 -28.55 -10.78
CA ARG F 61 -9.54 -29.87 -10.48
C ARG F 61 -10.19 -29.89 -9.10
N ILE F 62 -9.56 -29.28 -8.11
CA ILE F 62 -10.16 -29.22 -6.78
C ILE F 62 -11.53 -28.57 -6.88
N VAL F 63 -11.61 -27.43 -7.53
CA VAL F 63 -12.88 -26.71 -7.62
C VAL F 63 -13.91 -27.53 -8.41
N MET F 64 -13.52 -28.08 -9.53
CA MET F 64 -14.45 -28.85 -10.33
C MET F 64 -15.02 -30.07 -9.60
N ILE F 65 -14.16 -30.78 -8.88
CA ILE F 65 -14.53 -32.02 -8.17
C ILE F 65 -15.46 -31.72 -7.01
N SER F 66 -15.30 -30.54 -6.41
CA SER F 66 -15.98 -30.13 -5.18
C SER F 66 -17.25 -29.31 -5.44
N ALA F 67 -17.57 -28.98 -6.69
CA ALA F 67 -18.64 -28.02 -6.98
C ALA F 67 -19.99 -28.33 -6.46
N ASP F 68 -20.37 -29.60 -6.48
CA ASP F 68 -21.70 -29.97 -5.99
C ASP F 68 -21.72 -31.40 -5.53
N HIS F 69 -22.55 -31.72 -4.53
CA HIS F 69 -22.74 -33.12 -4.09
C HIS F 69 -24.19 -33.36 -3.76
N GLY F 70 -25.06 -32.81 -4.58
CA GLY F 70 -26.49 -33.09 -4.49
C GLY F 70 -27.25 -32.21 -3.53
N PRO F 71 -28.58 -32.38 -3.50
CA PRO F 71 -29.43 -31.48 -2.71
C PRO F 71 -29.62 -31.92 -1.26
N ALA F 72 -29.08 -33.06 -0.84
CA ALA F 72 -29.38 -33.61 0.47
C ALA F 72 -28.51 -33.08 1.57
N VAL F 73 -27.37 -32.49 1.18
CA VAL F 73 -26.35 -31.98 2.07
C VAL F 73 -26.65 -30.57 2.48
N SER F 74 -26.12 -30.17 3.65
CA SER F 74 -26.58 -28.97 4.30
C SER F 74 -26.51 -27.66 3.51
N GLY F 75 -25.45 -27.43 2.78
CA GLY F 75 -25.29 -26.19 2.02
C GLY F 75 -26.33 -26.07 0.92
N ALA F 76 -26.44 -27.11 0.11
CA ALA F 76 -27.46 -27.13 -0.93
C ALA F 76 -28.85 -27.06 -0.35
N PHE F 77 -29.14 -27.85 0.70
CA PHE F 77 -30.48 -27.86 1.27
C PHE F 77 -30.82 -26.48 1.86
N GLY F 78 -29.86 -25.80 2.50
CA GLY F 78 -30.10 -24.45 2.97
C GLY F 78 -30.45 -23.48 1.84
N SER F 79 -29.73 -23.54 0.71
N SER F 79 -29.71 -23.56 0.70
CA SER F 79 -30.02 -22.69 -0.44
CA SER F 79 -29.98 -22.73 -0.48
C SER F 79 -31.39 -23.02 -1.04
C SER F 79 -31.37 -23.03 -1.06
N ILE F 80 -31.74 -24.32 -1.09
CA ILE F 80 -33.05 -24.77 -1.59
C ILE F 80 -34.18 -24.30 -0.67
N LEU F 81 -34.01 -24.42 0.65
CA LEU F 81 -35.03 -23.93 1.57
C LEU F 81 -35.30 -22.43 1.27
N ALA F 82 -34.23 -21.65 1.14
CA ALA F 82 -34.34 -20.24 0.91
C ALA F 82 -34.96 -19.96 -0.46
N ALA F 83 -34.54 -20.74 -1.49
CA ALA F 83 -35.14 -20.57 -2.81
C ALA F 83 -36.64 -20.78 -2.75
N CYS F 84 -37.05 -21.83 -2.06
CA CYS F 84 -38.46 -22.23 -1.92
C CYS F 84 -39.25 -21.20 -1.08
N ALA F 85 -38.53 -20.47 -0.21
CA ALA F 85 -39.12 -19.37 0.55
C ALA F 85 -39.21 -18.05 -0.22
N GLY F 86 -38.82 -18.06 -1.49
CA GLY F 86 -38.94 -16.89 -2.34
C GLY F 86 -37.80 -15.91 -2.17
N ILE F 87 -36.69 -16.34 -1.53
CA ILE F 87 -35.58 -15.46 -1.25
C ILE F 87 -34.70 -15.31 -2.49
N ASP F 88 -34.15 -14.11 -2.71
CA ASP F 88 -33.32 -13.85 -3.90
C ASP F 88 -32.00 -14.62 -3.84
N MET F 89 -31.39 -14.86 -5.01
CA MET F 89 -30.22 -15.75 -5.08
C MET F 89 -29.09 -15.46 -4.10
N PRO F 90 -28.53 -14.24 -4.06
CA PRO F 90 -27.38 -14.03 -3.18
C PRO F 90 -27.67 -14.31 -1.73
N GLN F 91 -28.86 -13.89 -1.27
CA GLN F 91 -29.24 -14.08 0.15
C GLN F 91 -29.51 -15.55 0.41
N ALA F 92 -30.15 -16.26 -0.54
CA ALA F 92 -30.37 -17.69 -0.39
C ALA F 92 -29.06 -18.46 -0.32
N VAL F 93 -28.12 -18.15 -1.24
CA VAL F 93 -26.81 -18.83 -1.24
C VAL F 93 -26.05 -18.49 0.04
N SER F 94 -26.26 -17.30 0.58
N SER F 94 -26.27 -17.27 0.57
CA SER F 94 -25.58 -16.93 1.82
CA SER F 94 -25.64 -16.86 1.83
C SER F 94 -26.04 -17.88 2.97
C SER F 94 -26.07 -17.81 2.98
N ALA F 95 -27.34 -18.26 2.99
CA ALA F 95 -27.83 -19.20 3.99
C ALA F 95 -27.20 -20.56 3.87
N GLY F 96 -27.05 -21.05 2.64
CA GLY F 96 -26.36 -22.30 2.41
C GLY F 96 -24.90 -22.24 2.81
N MET F 97 -24.23 -21.15 2.48
CA MET F 97 -22.79 -20.99 2.78
C MET F 97 -22.57 -20.98 4.28
N THR F 98 -23.53 -20.44 5.04
CA THR F 98 -23.44 -20.41 6.50
C THR F 98 -23.31 -21.81 7.11
N MET F 99 -23.77 -22.86 6.40
CA MET F 99 -23.72 -24.22 6.90
C MET F 99 -22.29 -24.80 6.87
N ILE F 100 -21.41 -24.19 6.08
CA ILE F 100 -20.04 -24.71 5.87
C ILE F 100 -19.22 -24.41 7.12
N GLY F 101 -18.66 -25.47 7.68
CA GLY F 101 -17.97 -25.37 8.95
C GLY F 101 -17.28 -26.68 9.30
N PRO F 102 -16.98 -26.89 10.59
CA PRO F 102 -16.18 -28.06 10.95
C PRO F 102 -16.76 -29.41 10.61
N ARG F 103 -18.08 -29.55 10.56
CA ARG F 103 -18.71 -30.81 10.19
C ARG F 103 -18.86 -31.01 8.72
N PHE F 104 -19.26 -29.94 8.00
CA PHE F 104 -19.61 -30.00 6.60
C PHE F 104 -18.75 -29.02 5.81
N GLY F 105 -17.83 -29.53 5.02
CA GLY F 105 -17.06 -28.74 4.08
C GLY F 105 -15.90 -27.87 4.57
N GLY F 106 -15.98 -27.36 5.78
CA GLY F 106 -15.02 -26.37 6.31
C GLY F 106 -13.96 -26.95 7.22
N ALA F 107 -13.62 -28.25 7.05
CA ALA F 107 -12.53 -28.93 7.79
C ALA F 107 -11.22 -28.88 6.97
N VAL F 108 -11.19 -28.19 5.81
CA VAL F 108 -9.99 -28.18 4.98
C VAL F 108 -8.80 -27.52 5.72
N THR F 109 -9.03 -26.30 6.27
CA THR F 109 -7.96 -25.56 6.93
C THR F 109 -7.33 -26.35 8.07
N ASN F 110 -8.17 -26.89 8.94
CA ASN F 110 -7.63 -27.64 10.08
C ASN F 110 -7.03 -28.96 9.68
N ALA F 111 -7.57 -29.64 8.67
CA ALA F 111 -6.93 -30.87 8.21
C ALA F 111 -5.53 -30.60 7.70
N GLY F 112 -5.38 -29.55 6.91
CA GLY F 112 -4.04 -29.22 6.43
C GLY F 112 -3.07 -28.87 7.55
N LYS F 113 -3.54 -28.08 8.52
CA LYS F 113 -2.73 -27.66 9.67
C LYS F 113 -2.22 -28.86 10.47
N TYR F 114 -3.12 -29.76 10.83
CA TYR F 114 -2.75 -30.90 11.65
C TYR F 114 -1.96 -31.95 10.91
N PHE F 115 -2.25 -32.22 9.62
CA PHE F 115 -1.44 -33.21 8.92
C PHE F 115 -0.03 -32.67 8.68
N LYS F 116 0.08 -31.35 8.41
CA LYS F 116 1.41 -30.74 8.21
C LYS F 116 2.23 -30.86 9.49
N MET F 117 1.64 -30.61 10.66
CA MET F 117 2.37 -30.78 11.91
C MET F 117 2.70 -32.24 12.19
N ALA F 118 1.81 -33.16 11.84
CA ALA F 118 2.05 -34.61 12.05
C ALA F 118 3.27 -35.11 11.31
N VAL F 119 3.46 -34.63 10.08
CA VAL F 119 4.64 -34.96 9.26
C VAL F 119 5.93 -34.69 10.04
N GLU F 120 5.99 -33.57 10.76
CA GLU F 120 7.20 -33.18 11.52
C GLU F 120 7.25 -33.77 12.92
N ASP F 121 6.12 -33.83 13.62
CA ASP F 121 6.04 -34.28 15.01
C ASP F 121 5.82 -35.78 15.23
N TYR F 122 5.19 -36.50 14.28
CA TYR F 122 4.97 -37.93 14.40
C TYR F 122 5.30 -38.62 13.09
N PRO F 123 6.53 -38.41 12.52
CA PRO F 123 6.85 -38.98 11.21
C PRO F 123 6.66 -40.47 11.05
N ASN F 124 7.05 -41.22 12.09
CA ASN F 124 6.94 -42.68 12.09
C ASN F 124 6.15 -43.11 13.31
N ASP F 125 5.10 -42.39 13.66
CA ASP F 125 4.28 -42.71 14.81
C ASP F 125 2.84 -42.25 14.62
N ILE F 126 2.13 -42.87 13.66
CA ILE F 126 0.72 -42.54 13.43
C ILE F 126 -0.12 -42.78 14.70
N PRO F 127 0.05 -43.90 15.44
CA PRO F 127 -0.73 -44.07 16.68
C PRO F 127 -0.55 -42.92 17.68
N GLY F 128 0.66 -42.36 17.76
CA GLY F 128 0.97 -41.23 18.64
C GLY F 128 0.25 -39.98 18.19
N PHE F 129 0.19 -39.76 16.88
CA PHE F 129 -0.55 -38.62 16.32
C PHE F 129 -2.04 -38.74 16.63
N LEU F 130 -2.61 -39.94 16.42
CA LEU F 130 -4.04 -40.16 16.67
C LEU F 130 -4.35 -40.00 18.14
N SER F 131 -3.47 -40.48 19.03
CA SER F 131 -3.66 -40.33 20.47
C SER F 131 -3.58 -38.86 20.87
N TRP F 132 -2.61 -38.14 20.30
CA TRP F 132 -2.46 -36.72 20.58
C TRP F 132 -3.70 -35.96 20.16
N MET F 133 -4.21 -36.25 18.96
CA MET F 133 -5.42 -35.61 18.44
C MET F 133 -6.64 -35.95 19.29
N LYS F 134 -6.77 -37.24 19.69
CA LYS F 134 -7.93 -37.69 20.46
C LYS F 134 -8.07 -36.94 21.78
N LYS F 135 -6.94 -36.66 22.43
CA LYS F 135 -6.91 -36.00 23.73
C LYS F 135 -6.89 -34.47 23.67
N ASN F 136 -6.30 -33.87 22.61
CA ASN F 136 -6.13 -32.41 22.52
C ASN F 136 -7.02 -31.66 21.54
N VAL F 137 -7.58 -32.33 20.51
CA VAL F 137 -8.40 -31.64 19.51
C VAL F 137 -9.81 -32.18 19.48
N GLY F 138 -9.91 -33.49 19.27
CA GLY F 138 -11.18 -34.19 19.14
C GLY F 138 -11.12 -34.97 17.84
N PRO F 139 -12.18 -35.00 17.01
CA PRO F 139 -12.08 -35.78 15.76
C PRO F 139 -10.99 -35.25 14.87
N VAL F 140 -10.26 -36.13 14.17
CA VAL F 140 -9.19 -35.70 13.28
C VAL F 140 -9.85 -34.99 12.07
N PRO F 141 -9.65 -33.70 11.87
CA PRO F 141 -10.22 -33.07 10.68
C PRO F 141 -9.68 -33.70 9.41
N GLY F 142 -10.56 -33.91 8.44
CA GLY F 142 -10.20 -34.53 7.16
C GLY F 142 -10.35 -36.03 7.11
N ILE F 143 -10.76 -36.67 8.22
CA ILE F 143 -11.01 -38.11 8.31
C ILE F 143 -12.53 -38.25 8.63
N GLY F 144 -13.17 -39.23 7.99
CA GLY F 144 -14.57 -39.56 8.24
C GLY F 144 -15.56 -39.05 7.23
N HIS F 145 -16.69 -39.76 7.07
CA HIS F 145 -17.75 -39.33 6.14
C HIS F 145 -19.06 -39.99 6.56
N ARG F 146 -20.20 -39.31 6.30
CA ARG F 146 -21.53 -39.81 6.66
C ARG F 146 -21.94 -40.96 5.74
N VAL F 147 -21.49 -40.97 4.46
CA VAL F 147 -21.92 -41.97 3.50
C VAL F 147 -20.80 -42.78 2.81
N LYS F 148 -19.63 -42.19 2.56
CA LYS F 148 -18.49 -42.88 1.93
C LYS F 148 -17.74 -43.68 3.02
N SER F 149 -17.07 -44.77 2.64
CA SER F 149 -16.40 -45.67 3.58
C SER F 149 -15.41 -46.58 2.86
N VAL F 150 -14.72 -47.50 3.55
CA VAL F 150 -13.84 -48.42 2.82
C VAL F 150 -14.65 -49.29 1.85
N LYS F 151 -15.86 -49.75 2.25
CA LYS F 151 -16.72 -50.57 1.39
C LYS F 151 -17.34 -49.77 0.23
N ASN F 152 -17.62 -48.47 0.43
CA ASN F 152 -18.18 -47.56 -0.58
C ASN F 152 -17.21 -46.37 -0.67
N PRO F 153 -16.06 -46.51 -1.36
CA PRO F 153 -15.07 -45.41 -1.40
C PRO F 153 -15.54 -44.14 -2.05
N ASP F 154 -14.89 -43.02 -1.67
CA ASP F 154 -15.14 -41.75 -2.31
C ASP F 154 -14.19 -41.62 -3.48
N GLN F 155 -14.74 -41.79 -4.72
CA GLN F 155 -13.95 -41.67 -5.96
C GLN F 155 -13.44 -40.26 -6.24
N ARG F 156 -14.03 -39.22 -5.62
CA ARG F 156 -13.49 -37.87 -5.76
C ARG F 156 -12.10 -37.88 -5.12
N VAL F 157 -11.94 -38.54 -3.96
CA VAL F 157 -10.64 -38.61 -3.27
C VAL F 157 -9.69 -39.47 -4.08
N LYS F 158 -10.15 -40.67 -4.52
CA LYS F 158 -9.27 -41.55 -5.31
C LYS F 158 -8.78 -40.84 -6.57
N TYR F 159 -9.66 -40.05 -7.25
CA TYR F 159 -9.24 -39.31 -8.44
C TYR F 159 -8.19 -38.26 -8.09
N LEU F 160 -8.45 -37.43 -7.07
CA LEU F 160 -7.51 -36.35 -6.74
C LEU F 160 -6.16 -36.91 -6.35
N VAL F 161 -6.17 -38.00 -5.54
CA VAL F 161 -4.92 -38.62 -5.11
C VAL F 161 -4.15 -39.15 -6.30
N SER F 162 -4.85 -39.87 -7.19
CA SER F 162 -4.23 -40.43 -8.40
C SER F 162 -3.66 -39.33 -9.31
N TYR F 163 -4.42 -38.25 -9.52
CA TYR F 163 -3.97 -37.15 -10.35
C TYR F 163 -2.66 -36.57 -9.77
N ILE F 164 -2.67 -36.24 -8.48
CA ILE F 164 -1.50 -35.66 -7.83
C ILE F 164 -0.31 -36.58 -7.89
N LYS F 165 -0.48 -37.83 -7.47
CA LYS F 165 0.67 -38.73 -7.36
C LYS F 165 1.17 -39.25 -8.71
N ASN F 166 0.26 -39.39 -9.71
CA ASN F 166 0.65 -39.91 -11.01
C ASN F 166 0.86 -38.88 -12.11
N GLU F 167 0.09 -37.78 -12.11
CA GLU F 167 0.14 -36.81 -13.20
C GLU F 167 0.84 -35.48 -12.84
N THR F 168 1.33 -35.30 -11.61
CA THR F 168 2.08 -34.09 -11.25
C THR F 168 3.42 -34.51 -10.71
N SER F 169 4.28 -33.53 -10.45
CA SER F 169 5.60 -33.68 -9.90
C SER F 169 5.63 -33.16 -8.49
N LEU F 170 4.46 -32.93 -7.87
CA LEU F 170 4.39 -32.37 -6.54
C LEU F 170 4.93 -33.35 -5.50
N HIS F 171 5.80 -32.86 -4.60
CA HIS F 171 6.29 -33.62 -3.44
C HIS F 171 5.14 -33.52 -2.46
N THR F 172 4.56 -34.65 -1.99
CA THR F 172 3.38 -34.58 -1.11
C THR F 172 3.55 -35.28 0.24
N PRO F 173 4.42 -34.76 1.10
CA PRO F 173 4.59 -35.36 2.43
C PRO F 173 3.30 -35.35 3.27
N CYS F 174 2.50 -34.27 3.22
CA CYS F 174 1.25 -34.22 3.98
C CYS F 174 0.27 -35.25 3.48
N LEU F 175 0.04 -35.27 2.16
CA LEU F 175 -0.91 -36.19 1.57
C LEU F 175 -0.47 -37.63 1.79
N ASP F 176 0.83 -37.93 1.63
CA ASP F 176 1.33 -39.29 1.87
C ASP F 176 1.10 -39.70 3.32
N TYR F 177 1.30 -38.77 4.25
CA TYR F 177 1.08 -39.04 5.67
C TYR F 177 -0.38 -39.33 5.93
N ALA F 178 -1.27 -38.50 5.40
CA ALA F 178 -2.70 -38.69 5.57
C ALA F 178 -3.17 -40.05 5.00
N LEU F 179 -2.53 -40.52 3.92
CA LEU F 179 -2.89 -41.82 3.33
C LEU F 179 -2.46 -42.96 4.25
N GLU F 180 -1.34 -42.80 4.95
CA GLU F 180 -0.88 -43.79 5.94
C GLU F 180 -1.82 -43.74 7.16
N VAL F 181 -2.29 -42.53 7.54
CA VAL F 181 -3.24 -42.39 8.64
C VAL F 181 -4.52 -43.15 8.35
N GLU F 182 -5.07 -42.99 7.14
CA GLU F 182 -6.29 -43.64 6.68
C GLU F 182 -6.22 -45.17 6.81
N LYS F 183 -5.07 -45.76 6.52
CA LYS F 183 -4.90 -47.21 6.63
C LYS F 183 -5.14 -47.67 8.08
N VAL F 184 -4.65 -46.88 9.05
CA VAL F 184 -4.79 -47.17 10.47
C VAL F 184 -6.19 -46.90 10.95
N THR F 185 -6.77 -45.75 10.61
CA THR F 185 -8.11 -45.39 11.06
C THR F 185 -9.19 -46.27 10.45
N THR F 186 -9.10 -46.62 9.15
CA THR F 186 -10.12 -47.47 8.53
C THR F 186 -10.07 -48.91 9.08
N ALA F 187 -8.92 -49.33 9.62
CA ALA F 187 -8.79 -50.66 10.25
C ALA F 187 -9.58 -50.68 11.59
N LYS F 188 -9.70 -49.51 12.26
CA LYS F 188 -10.47 -49.34 13.49
C LYS F 188 -11.96 -49.24 13.19
N LYS F 189 -12.36 -48.39 12.21
CA LYS F 189 -13.76 -48.22 11.81
C LYS F 189 -13.77 -47.82 10.33
N GLY F 190 -14.54 -48.53 9.52
CA GLY F 190 -14.61 -48.33 8.07
C GLY F 190 -14.98 -46.97 7.52
N ASN F 191 -15.79 -46.19 8.24
CA ASN F 191 -16.17 -44.85 7.77
C ASN F 191 -15.00 -43.82 7.97
N LEU F 192 -13.88 -44.19 8.63
CA LEU F 192 -12.81 -43.22 8.90
C LEU F 192 -11.82 -43.09 7.76
N ILE F 193 -12.37 -42.82 6.59
CA ILE F 193 -11.59 -42.64 5.39
C ILE F 193 -10.99 -41.25 5.37
N LEU F 194 -10.04 -41.04 4.48
CA LEU F 194 -9.53 -39.70 4.16
C LEU F 194 -10.62 -39.08 3.29
N ASN F 195 -11.24 -38.02 3.76
CA ASN F 195 -12.33 -37.39 3.04
C ASN F 195 -11.84 -36.26 2.11
N VAL F 196 -12.76 -35.70 1.34
N VAL F 196 -12.78 -35.66 1.36
CA VAL F 196 -12.43 -34.68 0.35
CA VAL F 196 -12.45 -34.60 0.38
C VAL F 196 -11.82 -33.41 1.00
C VAL F 196 -11.78 -33.42 1.05
N ASP F 197 -12.30 -33.01 2.19
CA ASP F 197 -11.69 -31.88 2.92
C ASP F 197 -10.22 -32.22 3.30
N GLY F 198 -9.97 -33.42 3.79
CA GLY F 198 -8.62 -33.85 4.19
C GLY F 198 -7.68 -33.90 3.01
N THR F 199 -8.20 -34.41 1.89
CA THR F 199 -7.40 -34.55 0.68
C THR F 199 -7.03 -33.17 0.15
N ILE F 200 -7.99 -32.28 0.03
CA ILE F 200 -7.73 -30.92 -0.45
C ILE F 200 -6.76 -30.19 0.49
N GLY F 201 -6.98 -30.30 1.80
CA GLY F 201 -6.14 -29.66 2.78
C GLY F 201 -4.68 -30.09 2.66
N CYS F 202 -4.46 -31.40 2.57
CA CYS F 202 -3.09 -31.92 2.43
C CYS F 202 -2.44 -31.43 1.16
N ILE F 203 -3.16 -31.51 0.06
CA ILE F 203 -2.63 -31.08 -1.24
C ILE F 203 -2.21 -29.60 -1.20
N LEU F 204 -3.07 -28.74 -0.63
CA LEU F 204 -2.79 -27.30 -0.56
C LEU F 204 -1.63 -26.99 0.39
N MET F 205 -1.47 -27.76 1.49
CA MET F 205 -0.29 -27.58 2.34
C MET F 205 0.98 -27.99 1.61
N ASP F 206 0.89 -29.07 0.82
CA ASP F 206 2.04 -29.55 0.02
C ASP F 206 2.38 -28.52 -1.08
N LEU F 207 1.40 -27.76 -1.59
CA LEU F 207 1.63 -26.64 -2.52
C LEU F 207 2.12 -25.36 -1.83
N ASP F 208 2.20 -25.35 -0.49
CA ASP F 208 2.59 -24.19 0.31
C ASP F 208 1.63 -23.02 0.17
N PHE F 209 0.33 -23.30 0.03
CA PHE F 209 -0.66 -22.21 -0.04
C PHE F 209 -0.82 -21.66 1.39
N PRO F 210 -1.26 -20.39 1.53
CA PRO F 210 -1.48 -19.83 2.87
C PRO F 210 -2.50 -20.65 3.64
N VAL F 211 -2.18 -20.94 4.89
CA VAL F 211 -3.03 -21.81 5.69
C VAL F 211 -4.47 -21.27 5.79
N HIS F 212 -4.61 -19.94 5.90
CA HIS F 212 -5.94 -19.33 6.01
C HIS F 212 -6.75 -19.51 4.73
N SER F 213 -6.12 -19.79 3.60
CA SER F 213 -6.89 -19.91 2.37
C SER F 213 -7.58 -21.24 2.18
N LEU F 214 -7.19 -22.29 2.92
CA LEU F 214 -7.61 -23.63 2.58
C LEU F 214 -9.11 -23.85 2.48
N ASN F 215 -9.90 -23.37 3.46
CA ASN F 215 -11.36 -23.55 3.34
C ASN F 215 -11.97 -22.84 2.13
N GLY F 216 -11.26 -21.84 1.61
CA GLY F 216 -11.72 -21.06 0.47
C GLY F 216 -12.05 -21.92 -0.74
N PHE F 217 -11.23 -22.95 -0.97
CA PHE F 217 -11.40 -23.80 -2.14
C PHE F 217 -12.76 -24.52 -2.08
N PHE F 218 -13.22 -24.96 -0.89
CA PHE F 218 -14.51 -25.59 -0.76
C PHE F 218 -15.64 -24.54 -0.80
N VAL F 219 -15.43 -23.41 -0.14
CA VAL F 219 -16.47 -22.36 -0.09
C VAL F 219 -16.75 -21.90 -1.52
N LEU F 220 -15.69 -21.61 -2.29
CA LEU F 220 -15.90 -21.16 -3.65
C LEU F 220 -16.51 -22.27 -4.52
N ALA F 221 -15.94 -23.46 -4.47
CA ALA F 221 -16.47 -24.54 -5.34
C ALA F 221 -17.92 -24.79 -5.06
N ARG F 222 -18.28 -24.94 -3.79
CA ARG F 222 -19.67 -25.27 -3.48
C ARG F 222 -20.69 -24.14 -3.75
N THR F 223 -20.22 -22.87 -3.85
CA THR F 223 -21.08 -21.75 -4.24
C THR F 223 -21.58 -22.05 -5.66
N ILE F 224 -20.77 -22.71 -6.50
CA ILE F 224 -21.25 -23.07 -7.86
C ILE F 224 -22.50 -23.93 -7.73
N GLY F 225 -22.41 -25.00 -6.93
CA GLY F 225 -23.53 -25.89 -6.72
C GLY F 225 -24.73 -25.20 -6.08
N MET F 226 -24.49 -24.37 -5.05
CA MET F 226 -25.60 -23.71 -4.35
C MET F 226 -26.35 -22.76 -5.25
N ILE F 227 -25.62 -22.07 -6.11
CA ILE F 227 -26.26 -21.20 -7.10
C ILE F 227 -27.11 -22.06 -8.04
N GLY F 228 -26.52 -23.18 -8.49
CA GLY F 228 -27.22 -24.12 -9.35
C GLY F 228 -28.53 -24.60 -8.75
N HIS F 229 -28.52 -24.97 -7.47
CA HIS F 229 -29.76 -25.43 -6.84
C HIS F 229 -30.79 -24.32 -6.75
N TRP F 230 -30.35 -23.09 -6.44
CA TRP F 230 -31.29 -21.97 -6.38
C TRP F 230 -31.94 -21.76 -7.76
N ILE F 231 -31.14 -21.81 -8.83
CA ILE F 231 -31.68 -21.61 -10.18
C ILE F 231 -32.69 -22.74 -10.49
N ASP F 232 -32.30 -23.97 -10.14
CA ASP F 232 -33.10 -25.18 -10.43
C ASP F 232 -34.48 -25.08 -9.77
N GLN F 233 -34.52 -24.66 -8.48
CA GLN F 233 -35.78 -24.54 -7.78
C GLN F 233 -36.62 -23.39 -8.32
N ASN F 234 -35.98 -22.30 -8.71
CA ASN F 234 -36.66 -21.16 -9.33
C ASN F 234 -37.23 -21.53 -10.69
N ASN F 235 -36.48 -22.30 -11.50
CA ASN F 235 -36.97 -22.74 -12.80
C ASN F 235 -38.27 -23.58 -12.61
N GLN F 236 -38.32 -24.40 -11.56
CA GLN F 236 -39.47 -25.25 -11.28
C GLN F 236 -40.63 -24.53 -10.58
N ASN F 237 -40.43 -23.27 -10.16
CA ASN F 237 -41.41 -22.49 -9.39
C ASN F 237 -41.75 -23.27 -8.10
N SER F 238 -40.73 -23.84 -7.46
CA SER F 238 -40.95 -24.65 -6.27
C SER F 238 -41.61 -23.83 -5.15
N ARG F 239 -42.44 -24.50 -4.40
CA ARG F 239 -43.23 -23.93 -3.32
C ARG F 239 -42.51 -23.99 -2.00
N LEU F 240 -42.97 -23.19 -1.05
CA LEU F 240 -42.42 -23.16 0.32
C LEU F 240 -42.37 -24.56 0.94
N ILE F 241 -41.21 -24.89 1.52
CA ILE F 241 -41.03 -26.19 2.15
C ILE F 241 -41.43 -26.12 3.61
N ARG F 242 -42.14 -27.16 4.05
N ARG F 242 -42.19 -27.12 4.06
CA ARG F 242 -42.52 -27.37 5.43
CA ARG F 242 -42.51 -27.35 5.46
C ARG F 242 -42.18 -28.83 5.70
C ARG F 242 -42.14 -28.82 5.69
N LEU F 243 -41.27 -29.10 6.65
CA LEU F 243 -40.85 -30.47 6.93
C LEU F 243 -42.05 -31.31 7.37
N TYR F 244 -42.22 -32.51 6.78
CA TYR F 244 -43.35 -33.35 7.16
C TYR F 244 -43.28 -33.71 8.64
N ASP F 245 -44.43 -33.80 9.30
CA ASP F 245 -44.44 -34.12 10.73
C ASP F 245 -43.84 -35.48 11.04
N TYR F 246 -43.94 -36.47 10.14
CA TYR F 246 -43.36 -37.80 10.36
C TYR F 246 -41.83 -37.78 10.35
N LEU F 247 -41.22 -36.68 9.89
CA LEU F 247 -39.77 -36.53 9.91
C LEU F 247 -39.32 -35.88 11.22
N ILE F 248 -40.26 -35.58 12.13
CA ILE F 248 -39.94 -34.89 13.37
C ILE F 248 -40.39 -35.76 14.52
N ASN F 249 -39.48 -35.97 15.44
CA ASN F 249 -39.77 -36.62 16.72
C ASN F 249 -40.11 -35.48 17.69
N TYR F 250 -41.43 -35.28 17.93
CA TYR F 250 -41.90 -34.24 18.85
C TYR F 250 -41.80 -34.73 20.29
N ALA F 251 -40.62 -34.58 20.89
CA ALA F 251 -40.41 -34.99 22.29
C ALA F 251 -40.69 -33.77 23.16
N VAL F 252 -41.94 -33.34 23.12
CA VAL F 252 -42.40 -32.11 23.72
C VAL F 252 -43.11 -32.34 25.05
N LYS F 253 -43.26 -31.23 25.78
CA LYS F 253 -43.94 -31.25 27.09
C LYS F 253 -45.41 -31.51 26.93
N PRO F 254 -46.10 -32.06 27.97
CA PRO F 254 -47.55 -32.22 27.85
C PRO F 254 -48.25 -30.86 27.85
N GLU F 255 -49.41 -30.73 27.16
CA GLU F 255 -50.18 -29.50 27.15
C GLU F 255 -50.52 -29.14 28.60
N GLN F 256 -50.18 -27.92 29.04
CA GLN F 256 -50.38 -27.49 30.43
C GLN F 256 -51.08 -26.13 30.49
N GLU F 257 -51.97 -25.97 31.50
CA GLU F 257 -52.62 -24.70 31.74
C GLU F 257 -51.58 -23.76 32.35
N VAL F 258 -51.62 -22.48 31.96
CA VAL F 258 -50.71 -21.46 32.47
C VAL F 258 -51.16 -21.16 33.92
N PRO F 259 -50.26 -21.23 34.91
CA PRO F 259 -50.67 -20.85 36.28
C PRO F 259 -50.85 -19.35 36.43
N GLU F 260 -51.65 -18.93 37.43
CA GLU F 260 -51.84 -17.49 37.68
C GLU F 260 -50.53 -16.90 38.22
N LYS F 261 -50.23 -15.63 37.88
CA LYS F 261 -49.01 -14.95 38.36
C LYS F 261 -49.08 -14.69 39.86
N GLY G 1 62.98 14.80 3.88
CA GLY G 1 63.93 14.92 2.78
C GLY G 1 63.27 15.28 1.48
N SER G 2 64.05 15.47 0.42
CA SER G 2 63.50 15.76 -0.90
C SER G 2 62.89 14.49 -1.50
N HIS G 3 62.13 14.64 -2.56
CA HIS G 3 61.47 13.50 -3.22
C HIS G 3 61.59 13.63 -4.71
N MET G 4 61.75 12.49 -5.41
CA MET G 4 61.74 12.43 -6.87
C MET G 4 60.26 12.43 -7.18
N VAL G 5 59.78 13.48 -7.84
CA VAL G 5 58.36 13.64 -8.07
C VAL G 5 58.00 13.21 -9.46
N GLU G 6 56.99 12.35 -9.57
CA GLU G 6 56.42 11.96 -10.85
C GLU G 6 55.09 12.72 -10.91
N PRO G 7 54.71 13.27 -12.04
CA PRO G 7 53.43 13.97 -12.10
C PRO G 7 52.24 13.11 -11.70
N LEU G 8 51.28 13.72 -11.01
CA LEU G 8 50.06 13.07 -10.60
C LEU G 8 49.04 13.01 -11.77
N ILE G 9 48.96 14.10 -12.56
CA ILE G 9 48.06 14.16 -13.69
C ILE G 9 48.79 14.70 -14.90
N ARG G 10 48.19 14.46 -16.06
CA ARG G 10 48.69 14.94 -17.34
C ARG G 10 47.54 15.71 -17.97
N THR G 11 47.79 16.96 -18.41
N THR G 11 47.81 16.91 -18.49
CA THR G 11 46.77 17.80 -19.07
CA THR G 11 46.77 17.74 -19.10
C THR G 11 47.27 18.14 -20.45
C THR G 11 47.24 18.29 -20.42
N THR G 12 46.34 18.31 -21.40
CA THR G 12 46.67 18.75 -22.75
C THR G 12 45.93 19.97 -23.22
N ILE G 13 44.87 20.45 -22.51
CA ILE G 13 43.96 21.44 -23.09
C ILE G 13 44.16 22.89 -22.68
N SER G 14 44.73 23.13 -21.50
CA SER G 14 44.84 24.48 -21.02
C SER G 14 46.02 24.63 -20.07
N ASP G 15 46.49 25.86 -19.95
CA ASP G 15 47.65 26.23 -19.14
C ASP G 15 47.47 27.65 -18.61
N ASP G 16 47.71 27.89 -17.31
CA ASP G 16 47.63 29.24 -16.72
C ASP G 16 48.99 29.74 -16.21
N ARG G 17 50.09 29.06 -16.54
CA ARG G 17 51.42 29.43 -16.05
C ARG G 17 51.98 30.65 -16.75
N GLY G 18 51.46 30.97 -17.94
CA GLY G 18 51.93 32.10 -18.72
C GLY G 18 51.31 33.42 -18.31
N GLU G 19 51.29 34.40 -19.23
CA GLU G 19 50.74 35.73 -18.97
C GLU G 19 49.26 35.72 -18.71
N GLU G 20 48.52 34.82 -19.40
CA GLU G 20 47.11 34.63 -19.14
C GLU G 20 46.80 33.20 -19.50
N PRO G 21 45.67 32.62 -19.10
CA PRO G 21 45.38 31.24 -19.53
C PRO G 21 45.34 31.04 -21.06
N ARG G 22 45.76 29.86 -21.49
CA ARG G 22 45.80 29.51 -22.91
C ARG G 22 44.91 28.31 -23.13
N TYR G 23 44.00 28.41 -24.10
CA TYR G 23 43.04 27.35 -24.44
C TYR G 23 43.52 26.72 -25.74
N ALA G 24 44.03 25.49 -25.66
CA ALA G 24 44.62 24.80 -26.83
C ALA G 24 45.64 25.71 -27.56
N GLY G 25 46.42 26.42 -26.76
CA GLY G 25 47.46 27.31 -27.23
C GLY G 25 47.09 28.76 -27.50
N TYR G 26 45.78 29.11 -27.50
CA TYR G 26 45.31 30.47 -27.80
C TYR G 26 44.92 31.26 -26.53
N ALA G 27 45.23 32.57 -26.53
CA ALA G 27 44.91 33.47 -25.43
C ALA G 27 43.44 33.91 -25.54
N ALA G 28 42.68 33.89 -24.42
CA ALA G 28 41.28 34.32 -24.47
C ALA G 28 41.11 35.76 -24.90
N SER G 29 42.00 36.66 -24.43
CA SER G 29 41.90 38.08 -24.83
C SER G 29 42.03 38.22 -26.34
N GLU G 30 42.89 37.38 -26.99
CA GLU G 30 43.07 37.44 -28.43
C GLU G 30 41.86 36.88 -29.14
N LEU G 31 41.24 35.83 -28.57
CA LEU G 31 40.04 35.29 -29.17
C LEU G 31 38.91 36.33 -29.14
N CYS G 32 38.77 37.06 -28.02
CA CYS G 32 37.74 38.09 -27.89
C CYS G 32 38.00 39.18 -28.91
N SER G 33 39.25 39.66 -28.96
CA SER G 33 39.62 40.80 -29.83
C SER G 33 39.44 40.52 -31.34
N LYS G 34 39.60 39.25 -31.75
CA LYS G 34 39.46 38.87 -33.15
C LYS G 34 38.05 38.41 -33.54
N GLY G 35 37.05 38.62 -32.67
CA GLY G 35 35.66 38.34 -32.99
C GLY G 35 35.16 36.93 -32.75
N TYR G 36 35.94 36.08 -32.04
CA TYR G 36 35.49 34.71 -31.78
C TYR G 36 34.49 34.71 -30.62
N GLY G 37 33.76 33.62 -30.45
CA GLY G 37 32.72 33.54 -29.43
C GLY G 37 32.82 32.36 -28.49
N ILE G 38 31.79 32.18 -27.71
CA ILE G 38 31.69 31.05 -26.77
C ILE G 38 31.85 29.72 -27.51
N GLU G 39 31.17 29.57 -28.67
CA GLU G 39 31.23 28.34 -29.46
C GLU G 39 32.67 28.01 -29.88
N ASP G 40 33.52 29.02 -30.09
CA ASP G 40 34.90 28.80 -30.44
C ASP G 40 35.72 28.31 -29.25
N VAL G 41 35.46 28.85 -28.06
CA VAL G 41 36.13 28.39 -26.84
C VAL G 41 35.72 26.94 -26.55
N ILE G 42 34.43 26.60 -26.79
CA ILE G 42 33.97 25.24 -26.60
C ILE G 42 34.81 24.32 -27.51
N GLY G 43 34.96 24.69 -28.80
CA GLY G 43 35.77 23.92 -29.72
C GLY G 43 37.20 23.73 -29.30
N LEU G 44 37.83 24.79 -28.77
CA LEU G 44 39.21 24.71 -28.32
C LEU G 44 39.34 23.82 -27.10
N LEU G 45 38.50 24.00 -26.09
CA LEU G 45 38.67 23.21 -24.88
C LEU G 45 38.22 21.77 -24.99
N TRP G 46 37.26 21.46 -25.89
CA TRP G 46 36.75 20.09 -26.02
C TRP G 46 37.34 19.32 -27.21
N ASN G 47 37.78 20.03 -28.24
N ASN G 47 37.76 20.04 -28.28
CA ASN G 47 38.32 19.40 -29.44
CA ASN G 47 38.34 19.43 -29.50
C ASN G 47 39.75 19.86 -29.79
C ASN G 47 39.77 19.84 -29.77
N LYS G 48 40.35 20.75 -28.99
CA LYS G 48 41.72 21.25 -29.21
C LYS G 48 41.95 21.85 -30.62
N LYS G 49 40.90 22.43 -31.21
CA LYS G 49 40.93 22.95 -32.55
C LYS G 49 39.94 24.05 -32.65
N LEU G 50 40.32 25.12 -33.31
CA LEU G 50 39.41 26.21 -33.54
C LEU G 50 38.34 25.73 -34.54
N PRO G 51 37.04 25.88 -34.26
CA PRO G 51 36.04 25.42 -35.23
C PRO G 51 36.06 26.19 -36.54
N THR G 52 35.61 25.55 -37.58
CA THR G 52 35.40 26.27 -38.83
C THR G 52 34.14 27.15 -38.59
N ARG G 53 33.84 28.06 -39.53
CA ARG G 53 32.62 28.86 -39.41
C ARG G 53 31.39 27.95 -39.38
N GLU G 54 31.34 26.93 -40.26
CA GLU G 54 30.17 26.02 -40.31
C GLU G 54 29.99 25.30 -38.96
N GLU G 55 31.08 24.77 -38.40
CA GLU G 55 31.04 24.09 -37.09
C GLU G 55 30.58 25.04 -35.99
N SER G 56 31.12 26.27 -35.97
CA SER G 56 30.75 27.24 -34.91
C SER G 56 29.25 27.57 -34.96
N GLU G 57 28.68 27.70 -36.17
CA GLU G 57 27.26 28.02 -36.35
C GLU G 57 26.39 26.86 -35.88
N ILE G 58 26.88 25.62 -36.05
CA ILE G 58 26.16 24.42 -35.58
C ILE G 58 26.23 24.33 -34.06
N ILE G 59 27.43 24.44 -33.48
CA ILE G 59 27.61 24.39 -32.02
C ILE G 59 26.71 25.44 -31.35
N LYS G 60 26.72 26.67 -31.87
CA LYS G 60 25.88 27.72 -31.28
C LYS G 60 24.40 27.30 -31.22
N ARG G 61 23.87 26.78 -32.34
CA ARG G 61 22.44 26.39 -32.37
C ARG G 61 22.15 25.21 -31.50
N ILE G 62 23.03 24.21 -31.47
CA ILE G 62 22.87 23.08 -30.54
C ILE G 62 22.69 23.59 -29.11
N VAL G 63 23.55 24.52 -28.68
CA VAL G 63 23.49 24.98 -27.30
C VAL G 63 22.22 25.80 -27.05
N MET G 64 21.92 26.72 -27.95
CA MET G 64 20.73 27.55 -27.82
C MET G 64 19.46 26.68 -27.77
N ILE G 65 19.34 25.71 -28.66
CA ILE G 65 18.13 24.89 -28.79
C ILE G 65 17.94 24.01 -27.56
N SER G 66 19.04 23.60 -26.92
CA SER G 66 19.02 22.66 -25.77
C SER G 66 18.99 23.33 -24.39
N ALA G 67 19.11 24.67 -24.33
CA ALA G 67 19.32 25.38 -23.08
C ALA G 67 18.32 25.09 -21.98
N ASP G 68 17.05 25.01 -22.32
CA ASP G 68 16.04 24.78 -21.28
C ASP G 68 14.81 24.10 -21.86
N HIS G 69 14.17 23.27 -21.05
CA HIS G 69 12.91 22.63 -21.46
C HIS G 69 11.92 22.61 -20.32
N GLY G 70 11.86 23.73 -19.62
CA GLY G 70 10.88 23.91 -18.55
C GLY G 70 11.27 23.30 -17.21
N PRO G 71 10.44 23.56 -16.18
CA PRO G 71 10.77 23.12 -14.83
C PRO G 71 10.38 21.70 -14.43
N ALA G 72 9.64 21.02 -15.31
CA ALA G 72 9.12 19.68 -14.99
C ALA G 72 10.15 18.54 -15.09
N VAL G 73 11.24 18.75 -15.83
N VAL G 73 11.24 18.80 -15.77
CA VAL G 73 12.26 17.74 -16.11
CA VAL G 73 12.29 17.87 -16.11
C VAL G 73 13.30 17.68 -15.02
C VAL G 73 13.19 17.65 -14.89
N SER G 74 13.87 16.49 -14.83
CA SER G 74 14.71 16.15 -13.69
C SER G 74 15.81 17.12 -13.36
N GLY G 75 16.49 17.67 -14.36
CA GLY G 75 17.59 18.60 -14.12
C GLY G 75 17.10 19.89 -13.49
N ALA G 76 16.16 20.54 -14.13
CA ALA G 76 15.52 21.76 -13.62
C ALA G 76 14.87 21.54 -12.27
N PHE G 77 14.14 20.41 -12.13
CA PHE G 77 13.43 20.16 -10.87
C PHE G 77 14.42 19.95 -9.74
N GLY G 78 15.52 19.22 -9.97
CA GLY G 78 16.56 19.07 -8.94
C GLY G 78 17.16 20.39 -8.53
N SER G 79 17.43 21.27 -9.52
CA SER G 79 17.97 22.61 -9.24
C SER G 79 16.97 23.43 -8.44
N ILE G 80 15.68 23.29 -8.78
CA ILE G 80 14.58 23.98 -8.09
C ILE G 80 14.42 23.48 -6.68
N LEU G 81 14.49 22.18 -6.48
CA LEU G 81 14.38 21.61 -5.12
C LEU G 81 15.50 22.18 -4.25
N ALA G 82 16.74 22.19 -4.78
CA ALA G 82 17.85 22.73 -4.03
C ALA G 82 17.71 24.27 -3.81
N ALA G 83 17.25 25.00 -4.80
CA ALA G 83 17.01 26.43 -4.64
C ALA G 83 16.01 26.66 -3.52
N CYS G 84 14.93 25.88 -3.52
CA CYS G 84 13.89 26.05 -2.47
C CYS G 84 14.36 25.62 -1.10
N ALA G 85 15.39 24.76 -1.05
CA ALA G 85 16.03 24.33 0.21
C ALA G 85 17.08 25.34 0.67
N GLY G 86 17.21 26.45 -0.04
CA GLY G 86 18.13 27.52 0.32
C GLY G 86 19.60 27.26 0.03
N ILE G 87 19.86 26.33 -0.88
CA ILE G 87 21.21 25.97 -1.29
C ILE G 87 21.74 26.97 -2.30
N ASP G 88 23.06 27.29 -2.21
CA ASP G 88 23.67 28.26 -3.09
C ASP G 88 23.69 27.73 -4.54
N MET G 89 23.77 28.65 -5.47
CA MET G 89 23.64 28.31 -6.89
C MET G 89 24.52 27.17 -7.36
N PRO G 90 25.86 27.24 -7.21
CA PRO G 90 26.68 26.17 -7.82
C PRO G 90 26.34 24.79 -7.31
N GLN G 91 26.08 24.71 -6.00
CA GLN G 91 25.74 23.42 -5.40
C GLN G 91 24.34 22.98 -5.83
N ALA G 92 23.39 23.90 -5.97
CA ALA G 92 22.05 23.53 -6.43
C ALA G 92 22.09 23.02 -7.85
N VAL G 93 22.82 23.73 -8.71
CA VAL G 93 22.93 23.30 -10.12
C VAL G 93 23.68 21.97 -10.23
N SER G 94 24.66 21.70 -9.33
CA SER G 94 25.38 20.39 -9.34
C SER G 94 24.38 19.26 -9.09
N ALA G 95 23.31 19.52 -8.27
CA ALA G 95 22.31 18.48 -7.99
C ALA G 95 21.47 18.23 -9.24
N GLY G 96 21.10 19.30 -9.93
CA GLY G 96 20.37 19.16 -11.18
C GLY G 96 21.18 18.45 -12.25
N MET G 97 22.46 18.82 -12.36
CA MET G 97 23.35 18.19 -13.34
C MET G 97 23.53 16.69 -13.09
N THR G 98 23.53 16.27 -11.83
CA THR G 98 23.67 14.86 -11.44
C THR G 98 22.53 14.00 -12.05
N MET G 99 21.42 14.62 -12.45
CA MET G 99 20.29 13.89 -13.05
C MET G 99 20.50 13.52 -14.48
N ILE G 100 21.51 14.15 -15.12
CA ILE G 100 21.76 13.94 -16.53
C ILE G 100 22.42 12.60 -16.72
N GLY G 101 21.80 11.76 -17.54
CA GLY G 101 22.23 10.37 -17.69
C GLY G 101 21.53 9.69 -18.83
N PRO G 102 21.37 8.36 -18.76
CA PRO G 102 20.84 7.62 -19.92
C PRO G 102 19.41 7.98 -20.29
N ARG G 103 18.60 8.25 -19.30
CA ARG G 103 17.19 8.52 -19.51
C ARG G 103 16.93 9.97 -19.87
N PHE G 104 17.59 10.88 -19.17
CA PHE G 104 17.40 12.30 -19.34
C PHE G 104 18.71 12.99 -19.73
N GLY G 105 18.74 13.58 -20.93
CA GLY G 105 19.81 14.43 -21.38
C GLY G 105 21.13 13.83 -21.80
N GLY G 106 21.58 12.76 -21.13
CA GLY G 106 22.90 12.19 -21.32
C GLY G 106 22.97 11.02 -22.27
N ALA G 107 22.04 10.94 -23.23
CA ALA G 107 22.07 9.87 -24.23
C ALA G 107 22.76 10.32 -25.52
N VAL G 108 23.37 11.53 -25.52
CA VAL G 108 24.00 12.05 -26.74
C VAL G 108 25.13 11.16 -27.17
N THR G 109 26.05 10.87 -26.27
CA THR G 109 27.24 10.10 -26.60
C THR G 109 26.88 8.72 -27.17
N ASN G 110 26.03 7.99 -26.48
CA ASN G 110 25.66 6.65 -26.94
C ASN G 110 24.78 6.69 -28.19
N ALA G 111 23.95 7.72 -28.36
CA ALA G 111 23.21 7.84 -29.62
C ALA G 111 24.19 8.00 -30.79
N GLY G 112 25.18 8.90 -30.65
CA GLY G 112 26.16 9.02 -31.71
C GLY G 112 26.89 7.71 -31.98
N LYS G 113 27.32 7.03 -30.91
CA LYS G 113 28.05 5.78 -31.07
C LYS G 113 27.24 4.73 -31.82
N TYR G 114 26.00 4.49 -31.36
CA TYR G 114 25.19 3.40 -31.93
C TYR G 114 24.63 3.73 -33.29
N PHE G 115 24.27 5.00 -33.57
CA PHE G 115 23.84 5.34 -34.93
C PHE G 115 25.02 5.22 -35.90
N LYS G 116 26.23 5.59 -35.47
CA LYS G 116 27.40 5.43 -36.33
C LYS G 116 27.63 3.94 -36.57
N MET G 117 27.51 3.11 -35.53
CA MET G 117 27.67 1.65 -35.68
C MET G 117 26.64 1.14 -36.69
N ALA G 118 25.39 1.64 -36.60
CA ALA G 118 24.33 1.17 -37.49
C ALA G 118 24.66 1.53 -38.94
N VAL G 119 25.09 2.79 -39.18
CA VAL G 119 25.50 3.19 -40.54
C VAL G 119 26.58 2.23 -41.08
N GLU G 120 27.55 1.88 -40.25
CA GLU G 120 28.66 1.02 -40.65
C GLU G 120 28.26 -0.43 -40.82
N ASP G 121 27.41 -0.96 -39.92
CA ASP G 121 27.14 -2.40 -39.91
C ASP G 121 25.80 -2.84 -40.45
N TYR G 122 24.81 -1.94 -40.47
CA TYR G 122 23.46 -2.22 -40.93
C TYR G 122 22.96 -1.14 -41.89
N PRO G 123 23.75 -0.73 -42.88
CA PRO G 123 23.33 0.41 -43.71
C PRO G 123 22.01 0.23 -44.40
N ASN G 124 21.68 -1.02 -44.78
CA ASN G 124 20.44 -1.33 -45.48
C ASN G 124 19.61 -2.32 -44.66
N ASP G 125 19.74 -2.27 -43.33
CA ASP G 125 19.07 -3.24 -42.47
C ASP G 125 18.73 -2.62 -41.10
N ILE G 126 17.80 -1.66 -41.16
CA ILE G 126 17.34 -1.03 -39.93
C ILE G 126 16.75 -2.07 -38.97
N PRO G 127 15.92 -3.05 -39.41
CA PRO G 127 15.41 -4.06 -38.47
C PRO G 127 16.51 -4.88 -37.76
N GLY G 128 17.61 -5.17 -38.48
CA GLY G 128 18.79 -5.82 -37.90
C GLY G 128 19.39 -4.98 -36.81
N PHE G 129 19.51 -3.66 -37.07
CA PHE G 129 20.03 -2.74 -36.05
C PHE G 129 19.13 -2.70 -34.84
N LEU G 130 17.83 -2.55 -35.07
CA LEU G 130 16.91 -2.45 -33.94
C LEU G 130 16.87 -3.73 -33.10
N SER G 131 16.87 -4.89 -33.77
CA SER G 131 16.88 -6.17 -33.09
C SER G 131 18.17 -6.34 -32.28
N TRP G 132 19.34 -5.99 -32.86
CA TRP G 132 20.59 -6.08 -32.15
C TRP G 132 20.58 -5.19 -30.91
N MET G 133 20.06 -3.97 -31.03
CA MET G 133 19.98 -3.06 -29.90
C MET G 133 19.09 -3.62 -28.81
N LYS G 134 17.90 -4.10 -29.18
CA LYS G 134 16.97 -4.66 -28.21
C LYS G 134 17.57 -5.84 -27.44
N LYS G 135 18.29 -6.71 -28.13
CA LYS G 135 18.85 -7.92 -27.51
C LYS G 135 20.13 -7.69 -26.75
N ASN G 136 20.95 -6.73 -27.19
CA ASN G 136 22.28 -6.50 -26.64
C ASN G 136 22.50 -5.25 -25.87
N VAL G 137 21.62 -4.24 -26.00
CA VAL G 137 21.86 -2.96 -25.36
C VAL G 137 20.72 -2.51 -24.46
N GLY G 138 19.50 -2.53 -24.97
CA GLY G 138 18.32 -2.03 -24.27
C GLY G 138 17.65 -1.00 -25.15
N PRO G 139 17.03 0.04 -24.57
CA PRO G 139 16.39 1.05 -25.43
C PRO G 139 17.42 1.71 -26.32
N VAL G 140 17.00 2.08 -27.51
CA VAL G 140 17.89 2.74 -28.45
C VAL G 140 18.15 4.17 -27.95
N PRO G 141 19.40 4.56 -27.69
CA PRO G 141 19.65 5.93 -27.24
C PRO G 141 19.35 6.93 -28.32
N GLY G 142 18.72 8.02 -27.97
CA GLY G 142 18.36 9.07 -28.94
C GLY G 142 16.99 8.87 -29.55
N ILE G 143 16.28 7.82 -29.15
CA ILE G 143 14.92 7.55 -29.58
C ILE G 143 14.04 7.64 -28.33
N GLY G 144 12.85 8.19 -28.49
CA GLY G 144 11.84 8.23 -27.45
C GLY G 144 11.79 9.50 -26.66
N HIS G 145 10.64 9.74 -26.04
CA HIS G 145 10.44 10.94 -25.24
C HIS G 145 9.23 10.78 -24.35
N ARG G 146 9.24 11.39 -23.18
CA ARG G 146 8.06 11.29 -22.31
C ARG G 146 6.84 12.04 -22.85
N VAL G 147 7.07 13.18 -23.55
CA VAL G 147 5.95 14.02 -23.99
C VAL G 147 5.89 14.28 -25.48
N LYS G 148 7.04 14.38 -26.14
CA LYS G 148 7.08 14.58 -27.61
C LYS G 148 6.76 13.27 -28.28
N SER G 149 6.15 13.33 -29.45
CA SER G 149 5.64 12.12 -30.13
C SER G 149 5.30 12.51 -31.58
N VAL G 150 4.77 11.57 -32.38
CA VAL G 150 4.27 11.87 -33.73
C VAL G 150 3.15 12.92 -33.64
N LYS G 151 2.25 12.83 -32.65
CA LYS G 151 1.14 13.81 -32.54
C LYS G 151 1.57 15.15 -31.91
N ASN G 152 2.67 15.16 -31.11
CA ASN G 152 3.21 16.36 -30.45
C ASN G 152 4.70 16.48 -30.84
N PRO G 153 4.96 16.85 -32.10
CA PRO G 153 6.35 16.81 -32.59
C PRO G 153 7.27 17.80 -31.92
N ASP G 154 8.56 17.45 -31.93
CA ASP G 154 9.58 18.29 -31.33
C ASP G 154 10.15 19.25 -32.37
N GLN G 155 9.70 20.50 -32.38
CA GLN G 155 10.21 21.49 -33.36
C GLN G 155 11.72 21.79 -33.19
N ARG G 156 12.31 21.47 -32.03
CA ARG G 156 13.76 21.67 -31.85
C ARG G 156 14.48 20.71 -32.81
N VAL G 157 14.00 19.46 -32.89
CA VAL G 157 14.56 18.46 -33.79
C VAL G 157 14.31 18.89 -35.25
N LYS G 158 13.05 19.27 -35.55
CA LYS G 158 12.69 19.68 -36.93
C LYS G 158 13.56 20.87 -37.38
N TYR G 159 13.83 21.80 -36.46
CA TYR G 159 14.66 22.95 -36.79
C TYR G 159 16.11 22.53 -37.07
N LEU G 160 16.72 21.73 -36.17
CA LEU G 160 18.12 21.36 -36.37
C LEU G 160 18.27 20.59 -37.64
N VAL G 161 17.35 19.67 -37.94
CA VAL G 161 17.45 18.91 -39.20
C VAL G 161 17.32 19.85 -40.40
N SER G 162 16.32 20.74 -40.39
CA SER G 162 16.13 21.70 -41.50
C SER G 162 17.35 22.62 -41.70
N TYR G 163 17.94 23.08 -40.59
CA TYR G 163 19.13 23.92 -40.66
C TYR G 163 20.28 23.17 -41.33
N ILE G 164 20.52 21.94 -40.87
CA ILE G 164 21.61 21.16 -41.45
C ILE G 164 21.40 20.94 -42.94
N LYS G 165 20.20 20.54 -43.32
CA LYS G 165 19.89 20.25 -44.72
C LYS G 165 19.91 21.44 -45.64
N ASN G 166 19.49 22.62 -45.14
CA ASN G 166 19.34 23.80 -45.97
C ASN G 166 20.39 24.89 -45.84
N GLU G 167 20.96 25.07 -44.67
CA GLU G 167 21.91 26.14 -44.41
C GLU G 167 23.35 25.67 -44.34
N THR G 168 23.60 24.37 -44.54
CA THR G 168 24.97 23.83 -44.53
C THR G 168 25.13 22.91 -45.70
N SER G 169 26.38 22.56 -46.00
CA SER G 169 26.67 21.58 -47.03
C SER G 169 27.13 20.28 -46.36
N LEU G 170 27.00 20.16 -45.00
CA LEU G 170 27.45 18.99 -44.20
C LEU G 170 26.86 17.69 -44.73
N HIS G 171 27.71 16.69 -44.96
CA HIS G 171 27.28 15.36 -45.33
C HIS G 171 26.85 14.66 -44.03
N THR G 172 25.60 14.14 -43.92
CA THR G 172 25.13 13.62 -42.63
C THR G 172 24.61 12.17 -42.69
N PRO G 173 25.50 11.22 -42.93
CA PRO G 173 25.05 9.81 -42.94
C PRO G 173 24.44 9.31 -41.62
N CYS G 174 24.97 9.68 -40.47
CA CYS G 174 24.39 9.24 -39.18
C CYS G 174 23.01 9.83 -39.01
N LEU G 175 22.88 11.16 -39.22
CA LEU G 175 21.57 11.79 -39.05
C LEU G 175 20.58 11.21 -40.04
N ASP G 176 20.98 11.05 -41.29
CA ASP G 176 20.07 10.52 -42.31
C ASP G 176 19.57 9.12 -41.92
N TYR G 177 20.48 8.32 -41.34
CA TYR G 177 20.14 6.98 -40.88
C TYR G 177 19.17 7.03 -39.75
N ALA G 178 19.43 7.90 -38.76
CA ALA G 178 18.54 8.06 -37.60
C ALA G 178 17.14 8.47 -38.02
N LEU G 179 17.04 9.33 -39.02
CA LEU G 179 15.73 9.77 -39.53
C LEU G 179 14.98 8.60 -40.17
N GLU G 180 15.70 7.68 -40.83
CA GLU G 180 15.07 6.48 -41.38
C GLU G 180 14.66 5.55 -40.22
N VAL G 181 15.51 5.43 -39.18
CA VAL G 181 15.12 4.65 -37.99
C VAL G 181 13.81 5.18 -37.39
N GLU G 182 13.69 6.52 -37.27
CA GLU G 182 12.51 7.16 -36.68
C GLU G 182 11.23 6.78 -37.46
N LYS G 183 11.32 6.65 -38.78
CA LYS G 183 10.14 6.24 -39.56
C LYS G 183 9.68 4.84 -39.18
N VAL G 184 10.64 3.93 -38.92
CA VAL G 184 10.35 2.55 -38.53
C VAL G 184 9.84 2.50 -37.09
N THR G 185 10.52 3.19 -36.17
CA THR G 185 10.14 3.11 -34.77
C THR G 185 8.79 3.80 -34.51
N THR G 186 8.54 4.99 -35.10
CA THR G 186 7.27 5.66 -34.86
C THR G 186 6.09 4.87 -35.49
N ALA G 187 6.33 3.99 -36.49
CA ALA G 187 5.25 3.13 -37.02
C ALA G 187 4.85 2.07 -35.97
N LYS G 188 5.76 1.72 -35.06
CA LYS G 188 5.50 0.77 -33.98
C LYS G 188 4.80 1.50 -32.82
N LYS G 189 5.34 2.66 -32.39
CA LYS G 189 4.78 3.43 -31.28
C LYS G 189 5.08 4.91 -31.48
N GLY G 190 4.08 5.74 -31.28
CA GLY G 190 4.16 7.19 -31.54
C GLY G 190 5.17 7.96 -30.71
N ASN G 191 5.55 7.41 -29.56
CA ASN G 191 6.52 8.04 -28.66
C ASN G 191 7.96 7.84 -29.14
N LEU G 192 8.23 6.95 -30.11
CA LEU G 192 9.58 6.59 -30.49
C LEU G 192 10.14 7.51 -31.55
N ILE G 193 10.15 8.79 -31.23
CA ILE G 193 10.67 9.79 -32.16
C ILE G 193 12.16 9.85 -32.04
N LEU G 194 12.80 10.54 -32.99
CA LEU G 194 14.20 10.87 -32.87
C LEU G 194 14.17 12.11 -31.94
N ASN G 195 14.81 12.01 -30.78
CA ASN G 195 14.76 13.10 -29.80
C ASN G 195 15.97 14.06 -29.94
N VAL G 196 16.03 15.09 -29.13
N VAL G 196 15.99 15.14 -29.18
CA VAL G 196 17.12 16.07 -29.22
CA VAL G 196 17.07 16.13 -29.29
C VAL G 196 18.47 15.46 -28.98
C VAL G 196 18.46 15.53 -28.95
N ASP G 197 18.57 14.51 -28.05
CA ASP G 197 19.85 13.86 -27.78
C ASP G 197 20.29 13.09 -29.01
N GLY G 198 19.38 12.39 -29.66
CA GLY G 198 19.72 11.60 -30.84
C GLY G 198 20.13 12.51 -31.98
N THR G 199 19.41 13.60 -32.15
CA THR G 199 19.69 14.56 -33.21
C THR G 199 21.07 15.16 -33.06
N ILE G 200 21.34 15.71 -31.87
CA ILE G 200 22.63 16.31 -31.61
C ILE G 200 23.75 15.27 -31.77
N GLY G 201 23.60 14.08 -31.17
CA GLY G 201 24.60 13.05 -31.31
C GLY G 201 24.96 12.70 -32.74
N CYS G 202 23.93 12.59 -33.60
CA CYS G 202 24.17 12.27 -35.00
C CYS G 202 24.90 13.38 -35.71
N ILE G 203 24.49 14.62 -35.48
CA ILE G 203 25.13 15.74 -36.15
C ILE G 203 26.59 15.80 -35.73
N LEU G 204 26.84 15.67 -34.42
CA LEU G 204 28.24 15.75 -33.91
C LEU G 204 29.10 14.60 -34.42
N MET G 205 28.51 13.40 -34.61
CA MET G 205 29.27 12.30 -35.24
C MET G 205 29.56 12.64 -36.69
N ASP G 206 28.56 13.20 -37.40
CA ASP G 206 28.78 13.62 -38.82
C ASP G 206 29.82 14.73 -38.94
N LEU G 207 30.01 15.54 -37.90
CA LEU G 207 31.09 16.57 -37.85
C LEU G 207 32.45 15.97 -37.39
N ASP G 208 32.48 14.68 -37.07
CA ASP G 208 33.63 13.96 -36.54
C ASP G 208 34.16 14.60 -35.25
N PHE G 209 33.26 15.02 -34.35
CA PHE G 209 33.71 15.57 -33.07
C PHE G 209 34.15 14.40 -32.18
N PRO G 210 34.99 14.64 -31.15
CA PRO G 210 35.44 13.52 -30.29
C PRO G 210 34.27 12.83 -29.64
N VAL G 211 34.25 11.50 -29.69
CA VAL G 211 33.11 10.74 -29.21
C VAL G 211 32.78 11.07 -27.73
N HIS G 212 33.81 11.23 -26.91
CA HIS G 212 33.62 11.52 -25.47
C HIS G 212 32.98 12.90 -25.22
N SER G 213 33.07 13.81 -26.18
CA SER G 213 32.58 15.15 -26.00
C SER G 213 31.06 15.29 -26.14
N LEU G 214 30.40 14.31 -26.79
CA LEU G 214 29.01 14.49 -27.22
C LEU G 214 28.09 14.93 -26.09
N ASN G 215 28.09 14.24 -24.93
CA ASN G 215 27.19 14.65 -23.83
C ASN G 215 27.49 16.08 -23.34
N GLY G 216 28.69 16.56 -23.56
CA GLY G 216 29.09 17.89 -23.10
C GLY G 216 28.19 18.97 -23.65
N PHE G 217 27.74 18.82 -24.91
CA PHE G 217 26.89 19.84 -25.53
C PHE G 217 25.56 19.97 -24.77
N PHE G 218 24.99 18.82 -24.32
CA PHE G 218 23.77 18.91 -23.51
C PHE G 218 24.08 19.40 -22.09
N VAL G 219 25.11 18.87 -21.46
CA VAL G 219 25.47 19.27 -20.09
C VAL G 219 25.65 20.78 -20.01
N LEU G 220 26.45 21.35 -20.92
CA LEU G 220 26.70 22.77 -20.93
C LEU G 220 25.43 23.58 -21.20
N ALA G 221 24.71 23.23 -22.25
CA ALA G 221 23.51 23.98 -22.64
C ALA G 221 22.53 23.97 -21.51
N ARG G 222 22.22 22.78 -20.95
CA ARG G 222 21.20 22.71 -19.93
C ARG G 222 21.63 23.37 -18.64
N THR G 223 22.95 23.58 -18.40
CA THR G 223 23.40 24.38 -17.24
C THR G 223 22.79 25.80 -17.33
N ILE G 224 22.66 26.35 -18.56
CA ILE G 224 22.08 27.68 -18.71
C ILE G 224 20.67 27.65 -18.10
N GLY G 225 19.85 26.68 -18.49
CA GLY G 225 18.50 26.56 -17.96
C GLY G 225 18.47 26.33 -16.44
N MET G 226 19.33 25.44 -15.94
CA MET G 226 19.32 25.12 -14.52
C MET G 226 19.70 26.31 -13.66
N ILE G 227 20.68 27.08 -14.12
CA ILE G 227 21.03 28.34 -13.44
C ILE G 227 19.81 29.27 -13.47
N GLY G 228 19.18 29.39 -14.66
CA GLY G 228 17.97 30.21 -14.80
C GLY G 228 16.90 29.82 -13.81
N HIS G 229 16.62 28.53 -13.67
CA HIS G 229 15.61 28.09 -12.66
C HIS G 229 15.99 28.41 -11.20
N TRP G 230 17.26 28.28 -10.85
CA TRP G 230 17.73 28.60 -9.50
C TRP G 230 17.49 30.10 -9.27
N ILE G 231 17.87 30.92 -10.24
CA ILE G 231 17.65 32.39 -10.14
C ILE G 231 16.16 32.71 -9.99
N ASP G 232 15.33 32.08 -10.82
CA ASP G 232 13.89 32.28 -10.81
C ASP G 232 13.28 31.97 -9.44
N GLN G 233 13.66 30.82 -8.86
CA GLN G 233 13.10 30.48 -7.56
C GLN G 233 13.60 31.43 -6.47
N ASN G 234 14.84 31.89 -6.59
CA ASN G 234 15.40 32.84 -5.63
C ASN G 234 14.71 34.20 -5.73
N ASN G 235 14.38 34.65 -6.94
CA ASN G 235 13.65 35.90 -7.17
C ASN G 235 12.26 35.85 -6.55
N GLN G 236 11.62 34.67 -6.61
CA GLN G 236 10.29 34.47 -6.05
C GLN G 236 10.32 34.21 -4.55
N ASN G 237 11.51 34.05 -3.92
CA ASN G 237 11.62 33.72 -2.50
C ASN G 237 10.84 32.42 -2.21
N SER G 238 10.92 31.45 -3.13
CA SER G 238 10.17 30.21 -3.00
C SER G 238 10.51 29.45 -1.72
N ARG G 239 9.51 28.86 -1.07
CA ARG G 239 9.70 28.13 0.17
C ARG G 239 10.15 26.67 -0.10
N LEU G 240 10.65 26.03 0.94
CA LEU G 240 11.07 24.62 0.90
C LEU G 240 9.94 23.74 0.34
N ILE G 241 10.29 22.87 -0.61
CA ILE G 241 9.31 21.97 -1.21
C ILE G 241 9.20 20.67 -0.39
N ARG G 242 7.96 20.25 -0.17
CA ARG G 242 7.62 18.95 0.39
C ARG G 242 6.60 18.38 -0.60
N LEU G 243 6.90 17.23 -1.18
CA LEU G 243 6.01 16.64 -2.19
C LEU G 243 4.65 16.38 -1.55
N TYR G 244 3.58 16.81 -2.22
CA TYR G 244 2.23 16.64 -1.69
C TYR G 244 1.92 15.15 -1.48
N ASP G 245 1.29 14.82 -0.34
CA ASP G 245 0.95 13.45 0.03
C ASP G 245 0.19 12.67 -1.07
N TYR G 246 -0.76 13.31 -1.79
CA TYR G 246 -1.55 12.61 -2.83
C TYR G 246 -0.72 12.19 -4.03
N LEU G 247 0.48 12.80 -4.21
CA LEU G 247 1.34 12.41 -5.31
C LEU G 247 2.20 11.19 -4.95
N ILE G 248 2.07 10.64 -3.72
CA ILE G 248 2.88 9.52 -3.27
C ILE G 248 2.00 8.30 -3.06
N ASN G 249 2.32 7.22 -3.77
CA ASN G 249 1.58 5.98 -3.66
C ASN G 249 2.32 5.17 -2.58
N TYR G 250 1.86 5.30 -1.34
CA TYR G 250 2.44 4.54 -0.23
C TYR G 250 2.01 3.08 -0.29
N ALA G 251 2.96 2.17 -0.18
CA ALA G 251 2.69 0.73 -0.12
C ALA G 251 3.64 0.19 0.95
N VAL G 252 3.39 0.64 2.16
CA VAL G 252 4.30 0.41 3.29
C VAL G 252 3.84 -0.74 4.18
N LYS G 253 4.75 -1.17 5.04
CA LYS G 253 4.49 -2.22 6.03
C LYS G 253 3.46 -1.75 7.03
N PRO G 254 2.72 -2.67 7.62
CA PRO G 254 1.77 -2.26 8.66
C PRO G 254 2.54 -1.75 9.86
N GLU G 255 1.93 -0.88 10.68
CA GLU G 255 2.58 -0.44 11.91
C GLU G 255 2.73 -1.71 12.76
N GLN G 256 3.94 -1.97 13.27
CA GLN G 256 4.17 -3.17 14.03
C GLN G 256 5.04 -2.92 15.24
N GLU G 257 4.85 -3.74 16.25
CA GLU G 257 5.60 -3.63 17.50
C GLU G 257 6.98 -4.21 17.32
N VAL G 258 7.98 -3.54 17.88
CA VAL G 258 9.35 -4.02 17.85
C VAL G 258 9.44 -5.22 18.80
N PRO G 259 9.98 -6.36 18.35
CA PRO G 259 10.13 -7.50 19.27
C PRO G 259 11.30 -7.31 20.23
N GLU G 260 11.28 -8.03 21.37
CA GLU G 260 12.39 -7.94 22.33
C GLU G 260 13.59 -8.63 21.69
N LYS G 261 14.81 -8.11 21.94
CA LYS G 261 16.04 -8.70 21.42
C LYS G 261 16.32 -10.05 22.07
N GLY H 1 -41.24 -44.58 -3.54
CA GLY H 1 -42.28 -45.49 -3.08
C GLY H 1 -42.57 -45.42 -1.60
N SER H 2 -42.99 -46.57 -1.02
CA SER H 2 -43.34 -46.71 0.41
C SER H 2 -42.06 -46.94 1.24
N HIS H 3 -41.91 -46.27 2.37
CA HIS H 3 -40.70 -46.40 3.21
C HIS H 3 -40.95 -46.40 4.69
N MET H 4 -40.07 -47.11 5.42
CA MET H 4 -40.02 -47.10 6.88
C MET H 4 -39.27 -45.81 7.17
N VAL H 5 -39.90 -44.87 7.87
CA VAL H 5 -39.25 -43.57 8.10
C VAL H 5 -38.81 -43.40 9.52
N GLU H 6 -37.55 -43.01 9.71
CA GLU H 6 -36.98 -42.66 11.00
C GLU H 6 -37.01 -41.12 11.06
N PRO H 7 -37.32 -40.52 12.20
CA PRO H 7 -37.31 -39.04 12.25
C PRO H 7 -35.95 -38.44 11.91
N LEU H 8 -35.95 -37.33 11.20
CA LEU H 8 -34.76 -36.58 10.83
C LEU H 8 -34.24 -35.74 12.00
N ILE H 9 -35.17 -35.14 12.75
CA ILE H 9 -34.79 -34.30 13.88
C ILE H 9 -35.67 -34.65 15.07
N ARG H 10 -35.22 -34.24 16.26
CA ARG H 10 -35.95 -34.38 17.50
C ARG H 10 -36.04 -32.98 18.10
N THR H 11 -37.26 -32.55 18.48
N THR H 11 -37.22 -32.58 18.54
CA THR H 11 -37.50 -31.24 19.08
CA THR H 11 -37.42 -31.26 19.13
C THR H 11 -38.08 -31.45 20.45
C THR H 11 -38.13 -31.40 20.43
N THR H 12 -37.77 -30.57 21.40
CA THR H 12 -38.36 -30.64 22.73
C THR H 12 -39.03 -29.37 23.18
N ILE H 13 -38.88 -28.25 22.47
CA ILE H 13 -39.33 -26.94 22.99
C ILE H 13 -40.68 -26.43 22.54
N SER H 14 -41.19 -26.85 21.38
CA SER H 14 -42.45 -26.27 20.90
C SER H 14 -43.14 -27.20 19.95
N ASP H 15 -44.42 -26.98 19.80
CA ASP H 15 -45.26 -27.83 18.96
C ASP H 15 -46.33 -26.98 18.36
N ASP H 16 -46.55 -27.04 17.04
CA ASP H 16 -47.67 -26.31 16.40
C ASP H 16 -48.80 -27.21 15.88
N ARG H 17 -48.82 -28.50 16.26
CA ARG H 17 -49.82 -29.42 15.71
C ARG H 17 -51.23 -29.25 16.24
N GLY H 18 -51.37 -28.57 17.38
CA GLY H 18 -52.65 -28.36 18.02
C GLY H 18 -53.36 -27.10 17.58
N GLU H 19 -54.31 -26.64 18.40
CA GLU H 19 -55.10 -25.43 18.09
C GLU H 19 -54.22 -24.20 17.87
N GLU H 20 -53.19 -24.02 18.70
CA GLU H 20 -52.23 -22.93 18.52
C GLU H 20 -50.86 -23.45 18.99
N PRO H 21 -49.78 -22.74 18.69
CA PRO H 21 -48.48 -23.24 19.17
C PRO H 21 -48.40 -23.28 20.69
N ARG H 22 -47.66 -24.28 21.19
CA ARG H 22 -47.39 -24.51 22.59
C ARG H 22 -45.91 -24.34 22.82
N TYR H 23 -45.52 -23.49 23.79
CA TYR H 23 -44.12 -23.22 24.15
C TYR H 23 -43.85 -23.95 25.45
N ALA H 24 -43.01 -25.01 25.40
CA ALA H 24 -42.74 -25.80 26.61
C ALA H 24 -44.06 -26.26 27.29
N GLY H 25 -45.09 -26.57 26.46
CA GLY H 25 -46.40 -27.01 26.92
C GLY H 25 -47.48 -25.97 27.09
N TYR H 26 -47.13 -24.67 27.06
CA TYR H 26 -48.04 -23.54 27.30
C TYR H 26 -48.50 -22.85 26.03
N ALA H 27 -49.80 -22.51 25.96
CA ALA H 27 -50.41 -21.81 24.84
C ALA H 27 -50.09 -20.30 24.97
N ALA H 28 -49.62 -19.63 23.89
CA ALA H 28 -49.30 -18.20 23.95
C ALA H 28 -50.49 -17.30 24.26
N SER H 29 -51.70 -17.63 23.74
CA SER H 29 -52.86 -16.81 24.03
C SER H 29 -53.12 -16.79 25.55
N GLU H 30 -52.89 -17.93 26.22
CA GLU H 30 -53.11 -18.07 27.66
C GLU H 30 -52.00 -17.34 28.44
N LEU H 31 -50.74 -17.39 27.92
CA LEU H 31 -49.64 -16.63 28.54
C LEU H 31 -49.98 -15.13 28.49
N CYS H 32 -50.51 -14.65 27.36
CA CYS H 32 -50.90 -13.25 27.22
C CYS H 32 -52.02 -12.92 28.18
N SER H 33 -53.05 -13.80 28.18
CA SER H 33 -54.24 -13.63 29.00
C SER H 33 -53.94 -13.46 30.50
N LYS H 34 -53.00 -14.26 31.01
CA LYS H 34 -52.65 -14.28 32.43
C LYS H 34 -51.55 -13.30 32.86
N GLY H 35 -51.17 -12.36 32.00
CA GLY H 35 -50.24 -11.29 32.34
C GLY H 35 -48.76 -11.55 32.19
N TYR H 36 -48.38 -12.65 31.53
CA TYR H 36 -46.98 -12.96 31.27
C TYR H 36 -46.46 -12.06 30.13
N GLY H 37 -45.15 -11.94 30.02
CA GLY H 37 -44.49 -11.11 29.02
C GLY H 37 -43.50 -11.82 28.12
N ILE H 38 -42.80 -11.01 27.36
CA ILE H 38 -41.81 -11.47 26.39
C ILE H 38 -40.74 -12.26 27.15
N GLU H 39 -40.30 -11.71 28.28
CA GLU H 39 -39.25 -12.39 29.05
C GLU H 39 -39.67 -13.80 29.54
N ASP H 40 -40.97 -14.02 29.77
CA ASP H 40 -41.49 -15.34 30.12
C ASP H 40 -41.44 -16.28 28.91
N VAL H 41 -41.72 -15.78 27.70
CA VAL H 41 -41.64 -16.65 26.49
C VAL H 41 -40.16 -17.04 26.23
N ILE H 42 -39.26 -16.10 26.45
CA ILE H 42 -37.82 -16.35 26.35
C ILE H 42 -37.49 -17.49 27.27
N GLY H 43 -37.91 -17.41 28.53
CA GLY H 43 -37.65 -18.49 29.48
C GLY H 43 -38.19 -19.82 29.04
N LEU H 44 -39.41 -19.84 28.52
CA LEU H 44 -40.01 -21.10 28.06
C LEU H 44 -39.26 -21.69 26.88
N LEU H 45 -39.01 -20.90 25.86
CA LEU H 45 -38.39 -21.44 24.69
C LEU H 45 -36.90 -21.78 24.85
N TRP H 46 -36.19 -21.12 25.76
CA TRP H 46 -34.74 -21.35 25.95
C TRP H 46 -34.40 -22.22 27.15
N ASN H 47 -35.26 -22.24 28.16
N ASN H 47 -35.26 -22.23 28.18
CA ASN H 47 -35.03 -23.02 29.36
CA ASN H 47 -35.06 -23.05 29.40
C ASN H 47 -36.14 -24.03 29.67
C ASN H 47 -36.12 -24.10 29.62
N LYS H 48 -37.23 -24.06 28.87
CA LYS H 48 -38.39 -24.98 29.03
C LYS H 48 -39.06 -24.85 30.41
N LYS H 49 -38.97 -23.64 30.98
CA LYS H 49 -39.51 -23.33 32.28
C LYS H 49 -39.99 -21.92 32.36
N LEU H 50 -41.14 -21.68 33.02
CA LEU H 50 -41.59 -20.32 33.30
C LEU H 50 -40.61 -19.71 34.32
N PRO H 51 -40.01 -18.57 34.02
CA PRO H 51 -39.11 -17.94 34.97
C PRO H 51 -39.80 -17.55 36.26
N THR H 52 -39.04 -17.41 37.33
CA THR H 52 -39.58 -16.85 38.56
C THR H 52 -39.71 -15.33 38.33
N ARG H 53 -40.34 -14.62 39.27
CA ARG H 53 -40.44 -13.17 39.11
C ARG H 53 -39.04 -12.54 39.08
N GLU H 54 -38.13 -13.02 39.94
CA GLU H 54 -36.76 -12.51 40.01
C GLU H 54 -36.03 -12.73 38.69
N GLU H 55 -36.15 -13.93 38.14
CA GLU H 55 -35.50 -14.23 36.87
C GLU H 55 -36.08 -13.38 35.76
N SER H 56 -37.43 -13.21 35.74
CA SER H 56 -38.06 -12.43 34.65
C SER H 56 -37.60 -10.97 34.69
N GLU H 57 -37.45 -10.39 35.87
CA GLU H 57 -37.01 -9.00 36.01
C GLU H 57 -35.57 -8.81 35.56
N ILE H 58 -34.73 -9.84 35.75
CA ILE H 58 -33.34 -9.81 35.30
C ILE H 58 -33.29 -9.93 33.78
N ILE H 59 -34.00 -10.93 33.20
CA ILE H 59 -34.03 -11.12 31.72
C ILE H 59 -34.44 -9.84 31.03
N LYS H 60 -35.51 -9.22 31.53
CA LYS H 60 -36.07 -7.98 30.95
C LYS H 60 -34.98 -6.94 30.89
N ARG H 61 -34.28 -6.73 32.02
CA ARG H 61 -33.23 -5.69 32.08
C ARG H 61 -32.04 -5.99 31.21
N ILE H 62 -31.60 -7.25 31.17
CA ILE H 62 -30.50 -7.63 30.30
C ILE H 62 -30.82 -7.26 28.83
N VAL H 63 -32.03 -7.62 28.38
CA VAL H 63 -32.42 -7.37 27.01
C VAL H 63 -32.52 -5.87 26.76
N MET H 64 -33.19 -5.15 27.67
CA MET H 64 -33.34 -3.70 27.48
C MET H 64 -31.98 -3.00 27.42
N ILE H 65 -31.09 -3.33 28.34
CA ILE H 65 -29.81 -2.68 28.45
C ILE H 65 -28.91 -2.94 27.24
N SER H 66 -29.07 -4.11 26.63
CA SER H 66 -28.21 -4.57 25.55
C SER H 66 -28.76 -4.30 24.13
N ALA H 67 -29.95 -3.69 24.02
CA ALA H 67 -30.68 -3.58 22.76
C ALA H 67 -29.94 -2.84 21.66
N ASP H 68 -29.22 -1.80 21.99
CA ASP H 68 -28.49 -1.06 20.95
C ASP H 68 -27.35 -0.29 21.54
N HIS H 69 -26.29 -0.12 20.76
CA HIS H 69 -25.12 0.66 21.20
C HIS H 69 -24.58 1.49 20.03
N GLY H 70 -25.50 2.03 19.22
CA GLY H 70 -25.15 2.96 18.15
C GLY H 70 -24.76 2.28 16.86
N PRO H 71 -24.57 3.10 15.84
CA PRO H 71 -24.33 2.57 14.49
C PRO H 71 -22.89 2.21 14.17
N ALA H 72 -21.95 2.51 15.07
CA ALA H 72 -20.52 2.32 14.77
C ALA H 72 -20.00 0.89 14.93
N VAL H 73 -20.75 0.08 15.66
N VAL H 73 -20.80 0.08 15.59
CA VAL H 73 -20.38 -1.29 16.00
CA VAL H 73 -20.53 -1.28 15.99
C VAL H 73 -20.81 -2.26 14.90
C VAL H 73 -20.78 -2.23 14.81
N SER H 74 -20.04 -3.34 14.75
CA SER H 74 -20.12 -4.26 13.61
C SER H 74 -21.51 -4.75 13.25
N GLY H 75 -22.32 -5.07 14.23
CA GLY H 75 -23.68 -5.58 13.95
C GLY H 75 -24.57 -4.53 13.30
N ALA H 76 -24.63 -3.38 13.95
CA ALA H 76 -25.41 -2.25 13.42
C ALA H 76 -24.84 -1.83 12.08
N PHE H 77 -23.51 -1.71 11.98
CA PHE H 77 -22.92 -1.25 10.72
C PHE H 77 -23.20 -2.26 9.57
N GLY H 78 -23.11 -3.57 9.85
CA GLY H 78 -23.46 -4.58 8.83
C GLY H 78 -24.90 -4.44 8.35
N SER H 79 -25.82 -4.27 9.30
N SER H 79 -25.83 -4.28 9.30
CA SER H 79 -27.23 -4.07 9.00
CA SER H 79 -27.26 -4.07 9.00
C SER H 79 -27.45 -2.80 8.17
C SER H 79 -27.46 -2.80 8.17
N ILE H 80 -26.73 -1.73 8.50
CA ILE H 80 -26.82 -0.45 7.77
C ILE H 80 -26.24 -0.60 6.37
N LEU H 81 -25.10 -1.29 6.21
CA LEU H 81 -24.52 -1.53 4.87
C LEU H 81 -25.55 -2.25 4.01
N ALA H 82 -26.18 -3.30 4.55
CA ALA H 82 -27.17 -4.04 3.79
C ALA H 82 -28.42 -3.17 3.50
N ALA H 83 -28.87 -2.40 4.49
CA ALA H 83 -30.02 -1.50 4.27
C ALA H 83 -29.73 -0.53 3.12
N CYS H 84 -28.51 0.05 3.12
CA CYS H 84 -28.07 0.98 2.08
C CYS H 84 -27.87 0.32 0.72
N ALA H 85 -27.60 -0.98 0.69
CA ALA H 85 -27.53 -1.76 -0.53
C ALA H 85 -28.94 -2.19 -1.01
N GLY H 86 -30.01 -1.73 -0.35
CA GLY H 86 -31.38 -2.03 -0.75
C GLY H 86 -31.86 -3.42 -0.42
N ILE H 87 -31.21 -4.07 0.57
CA ILE H 87 -31.57 -5.40 0.97
C ILE H 87 -32.73 -5.35 1.94
N ASP H 88 -33.61 -6.35 1.87
CA ASP H 88 -34.81 -6.43 2.72
C ASP H 88 -34.41 -6.66 4.18
N MET H 89 -35.29 -6.26 5.11
CA MET H 89 -34.96 -6.27 6.53
C MET H 89 -34.38 -7.60 7.08
N PRO H 90 -35.06 -8.76 6.89
CA PRO H 90 -34.54 -9.98 7.53
C PRO H 90 -33.17 -10.35 7.07
N GLN H 91 -32.92 -10.19 5.75
CA GLN H 91 -31.64 -10.55 5.17
C GLN H 91 -30.57 -9.54 5.61
N ALA H 92 -30.94 -8.26 5.75
CA ALA H 92 -30.01 -7.25 6.20
C ALA H 92 -29.60 -7.50 7.67
N VAL H 93 -30.59 -7.78 8.54
CA VAL H 93 -30.29 -8.03 9.93
C VAL H 93 -29.47 -9.32 10.04
N SER H 94 -29.70 -10.29 9.15
CA SER H 94 -28.92 -11.56 9.20
C SER H 94 -27.44 -11.24 8.98
N ALA H 95 -27.12 -10.27 8.09
CA ALA H 95 -25.74 -9.90 7.89
C ALA H 95 -25.15 -9.25 9.13
N GLY H 96 -25.90 -8.40 9.81
CA GLY H 96 -25.40 -7.83 11.06
C GLY H 96 -25.23 -8.87 12.15
N MET H 97 -26.22 -9.78 12.30
CA MET H 97 -26.15 -10.84 13.30
C MET H 97 -24.89 -11.72 13.05
N THR H 98 -24.51 -11.91 11.79
CA THR H 98 -23.33 -12.70 11.45
C THR H 98 -22.05 -12.14 12.10
N MET H 99 -22.04 -10.84 12.46
CA MET H 99 -20.85 -10.22 13.06
C MET H 99 -20.67 -10.57 14.53
N ILE H 100 -21.72 -11.11 15.17
CA ILE H 100 -21.72 -11.42 16.59
C ILE H 100 -20.86 -12.68 16.81
N GLY H 101 -19.82 -12.53 17.60
CA GLY H 101 -18.84 -13.57 17.79
C GLY H 101 -17.90 -13.24 18.92
N PRO H 102 -16.67 -13.75 18.85
CA PRO H 102 -15.77 -13.62 20.02
C PRO H 102 -15.37 -12.21 20.36
N ARG H 103 -15.30 -11.32 19.38
CA ARG H 103 -14.84 -9.95 19.64
C ARG H 103 -15.95 -9.00 19.91
N PHE H 104 -17.09 -9.19 19.25
CA PHE H 104 -18.24 -8.34 19.37
C PHE H 104 -19.46 -9.17 19.74
N GLY H 105 -19.98 -8.93 20.93
CA GLY H 105 -21.27 -9.44 21.36
C GLY H 105 -21.40 -10.86 21.80
N GLY H 106 -20.66 -11.77 21.18
CA GLY H 106 -20.82 -13.20 21.35
C GLY H 106 -19.87 -13.83 22.32
N ALA H 107 -19.35 -13.05 23.26
CA ALA H 107 -18.42 -13.55 24.30
C ALA H 107 -19.21 -13.96 25.58
N VAL H 108 -20.55 -13.88 25.59
CA VAL H 108 -21.34 -14.16 26.78
C VAL H 108 -21.13 -15.59 27.28
N THR H 109 -21.28 -16.56 26.39
CA THR H 109 -21.21 -17.96 26.78
C THR H 109 -19.84 -18.28 27.33
N ASN H 110 -18.78 -17.96 26.56
CA ASN H 110 -17.45 -18.22 27.07
C ASN H 110 -17.10 -17.44 28.31
N ALA H 111 -17.59 -16.21 28.48
CA ALA H 111 -17.35 -15.46 29.72
C ALA H 111 -17.95 -16.21 30.90
N GLY H 112 -19.15 -16.74 30.75
CA GLY H 112 -19.78 -17.49 31.83
C GLY H 112 -18.98 -18.74 32.14
N LYS H 113 -18.58 -19.49 31.09
CA LYS H 113 -17.85 -20.73 31.30
C LYS H 113 -16.52 -20.50 32.01
N TYR H 114 -15.74 -19.53 31.52
CA TYR H 114 -14.41 -19.32 32.08
C TYR H 114 -14.43 -18.65 33.44
N PHE H 115 -15.39 -17.73 33.72
CA PHE H 115 -15.47 -17.16 35.07
C PHE H 115 -15.92 -18.20 36.06
N LYS H 116 -16.83 -19.12 35.63
CA LYS H 116 -17.24 -20.23 36.52
C LYS H 116 -16.04 -21.13 36.78
N MET H 117 -15.28 -21.45 35.74
CA MET H 117 -14.04 -22.25 35.90
C MET H 117 -13.08 -21.59 36.92
N ALA H 118 -12.92 -20.27 36.84
CA ALA H 118 -12.03 -19.53 37.73
C ALA H 118 -12.52 -19.60 39.18
N VAL H 119 -13.84 -19.45 39.39
CA VAL H 119 -14.39 -19.58 40.74
C VAL H 119 -14.05 -20.98 41.30
N GLU H 120 -14.19 -22.00 40.44
CA GLU H 120 -13.95 -23.37 40.85
C GLU H 120 -12.46 -23.67 41.11
N ASP H 121 -11.60 -23.23 40.20
CA ASP H 121 -10.22 -23.66 40.18
C ASP H 121 -9.21 -22.65 40.73
N TYR H 122 -9.54 -21.34 40.74
CA TYR H 122 -8.63 -20.29 41.17
C TYR H 122 -9.36 -19.31 42.07
N PRO H 123 -10.13 -19.80 43.05
CA PRO H 123 -10.92 -18.86 43.87
C PRO H 123 -10.12 -17.77 44.55
N ASN H 124 -8.89 -18.09 44.94
CA ASN H 124 -8.00 -17.15 45.61
C ASN H 124 -6.74 -16.89 44.80
N ASP H 125 -6.83 -16.97 43.45
CA ASP H 125 -5.65 -16.89 42.62
C ASP H 125 -6.01 -16.29 41.26
N ILE H 126 -6.42 -15.02 41.29
CA ILE H 126 -6.74 -14.30 40.03
C ILE H 126 -5.53 -14.31 39.07
N PRO H 127 -4.29 -14.05 39.55
CA PRO H 127 -3.15 -14.12 38.63
C PRO H 127 -2.99 -15.50 37.95
N GLY H 128 -3.26 -16.60 38.68
CA GLY H 128 -3.21 -17.94 38.11
C GLY H 128 -4.25 -18.08 37.02
N PHE H 129 -5.45 -17.55 37.25
CA PHE H 129 -6.52 -17.60 36.25
C PHE H 129 -6.11 -16.82 35.01
N LEU H 130 -5.61 -15.60 35.22
CA LEU H 130 -5.25 -14.75 34.07
C LEU H 130 -4.09 -15.34 33.28
N SER H 131 -3.12 -15.94 33.98
CA SER H 131 -1.99 -16.54 33.29
C SER H 131 -2.43 -17.75 32.52
N TRP H 132 -3.28 -18.59 33.11
CA TRP H 132 -3.78 -19.77 32.42
C TRP H 132 -4.54 -19.34 31.14
N MET H 133 -5.39 -18.33 31.26
CA MET H 133 -6.15 -17.85 30.12
C MET H 133 -5.24 -17.33 29.01
N LYS H 134 -4.26 -16.53 29.38
CA LYS H 134 -3.32 -15.95 28.42
C LYS H 134 -2.55 -17.03 27.65
N LYS H 135 -2.09 -18.09 28.36
CA LYS H 135 -1.28 -19.12 27.75
C LYS H 135 -2.07 -20.15 26.99
N ASN H 136 -3.30 -20.44 27.42
CA ASN H 136 -4.12 -21.53 26.88
C ASN H 136 -5.37 -21.18 26.13
N VAL H 137 -5.89 -19.95 26.23
CA VAL H 137 -7.16 -19.57 25.60
C VAL H 137 -7.01 -18.34 24.70
N GLY H 138 -6.46 -17.27 25.24
CA GLY H 138 -6.33 -16.01 24.52
C GLY H 138 -6.92 -14.90 25.36
N PRO H 139 -7.49 -13.85 24.74
CA PRO H 139 -8.09 -12.77 25.55
C PRO H 139 -9.16 -13.33 26.48
N VAL H 140 -9.27 -12.80 27.68
CA VAL H 140 -10.28 -13.26 28.64
C VAL H 140 -11.66 -12.78 28.11
N PRO H 141 -12.58 -13.71 27.80
CA PRO H 141 -13.90 -13.29 27.33
C PRO H 141 -14.63 -12.54 28.42
N GLY H 142 -15.27 -11.44 28.07
CA GLY H 142 -16.00 -10.63 29.03
C GLY H 142 -15.21 -9.48 29.61
N ILE H 143 -13.92 -9.35 29.25
CA ILE H 143 -13.02 -8.29 29.67
C ILE H 143 -12.64 -7.51 28.39
N GLY H 144 -12.59 -6.20 28.53
CA GLY H 144 -12.11 -5.30 27.49
C GLY H 144 -13.19 -4.64 26.66
N HIS H 145 -12.85 -3.51 26.04
CA HIS H 145 -13.79 -2.77 25.21
C HIS H 145 -13.02 -1.81 24.36
N ARG H 146 -13.49 -1.54 23.18
CA ARG H 146 -12.82 -0.58 22.29
C ARG H 146 -12.92 0.87 22.80
N VAL H 147 -14.05 1.23 23.43
CA VAL H 147 -14.29 2.63 23.85
C VAL H 147 -14.51 2.79 25.34
N LYS H 148 -15.21 1.86 26.02
CA LYS H 148 -15.40 1.97 27.46
C LYS H 148 -14.07 1.65 28.18
N SER H 149 -13.88 2.22 29.37
CA SER H 149 -12.61 2.07 30.07
C SER H 149 -12.78 2.59 31.50
N VAL H 150 -11.71 2.56 32.28
CA VAL H 150 -11.78 3.18 33.63
C VAL H 150 -12.17 4.69 33.55
N LYS H 151 -11.61 5.41 32.59
CA LYS H 151 -11.89 6.85 32.41
C LYS H 151 -13.26 7.11 31.75
N ASN H 152 -13.78 6.14 31.00
CA ASN H 152 -15.06 6.25 30.30
C ASN H 152 -15.91 5.02 30.69
N PRO H 153 -16.40 4.97 31.94
CA PRO H 153 -17.09 3.75 32.42
C PRO H 153 -18.37 3.39 31.70
N ASP H 154 -18.70 2.10 31.74
CA ASP H 154 -19.91 1.60 31.11
C ASP H 154 -21.03 1.57 32.14
N GLN H 155 -21.91 2.60 32.12
CA GLN H 155 -23.02 2.67 33.06
C GLN H 155 -24.02 1.51 32.87
N ARG H 156 -23.99 0.78 31.74
CA ARG H 156 -24.84 -0.41 31.57
C ARG H 156 -24.37 -1.51 32.54
N VAL H 157 -23.05 -1.69 32.65
CA VAL H 157 -22.48 -2.69 33.56
C VAL H 157 -22.76 -2.23 34.99
N LYS H 158 -22.48 -0.95 35.28
CA LYS H 158 -22.68 -0.41 36.65
C LYS H 158 -24.14 -0.58 37.09
N TYR H 159 -25.10 -0.35 36.17
CA TYR H 159 -26.53 -0.50 36.48
C TYR H 159 -26.86 -1.95 36.78
N LEU H 160 -26.49 -2.86 35.88
CA LEU H 160 -26.79 -4.28 36.10
C LEU H 160 -26.21 -4.81 37.41
N VAL H 161 -24.97 -4.48 37.71
CA VAL H 161 -24.31 -4.92 38.96
C VAL H 161 -25.07 -4.34 40.14
N SER H 162 -25.37 -3.03 40.09
CA SER H 162 -26.12 -2.37 41.16
C SER H 162 -27.52 -2.98 41.35
N TYR H 163 -28.21 -3.27 40.26
CA TYR H 163 -29.52 -3.91 40.35
C TYR H 163 -29.45 -5.31 41.03
N ILE H 164 -28.50 -6.14 40.59
CA ILE H 164 -28.36 -7.47 41.17
C ILE H 164 -28.07 -7.38 42.67
N LYS H 165 -27.16 -6.48 43.04
CA LYS H 165 -26.77 -6.33 44.45
C LYS H 165 -27.87 -5.79 45.33
N ASN H 166 -28.64 -4.80 44.83
CA ASN H 166 -29.62 -4.09 45.66
C ASN H 166 -31.07 -4.48 45.49
N GLU H 167 -31.44 -5.06 44.36
CA GLU H 167 -32.85 -5.36 44.09
C GLU H 167 -33.16 -6.84 43.96
N THR H 168 -32.18 -7.70 44.24
CA THR H 168 -32.37 -9.14 44.21
C THR H 168 -31.66 -9.73 45.40
N SER H 169 -31.98 -10.98 45.69
CA SER H 169 -31.27 -11.70 46.72
C SER H 169 -30.46 -12.80 45.99
N LEU H 170 -29.99 -12.52 44.78
CA LEU H 170 -29.25 -13.54 44.04
C LEU H 170 -27.83 -13.67 44.60
N HIS H 171 -27.39 -14.89 44.87
CA HIS H 171 -26.02 -15.21 45.28
C HIS H 171 -25.20 -15.17 43.98
N THR H 172 -24.15 -14.32 43.86
CA THR H 172 -23.42 -14.17 42.61
C THR H 172 -21.91 -14.41 42.69
N PRO H 173 -21.50 -15.67 42.88
CA PRO H 173 -20.06 -15.97 42.91
C PRO H 173 -19.31 -15.62 41.63
N CYS H 174 -19.86 -15.93 40.45
CA CYS H 174 -19.16 -15.62 39.18
C CYS H 174 -19.02 -14.13 38.99
N LEU H 175 -20.11 -13.39 39.25
CA LEU H 175 -20.09 -11.94 39.06
C LEU H 175 -19.13 -11.35 40.05
N ASP H 176 -19.17 -11.83 41.30
CA ASP H 176 -18.25 -11.26 42.30
C ASP H 176 -16.79 -11.49 41.91
N TYR H 177 -16.50 -12.66 41.38
CA TYR H 177 -15.14 -13.02 40.93
C TYR H 177 -14.72 -12.14 39.76
N ALA H 178 -15.60 -11.96 38.80
CA ALA H 178 -15.32 -11.13 37.63
C ALA H 178 -15.05 -9.69 38.02
N LEU H 179 -15.75 -9.16 39.03
CA LEU H 179 -15.50 -7.82 39.54
C LEU H 179 -14.12 -7.72 40.20
N GLU H 180 -13.63 -8.82 40.83
CA GLU H 180 -12.30 -8.85 41.39
C GLU H 180 -11.26 -8.92 40.26
N VAL H 181 -11.56 -9.65 39.21
CA VAL H 181 -10.67 -9.76 38.07
C VAL H 181 -10.52 -8.37 37.47
N GLU H 182 -11.61 -7.65 37.31
CA GLU H 182 -11.57 -6.29 36.72
C GLU H 182 -10.64 -5.38 37.53
N LYS H 183 -10.60 -5.49 38.85
CA LYS H 183 -9.70 -4.66 39.63
C LYS H 183 -8.25 -4.91 39.25
N VAL H 184 -7.92 -6.19 38.99
CA VAL H 184 -6.57 -6.59 38.62
C VAL H 184 -6.25 -6.20 37.17
N THR H 185 -7.16 -6.49 36.25
CA THR H 185 -6.90 -6.18 34.85
C THR H 185 -6.85 -4.65 34.57
N THR H 186 -7.75 -3.86 35.16
CA THR H 186 -7.74 -2.42 34.94
C THR H 186 -6.50 -1.77 35.54
N ALA H 187 -5.86 -2.37 36.57
CA ALA H 187 -4.60 -1.82 37.11
C ALA H 187 -3.49 -1.97 36.05
N LYS H 188 -3.57 -2.98 35.17
CA LYS H 188 -2.60 -3.19 34.10
C LYS H 188 -2.92 -2.28 32.91
N LYS H 189 -4.18 -2.25 32.47
CA LYS H 189 -4.56 -1.47 31.30
C LYS H 189 -6.00 -0.98 31.46
N GLY H 190 -6.22 0.32 31.31
CA GLY H 190 -7.50 0.96 31.56
C GLY H 190 -8.68 0.46 30.73
N ASN H 191 -8.38 -0.14 29.56
CA ASN H 191 -9.39 -0.70 28.68
C ASN H 191 -9.92 -2.06 29.13
N LEU H 192 -9.27 -2.72 30.11
CA LEU H 192 -9.63 -4.06 30.52
C LEU H 192 -10.75 -4.09 31.56
N ILE H 193 -11.86 -3.47 31.20
CA ILE H 193 -13.03 -3.45 32.09
C ILE H 193 -13.81 -4.73 31.99
N LEU H 194 -14.72 -4.96 32.95
CA LEU H 194 -15.69 -6.03 32.86
C LEU H 194 -16.74 -5.43 31.91
N ASN H 195 -16.96 -6.06 30.74
CA ASN H 195 -17.84 -5.50 29.76
C ASN H 195 -19.28 -6.09 29.89
N VAL H 196 -20.21 -5.63 29.05
N VAL H 196 -20.18 -5.67 29.01
CA VAL H 196 -21.60 -6.12 29.17
CA VAL H 196 -21.56 -6.14 29.08
C VAL H 196 -21.70 -7.61 28.87
C VAL H 196 -21.65 -7.63 28.88
N ASP H 197 -20.87 -8.17 27.95
CA ASP H 197 -20.89 -9.62 27.73
C ASP H 197 -20.46 -10.38 28.99
N GLY H 198 -19.41 -9.90 29.66
CA GLY H 198 -18.93 -10.54 30.88
C GLY H 198 -19.95 -10.45 31.99
N THR H 199 -20.59 -9.29 32.12
CA THR H 199 -21.56 -9.04 33.18
C THR H 199 -22.74 -9.99 32.99
N ILE H 200 -23.32 -9.98 31.78
CA ILE H 200 -24.46 -10.86 31.50
C ILE H 200 -24.10 -12.32 31.69
N GLY H 201 -22.94 -12.75 31.16
CA GLY H 201 -22.55 -14.15 31.29
C GLY H 201 -22.42 -14.58 32.72
N CYS H 202 -21.80 -13.76 33.56
CA CYS H 202 -21.68 -14.09 35.00
C CYS H 202 -23.04 -14.17 35.67
N ILE H 203 -23.92 -13.18 35.42
CA ILE H 203 -25.26 -13.18 36.03
C ILE H 203 -26.03 -14.45 35.68
N LEU H 204 -26.02 -14.79 34.38
CA LEU H 204 -26.74 -15.97 33.89
C LEU H 204 -26.14 -17.27 34.42
N MET H 205 -24.83 -17.33 34.60
CA MET H 205 -24.25 -18.52 35.24
C MET H 205 -24.70 -18.59 36.69
N ASP H 206 -24.70 -17.45 37.40
CA ASP H 206 -25.14 -17.40 38.78
C ASP H 206 -26.63 -17.76 38.93
N LEU H 207 -27.45 -17.52 37.87
CA LEU H 207 -28.88 -17.95 37.81
C LEU H 207 -29.04 -19.43 37.42
N ASP H 208 -27.94 -20.11 37.07
CA ASP H 208 -27.93 -21.51 36.63
C ASP H 208 -28.72 -21.70 35.32
N PHE H 209 -28.65 -20.69 34.42
CA PHE H 209 -29.31 -20.83 33.13
C PHE H 209 -28.51 -21.81 32.25
N PRO H 210 -29.17 -22.43 31.25
CA PRO H 210 -28.46 -23.37 30.36
C PRO H 210 -27.25 -22.70 29.74
N VAL H 211 -26.09 -23.34 29.87
CA VAL H 211 -24.85 -22.74 29.39
C VAL H 211 -24.95 -22.36 27.87
N HIS H 212 -25.61 -23.18 27.05
CA HIS H 212 -25.69 -22.85 25.61
C HIS H 212 -26.56 -21.61 25.33
N SER H 213 -27.41 -21.23 26.28
CA SER H 213 -28.29 -20.09 26.03
C SER H 213 -27.65 -18.74 26.17
N LEU H 214 -26.48 -18.63 26.84
CA LEU H 214 -25.99 -17.35 27.26
C LEU H 214 -25.87 -16.32 26.13
N ASN H 215 -25.24 -16.68 25.00
CA ASN H 215 -25.15 -15.73 23.89
C ASN H 215 -26.51 -15.30 23.35
N GLY H 216 -27.54 -16.12 23.56
CA GLY H 216 -28.89 -15.79 23.11
C GLY H 216 -29.40 -14.45 23.60
N PHE H 217 -29.07 -14.12 24.84
CA PHE H 217 -29.53 -12.90 25.43
C PHE H 217 -28.99 -11.69 24.68
N PHE H 218 -27.72 -11.75 24.25
CA PHE H 218 -27.18 -10.66 23.44
C PHE H 218 -27.72 -10.71 22.00
N VAL H 219 -27.77 -11.88 21.39
CA VAL H 219 -28.27 -11.98 19.99
C VAL H 219 -29.68 -11.42 19.87
N LEU H 220 -30.56 -11.83 20.77
CA LEU H 220 -31.91 -11.36 20.73
C LEU H 220 -31.97 -9.87 21.00
N ALA H 221 -31.33 -9.41 22.08
CA ALA H 221 -31.41 -8.00 22.42
C ALA H 221 -30.91 -7.14 21.29
N ARG H 222 -29.74 -7.46 20.73
CA ARG H 222 -29.14 -6.62 19.71
C ARG H 222 -29.90 -6.69 18.37
N THR H 223 -30.74 -7.73 18.16
CA THR H 223 -31.63 -7.77 17.00
C THR H 223 -32.62 -6.61 17.07
N ILE H 224 -33.01 -6.18 18.27
CA ILE H 224 -33.89 -5.02 18.35
C ILE H 224 -33.19 -3.80 17.71
N GLY H 225 -31.94 -3.56 18.12
CA GLY H 225 -31.15 -2.46 17.60
C GLY H 225 -30.92 -2.57 16.10
N MET H 226 -30.54 -3.77 15.63
CA MET H 226 -30.26 -3.96 14.20
C MET H 226 -31.48 -3.73 13.34
N ILE H 227 -32.67 -4.20 13.82
CA ILE H 227 -33.92 -3.91 13.08
C ILE H 227 -34.11 -2.39 13.07
N GLY H 228 -33.93 -1.74 14.24
CA GLY H 228 -34.04 -0.29 14.33
C GLY H 228 -33.18 0.44 13.33
N HIS H 229 -31.90 0.04 13.23
CA HIS H 229 -30.99 0.70 12.26
C HIS H 229 -31.43 0.46 10.82
N TRP H 230 -31.93 -0.73 10.50
CA TRP H 230 -32.43 -0.98 9.13
C TRP H 230 -33.61 -0.04 8.83
N ILE H 231 -34.56 0.05 9.78
CA ILE H 231 -35.73 0.92 9.64
C ILE H 231 -35.28 2.38 9.44
N ASP H 232 -34.33 2.82 10.27
CA ASP H 232 -33.77 4.17 10.24
C ASP H 232 -33.19 4.51 8.89
N GLN H 233 -32.37 3.60 8.35
CA GLN H 233 -31.76 3.82 7.06
C GLN H 233 -32.79 3.83 5.93
N ASN H 234 -33.80 2.97 6.03
CA ASN H 234 -34.90 2.94 5.07
C ASN H 234 -35.76 4.18 5.12
N ASN H 235 -36.05 4.68 6.33
CA ASN H 235 -36.80 5.94 6.52
C ASN H 235 -36.03 7.13 5.87
N GLN H 236 -34.71 7.09 5.96
CA GLN H 236 -33.83 8.11 5.41
C GLN H 236 -33.56 7.98 3.91
N ASN H 237 -33.99 6.89 3.24
CA ASN H 237 -33.70 6.65 1.83
C ASN H 237 -32.20 6.70 1.60
N SER H 238 -31.43 6.07 2.49
CA SER H 238 -29.99 6.10 2.38
C SER H 238 -29.53 5.37 1.14
N ARG H 239 -28.46 5.87 0.52
CA ARG H 239 -27.87 5.34 -0.71
C ARG H 239 -26.77 4.35 -0.36
N LEU H 240 -26.32 3.63 -1.38
CA LEU H 240 -25.27 2.62 -1.27
C LEU H 240 -23.98 3.20 -0.71
N ILE H 241 -23.39 2.50 0.26
CA ILE H 241 -22.16 2.96 0.88
C ILE H 241 -20.93 2.45 0.16
N ARG H 242 -19.97 3.34 -0.05
CA ARG H 242 -18.66 2.99 -0.56
C ARG H 242 -17.70 3.64 0.43
N LEU H 243 -16.80 2.85 1.04
CA LEU H 243 -15.87 3.38 2.03
C LEU H 243 -14.93 4.39 1.36
N TYR H 244 -14.76 5.56 1.96
CA TYR H 244 -13.88 6.60 1.36
C TYR H 244 -12.45 6.07 1.22
N ASP H 245 -11.78 6.35 0.08
CA ASP H 245 -10.42 5.83 -0.14
C ASP H 245 -9.41 6.28 0.95
N TYR H 246 -9.57 7.47 1.54
CA TYR H 246 -8.67 7.92 2.60
C TYR H 246 -8.78 7.03 3.87
N LEU H 247 -9.92 6.31 4.03
CA LEU H 247 -10.08 5.37 5.15
C LEU H 247 -9.44 4.01 4.88
N ILE H 248 -8.84 3.80 3.71
CA ILE H 248 -8.20 2.56 3.39
C ILE H 248 -6.71 2.75 3.26
N ASN H 249 -5.97 1.93 3.98
CA ASN H 249 -4.51 1.92 3.87
C ASN H 249 -4.14 0.85 2.82
N TYR H 250 -3.92 1.29 1.58
CA TYR H 250 -3.60 0.39 0.49
C TYR H 250 -2.13 0.05 0.51
N ALA H 251 -1.80 -1.22 0.70
CA ALA H 251 -0.40 -1.67 0.62
C ALA H 251 -0.39 -2.80 -0.41
N VAL H 252 -0.77 -2.40 -1.60
CA VAL H 252 -0.96 -3.32 -2.72
C VAL H 252 0.30 -3.40 -3.58
N LYS H 253 0.36 -4.44 -4.40
CA LYS H 253 1.47 -4.66 -5.32
C LYS H 253 1.51 -3.54 -6.34
N PRO H 254 2.66 -3.29 -6.94
CA PRO H 254 2.72 -2.27 -8.00
C PRO H 254 1.98 -2.75 -9.24
N GLU H 255 1.46 -1.83 -10.07
CA GLU H 255 0.87 -2.24 -11.35
C GLU H 255 1.96 -2.95 -12.12
N GLN H 256 1.66 -4.13 -12.66
CA GLN H 256 2.64 -4.91 -13.39
C GLN H 256 2.02 -5.62 -14.56
N GLU H 257 2.82 -5.80 -15.59
CA GLU H 257 2.37 -6.49 -16.80
C GLU H 257 2.29 -7.99 -16.56
N VAL H 258 1.28 -8.61 -17.14
CA VAL H 258 1.06 -10.03 -17.02
C VAL H 258 2.09 -10.75 -17.88
N PRO H 259 2.82 -11.72 -17.34
CA PRO H 259 3.77 -12.46 -18.19
C PRO H 259 3.07 -13.42 -19.18
N GLU H 260 3.79 -13.78 -20.23
CA GLU H 260 3.30 -14.74 -21.21
C GLU H 260 3.28 -16.13 -20.53
N LYS H 261 2.23 -16.92 -20.80
CA LYS H 261 2.10 -18.28 -20.26
C LYS H 261 3.19 -19.20 -20.84
#